data_8ZMV
# 
_entry.id   8ZMV 
# 
_audit_conform.dict_name       mmcif_pdbx.dic 
_audit_conform.dict_version    5.395 
_audit_conform.dict_location   http://mmcif.pdb.org/dictionaries/ascii/mmcif_pdbx.dic 
# 
loop_
_database_2.database_id 
_database_2.database_code 
_database_2.pdbx_database_accession 
_database_2.pdbx_DOI 
PDB   8ZMV         pdb_00008zmv 10.2210/pdb8zmv/pdb 
WWPDB D_1300048151 ?            ?                   
# 
_pdbx_audit_revision_history.ordinal             1 
_pdbx_audit_revision_history.data_content_type   'Structure model' 
_pdbx_audit_revision_history.major_revision      1 
_pdbx_audit_revision_history.minor_revision      0 
_pdbx_audit_revision_history.revision_date       2024-07-31 
# 
_pdbx_audit_revision_details.ordinal             1 
_pdbx_audit_revision_details.revision_ordinal    1 
_pdbx_audit_revision_details.data_content_type   'Structure model' 
_pdbx_audit_revision_details.provider            repository 
_pdbx_audit_revision_details.type                'Initial release' 
_pdbx_audit_revision_details.description         ? 
_pdbx_audit_revision_details.details             ? 
# 
_pdbx_database_status.status_code                     REL 
_pdbx_database_status.status_code_sf                  REL 
_pdbx_database_status.status_code_mr                  ? 
_pdbx_database_status.entry_id                        8ZMV 
_pdbx_database_status.recvd_initial_deposition_date   2024-05-24 
_pdbx_database_status.SG_entry                        N 
_pdbx_database_status.deposit_site                    PDBJ 
_pdbx_database_status.process_site                    PDBJ 
_pdbx_database_status.status_code_cs                  ? 
_pdbx_database_status.status_code_nmr_data            ? 
_pdbx_database_status.methods_development_category    ? 
_pdbx_database_status.pdb_format_compatible           Y 
# 
_pdbx_contact_author.id                 2 
_pdbx_contact_author.email              zhaiyuanxin@trautec.com.cn 
_pdbx_contact_author.name_first         Yun 
_pdbx_contact_author.name_last          Chu 
_pdbx_contact_author.name_mi            ? 
_pdbx_contact_author.role               'principal investigator/group leader' 
_pdbx_contact_author.identifier_ORCID   0000-0002-1497-3781 
# 
loop_
_audit_author.name 
_audit_author.pdbx_ordinal 
_audit_author.identifier_ORCID 
'Chu, Y.'  1  ? 
'Zhai, Y.' 2  ? 
'Fan, X.'  3  ? 
'Fu, S.'   4  ? 
'Li, J.'   5  ? 
'Wu, X.'   6  ? 
'Cai, H.'  7  ? 
'Wang, X.' 8  ? 
'Li, D.'   9  ? 
'Feng, P.' 10 ? 
'Cao, K.'  11 ? 
'Qian, S.' 12 ? 
# 
_citation.abstract                  ? 
_citation.abstract_id_CAS           ? 
_citation.book_id_ISBN              ? 
_citation.book_publisher            ? 
_citation.book_publisher_city       ? 
_citation.book_title                ? 
_citation.coordinate_linkage        ? 
_citation.country                   ? 
_citation.database_id_Medline       ? 
_citation.details                   ? 
_citation.id                        primary 
_citation.journal_abbrev            'To Be Published' 
_citation.journal_id_ASTM           ? 
_citation.journal_id_CSD            0353 
_citation.journal_id_ISSN           ? 
_citation.journal_full              ? 
_citation.journal_issue             ? 
_citation.journal_volume            ? 
_citation.language                  ? 
_citation.page_first                ? 
_citation.page_last                 ? 
_citation.title                     'Structure of a triple-helix region of human Collagen type XVII from Trautec' 
_citation.year                      ? 
_citation.database_id_CSD           ? 
_citation.pdbx_database_id_DOI      ? 
_citation.pdbx_database_id_PubMed   ? 
_citation.pdbx_database_id_patent   ? 
_citation.unpublished_flag          ? 
# 
loop_
_citation_author.citation_id 
_citation_author.name 
_citation_author.ordinal 
_citation_author.identifier_ORCID 
primary 'Chu, Y.'  1  ? 
primary 'Zhai, Y.' 2  ? 
primary 'Fan, X.'  3  ? 
primary 'Fu, S.'   4  ? 
primary 'Li, J.'   5  ? 
primary 'Wu, X.'   6  ? 
primary 'Cai, H.'  7  ? 
primary 'Wang, X.' 8  ? 
primary 'Li, D.'   9  ? 
primary 'Feng, P.' 10 ? 
primary 'Cao, K.'  11 ? 
primary 'Qian, S.' 12 ? 
# 
loop_
_entity.id 
_entity.type 
_entity.src_method 
_entity.pdbx_description 
_entity.formula_weight 
_entity.pdbx_number_of_molecules 
_entity.pdbx_ec 
_entity.pdbx_mutation 
_entity.pdbx_fragment 
_entity.details 
1 polymer syn 'collagen type XVII' 2757.918 3  ? ? ? ? 
2 water   nat water                18.015   61 ? ? ? ? 
# 
_entity_poly.entity_id                      1 
_entity_poly.type                           'polypeptide(L)' 
_entity_poly.nstd_linkage                   no 
_entity_poly.nstd_monomer                   yes 
_entity_poly.pdbx_seq_one_letter_code       'P(HYP)GP(HYP)GP(HYP)GPQGPKGDKGDPGP(HYP)GP(HYP)GP(HYP)G' 
_entity_poly.pdbx_seq_one_letter_code_can   PPGPPGPPGPQGPKGDKGDPGPPGPPGPPG 
_entity_poly.pdbx_strand_id                 A,B,C 
_entity_poly.pdbx_target_identifier         ? 
# 
_pdbx_entity_nonpoly.entity_id   2 
_pdbx_entity_nonpoly.name        water 
_pdbx_entity_nonpoly.comp_id     HOH 
# 
loop_
_entity_poly_seq.entity_id 
_entity_poly_seq.num 
_entity_poly_seq.mon_id 
_entity_poly_seq.hetero 
1 1  PRO n 
1 2  HYP n 
1 3  GLY n 
1 4  PRO n 
1 5  HYP n 
1 6  GLY n 
1 7  PRO n 
1 8  HYP n 
1 9  GLY n 
1 10 PRO n 
1 11 GLN n 
1 12 GLY n 
1 13 PRO n 
1 14 LYS n 
1 15 GLY n 
1 16 ASP n 
1 17 LYS n 
1 18 GLY n 
1 19 ASP n 
1 20 PRO n 
1 21 GLY n 
1 22 PRO n 
1 23 HYP n 
1 24 GLY n 
1 25 PRO n 
1 26 HYP n 
1 27 GLY n 
1 28 PRO n 
1 29 HYP n 
1 30 GLY n 
# 
_pdbx_entity_src_syn.entity_id              1 
_pdbx_entity_src_syn.pdbx_src_id            1 
_pdbx_entity_src_syn.pdbx_alt_source_flag   sample 
_pdbx_entity_src_syn.pdbx_beg_seq_num       1 
_pdbx_entity_src_syn.pdbx_end_seq_num       30 
_pdbx_entity_src_syn.organism_scientific    'Homo sapiens' 
_pdbx_entity_src_syn.organism_common_name   ? 
_pdbx_entity_src_syn.ncbi_taxonomy_id       9606 
_pdbx_entity_src_syn.details                ? 
# 
loop_
_chem_comp.id 
_chem_comp.type 
_chem_comp.mon_nstd_flag 
_chem_comp.name 
_chem_comp.pdbx_synonyms 
_chem_comp.formula 
_chem_comp.formula_weight 
ASP 'L-peptide linking' y 'ASPARTIC ACID'  ?              'C4 H7 N O4'     133.103 
GLN 'L-peptide linking' y GLUTAMINE        ?              'C5 H10 N2 O3'   146.144 
GLY 'peptide linking'   y GLYCINE          ?              'C2 H5 N O2'     75.067  
HOH non-polymer         . WATER            ?              'H2 O'           18.015  
HYP 'L-peptide linking' n 4-HYDROXYPROLINE HYDROXYPROLINE 'C5 H9 N O3'     131.130 
LYS 'L-peptide linking' y LYSINE           ?              'C6 H15 N2 O2 1' 147.195 
PRO 'L-peptide linking' y PROLINE          ?              'C5 H9 N O2'     115.130 
# 
loop_
_pdbx_poly_seq_scheme.asym_id 
_pdbx_poly_seq_scheme.entity_id 
_pdbx_poly_seq_scheme.seq_id 
_pdbx_poly_seq_scheme.mon_id 
_pdbx_poly_seq_scheme.ndb_seq_num 
_pdbx_poly_seq_scheme.pdb_seq_num 
_pdbx_poly_seq_scheme.auth_seq_num 
_pdbx_poly_seq_scheme.pdb_mon_id 
_pdbx_poly_seq_scheme.auth_mon_id 
_pdbx_poly_seq_scheme.pdb_strand_id 
_pdbx_poly_seq_scheme.pdb_ins_code 
_pdbx_poly_seq_scheme.hetero 
A 1 1  PRO 1  1  ?  ?   ?   A . n 
A 1 2  HYP 2  2  2  HYP HYP A . n 
A 1 3  GLY 3  3  3  GLY GLY A . n 
A 1 4  PRO 4  4  4  PRO PRO A . n 
A 1 5  HYP 5  5  5  HYP HYP A . n 
A 1 6  GLY 6  6  6  GLY GLY A . n 
A 1 7  PRO 7  7  7  PRO PRO A . n 
A 1 8  HYP 8  8  8  HYP HYP A . n 
A 1 9  GLY 9  9  9  GLY GLY A . n 
A 1 10 PRO 10 10 10 PRO PRO A . n 
A 1 11 GLN 11 11 11 GLN GLN A . n 
A 1 12 GLY 12 12 12 GLY GLY A . n 
A 1 13 PRO 13 13 13 PRO PRO A . n 
A 1 14 LYS 14 14 14 LYS LYS A . n 
A 1 15 GLY 15 15 15 GLY GLY A . n 
A 1 16 ASP 16 16 16 ASP ASP A . n 
A 1 17 LYS 17 17 17 LYS LYS A . n 
A 1 18 GLY 18 18 18 GLY GLY A . n 
A 1 19 ASP 19 19 19 ASP ASP A . n 
A 1 20 PRO 20 20 20 PRO PRO A . n 
A 1 21 GLY 21 21 21 GLY GLY A . n 
A 1 22 PRO 22 22 22 PRO PRO A . n 
A 1 23 HYP 23 23 23 HYP HYP A . n 
A 1 24 GLY 24 24 24 GLY GLY A . n 
A 1 25 PRO 25 25 25 PRO PRO A . n 
A 1 26 HYP 26 26 26 HYP HYP A . n 
A 1 27 GLY 27 27 27 GLY GLY A . n 
A 1 28 PRO 28 28 28 PRO PRO A . n 
A 1 29 HYP 29 29 29 HYP HYP A . n 
A 1 30 GLY 30 30 ?  ?   ?   A . n 
B 1 1  PRO 1  1  1  PRO PRO B . n 
B 1 2  HYP 2  2  2  HYP HYP B . n 
B 1 3  GLY 3  3  3  GLY GLY B . n 
B 1 4  PRO 4  4  4  PRO PRO B . n 
B 1 5  HYP 5  5  5  HYP HYP B . n 
B 1 6  GLY 6  6  6  GLY GLY B . n 
B 1 7  PRO 7  7  7  PRO PRO B . n 
B 1 8  HYP 8  8  8  HYP HYP B . n 
B 1 9  GLY 9  9  9  GLY GLY B . n 
B 1 10 PRO 10 10 10 PRO PRO B . n 
B 1 11 GLN 11 11 11 GLN GLN B . n 
B 1 12 GLY 12 12 12 GLY GLY B . n 
B 1 13 PRO 13 13 13 PRO PRO B . n 
B 1 14 LYS 14 14 14 LYS LYS B . n 
B 1 15 GLY 15 15 15 GLY GLY B . n 
B 1 16 ASP 16 16 16 ASP ASP B . n 
B 1 17 LYS 17 17 17 LYS LYS B . n 
B 1 18 GLY 18 18 18 GLY GLY B . n 
B 1 19 ASP 19 19 19 ASP ASP B . n 
B 1 20 PRO 20 20 20 PRO PRO B . n 
B 1 21 GLY 21 21 21 GLY GLY B . n 
B 1 22 PRO 22 22 22 PRO PRO B . n 
B 1 23 HYP 23 23 23 HYP HYP B . n 
B 1 24 GLY 24 24 24 GLY GLY B . n 
B 1 25 PRO 25 25 25 PRO PRO B . n 
B 1 26 HYP 26 26 26 HYP HYP B . n 
B 1 27 GLY 27 27 27 GLY GLY B . n 
B 1 28 PRO 28 28 28 PRO PRO B . n 
B 1 29 HYP 29 29 29 HYP HYP B . n 
B 1 30 GLY 30 30 30 GLY GLY B . n 
C 1 1  PRO 1  1  ?  ?   ?   C . n 
C 1 2  HYP 2  2  ?  ?   ?   C . n 
C 1 3  GLY 3  3  ?  ?   ?   C . n 
C 1 4  PRO 4  4  4  PRO PRO C . n 
C 1 5  HYP 5  5  5  HYP HYP C . n 
C 1 6  GLY 6  6  6  GLY GLY C . n 
C 1 7  PRO 7  7  7  PRO PRO C . n 
C 1 8  HYP 8  8  8  HYP HYP C . n 
C 1 9  GLY 9  9  9  GLY GLY C . n 
C 1 10 PRO 10 10 10 PRO PRO C . n 
C 1 11 GLN 11 11 11 GLN GLN C . n 
C 1 12 GLY 12 12 12 GLY GLY C . n 
C 1 13 PRO 13 13 13 PRO PRO C . n 
C 1 14 LYS 14 14 14 LYS LYS C . n 
C 1 15 GLY 15 15 15 GLY GLY C . n 
C 1 16 ASP 16 16 16 ASP ASP C . n 
C 1 17 LYS 17 17 17 LYS LYS C . n 
C 1 18 GLY 18 18 18 GLY GLY C . n 
C 1 19 ASP 19 19 19 ASP ASP C . n 
C 1 20 PRO 20 20 20 PRO PRO C . n 
C 1 21 GLY 21 21 21 GLY GLY C . n 
C 1 22 PRO 22 22 22 PRO PRO C . n 
C 1 23 HYP 23 23 23 HYP HYP C . n 
C 1 24 GLY 24 24 24 GLY GLY C . n 
C 1 25 PRO 25 25 25 PRO PRO C . n 
C 1 26 HYP 26 26 26 HYP HYP C . n 
C 1 27 GLY 27 27 27 GLY GLY C . n 
C 1 28 PRO 28 28 28 PRO PRO C . n 
C 1 29 HYP 29 29 29 HYP HYP C . n 
C 1 30 GLY 30 30 ?  ?   ?   C . n 
# 
loop_
_pdbx_nonpoly_scheme.asym_id 
_pdbx_nonpoly_scheme.entity_id 
_pdbx_nonpoly_scheme.mon_id 
_pdbx_nonpoly_scheme.ndb_seq_num 
_pdbx_nonpoly_scheme.pdb_seq_num 
_pdbx_nonpoly_scheme.auth_seq_num 
_pdbx_nonpoly_scheme.pdb_mon_id 
_pdbx_nonpoly_scheme.auth_mon_id 
_pdbx_nonpoly_scheme.pdb_strand_id 
_pdbx_nonpoly_scheme.pdb_ins_code 
D 2 HOH 1  101 25 HOH HOH A . 
D 2 HOH 2  102 57 HOH HOH A . 
D 2 HOH 3  103 11 HOH HOH A . 
D 2 HOH 4  104 26 HOH HOH A . 
D 2 HOH 5  105 22 HOH HOH A . 
D 2 HOH 6  106 50 HOH HOH A . 
D 2 HOH 7  107 51 HOH HOH A . 
D 2 HOH 8  108 59 HOH HOH A . 
D 2 HOH 9  109 10 HOH HOH A . 
D 2 HOH 10 110 56 HOH HOH A . 
D 2 HOH 11 111 48 HOH HOH A . 
D 2 HOH 12 112 17 HOH HOH A . 
D 2 HOH 13 113 49 HOH HOH A . 
D 2 HOH 14 114 23 HOH HOH A . 
E 2 HOH 1  101 19 HOH HOH B . 
E 2 HOH 2  102 53 HOH HOH B . 
E 2 HOH 3  103 21 HOH HOH B . 
E 2 HOH 4  104 29 HOH HOH B . 
E 2 HOH 5  105 14 HOH HOH B . 
E 2 HOH 6  106 31 HOH HOH B . 
E 2 HOH 7  107 47 HOH HOH B . 
E 2 HOH 8  108 12 HOH HOH B . 
E 2 HOH 9  109 52 HOH HOH B . 
E 2 HOH 10 110 43 HOH HOH B . 
E 2 HOH 11 111 7  HOH HOH B . 
E 2 HOH 12 112 4  HOH HOH B . 
E 2 HOH 13 113 1  HOH HOH B . 
E 2 HOH 14 114 34 HOH HOH B . 
E 2 HOH 15 115 32 HOH HOH B . 
E 2 HOH 16 116 3  HOH HOH B . 
E 2 HOH 17 117 2  HOH HOH B . 
E 2 HOH 18 118 33 HOH HOH B . 
E 2 HOH 19 119 20 HOH HOH B . 
E 2 HOH 20 120 30 HOH HOH B . 
E 2 HOH 21 121 5  HOH HOH B . 
E 2 HOH 22 122 18 HOH HOH B . 
E 2 HOH 23 123 28 HOH HOH B . 
E 2 HOH 24 124 38 HOH HOH B . 
E 2 HOH 25 125 37 HOH HOH B . 
E 2 HOH 26 126 36 HOH HOH B . 
E 2 HOH 27 127 24 HOH HOH B . 
E 2 HOH 28 128 15 HOH HOH B . 
E 2 HOH 29 129 60 HOH HOH B . 
E 2 HOH 30 130 9  HOH HOH B . 
F 2 HOH 1  101 41 HOH HOH C . 
F 2 HOH 2  102 39 HOH HOH C . 
F 2 HOH 3  103 13 HOH HOH C . 
F 2 HOH 4  104 46 HOH HOH C . 
F 2 HOH 5  105 44 HOH HOH C . 
F 2 HOH 6  106 42 HOH HOH C . 
F 2 HOH 7  107 6  HOH HOH C . 
F 2 HOH 8  108 27 HOH HOH C . 
F 2 HOH 9  109 35 HOH HOH C . 
F 2 HOH 10 110 8  HOH HOH C . 
F 2 HOH 11 111 45 HOH HOH C . 
F 2 HOH 12 112 61 HOH HOH C . 
F 2 HOH 13 113 16 HOH HOH C . 
F 2 HOH 14 114 54 HOH HOH C . 
F 2 HOH 15 115 58 HOH HOH C . 
F 2 HOH 16 116 40 HOH HOH C . 
F 2 HOH 17 117 55 HOH HOH C . 
# 
loop_
_software.citation_id 
_software.classification 
_software.compiler_name 
_software.compiler_version 
_software.contact_author 
_software.contact_author_email 
_software.date 
_software.description 
_software.dependencies 
_software.hardware 
_software.language 
_software.location 
_software.mods 
_software.name 
_software.os 
_software.os_version 
_software.type 
_software.version 
_software.pdbx_ordinal 
? refinement       ? ? ? ? ? ? ? ? ? ? ? REFMAC  ? ? ? 5.8.0425 1 
? 'data reduction' ? ? ? ? ? ? ? ? ? ? ? XDS     ? ? ? .        2 
? 'data scaling'   ? ? ? ? ? ? ? ? ? ? ? Aimless ? ? ? .        3 
? phasing          ? ? ? ? ? ? ? ? ? ? ? PHASER  ? ? ? .        4 
# 
_cell.angle_alpha                  90.000 
_cell.angle_alpha_esd              ? 
_cell.angle_beta                   100.116 
_cell.angle_beta_esd               ? 
_cell.angle_gamma                  90.000 
_cell.angle_gamma_esd              ? 
_cell.entry_id                     8ZMV 
_cell.details                      ? 
_cell.formula_units_Z              ? 
_cell.length_a                     33.960 
_cell.length_a_esd                 ? 
_cell.length_b                     13.757 
_cell.length_b_esd                 ? 
_cell.length_c                     66.084 
_cell.length_c_esd                 ? 
_cell.volume                       ? 
_cell.volume_esd                   ? 
_cell.Z_PDB                        6 
_cell.reciprocal_angle_alpha       ? 
_cell.reciprocal_angle_beta        ? 
_cell.reciprocal_angle_gamma       ? 
_cell.reciprocal_angle_alpha_esd   ? 
_cell.reciprocal_angle_beta_esd    ? 
_cell.reciprocal_angle_gamma_esd   ? 
_cell.reciprocal_length_a          ? 
_cell.reciprocal_length_b          ? 
_cell.reciprocal_length_c          ? 
_cell.reciprocal_length_a_esd      ? 
_cell.reciprocal_length_b_esd      ? 
_cell.reciprocal_length_c_esd      ? 
_cell.pdbx_unique_axis             ? 
_cell.pdbx_esd_method              ? 
# 
_symmetry.entry_id                         8ZMV 
_symmetry.cell_setting                     ? 
_symmetry.Int_Tables_number                4 
_symmetry.space_group_name_Hall            ? 
_symmetry.space_group_name_H-M             'P 1 21 1' 
_symmetry.pdbx_full_space_group_name_H-M   ? 
# 
_exptl.absorpt_coefficient_mu     ? 
_exptl.absorpt_correction_T_max   ? 
_exptl.absorpt_correction_T_min   ? 
_exptl.absorpt_correction_type    ? 
_exptl.absorpt_process_details    ? 
_exptl.entry_id                   8ZMV 
_exptl.crystals_number            1 
_exptl.details                    ? 
_exptl.method                     'X-RAY DIFFRACTION' 
_exptl.method_details             ? 
# 
_exptl_crystal.colour                       ? 
_exptl_crystal.density_diffrn               ? 
_exptl_crystal.density_Matthews             1.84 
_exptl_crystal.density_method               ? 
_exptl_crystal.density_percent_sol          33.03 
_exptl_crystal.description                  ? 
_exptl_crystal.F_000                        ? 
_exptl_crystal.id                           1 
_exptl_crystal.preparation                  ? 
_exptl_crystal.size_max                     ? 
_exptl_crystal.size_mid                     ? 
_exptl_crystal.size_min                     ? 
_exptl_crystal.size_rad                     ? 
_exptl_crystal.colour_lustre                ? 
_exptl_crystal.colour_modifier              ? 
_exptl_crystal.colour_primary               ? 
_exptl_crystal.density_meas                 ? 
_exptl_crystal.density_meas_esd             ? 
_exptl_crystal.density_meas_gt              ? 
_exptl_crystal.density_meas_lt              ? 
_exptl_crystal.density_meas_temp            ? 
_exptl_crystal.density_meas_temp_esd        ? 
_exptl_crystal.density_meas_temp_gt         ? 
_exptl_crystal.density_meas_temp_lt         ? 
_exptl_crystal.pdbx_crystal_image_url       ? 
_exptl_crystal.pdbx_crystal_image_format    ? 
_exptl_crystal.pdbx_mosaicity               ? 
_exptl_crystal.pdbx_mosaicity_esd           ? 
_exptl_crystal.pdbx_mosaic_method           ? 
_exptl_crystal.pdbx_mosaic_block_size       ? 
_exptl_crystal.pdbx_mosaic_block_size_esd   ? 
# 
_exptl_crystal_grow.apparatus       ? 
_exptl_crystal_grow.atmosphere      ? 
_exptl_crystal_grow.crystal_id      1 
_exptl_crystal_grow.details         ? 
_exptl_crystal_grow.method          'VAPOR DIFFUSION, SITTING DROP' 
_exptl_crystal_grow.method_ref      ? 
_exptl_crystal_grow.pH              ? 
_exptl_crystal_grow.pressure        ? 
_exptl_crystal_grow.pressure_esd    ? 
_exptl_crystal_grow.seeding         ? 
_exptl_crystal_grow.seeding_ref     ? 
_exptl_crystal_grow.temp_details    ? 
_exptl_crystal_grow.temp_esd        ? 
_exptl_crystal_grow.time            ? 
_exptl_crystal_grow.pdbx_details    'Index-H6 (0.2M Sodium formate, 20% PEG 3350)' 
_exptl_crystal_grow.pdbx_pH_range   ? 
_exptl_crystal_grow.temp            293 
# 
_diffrn.ambient_environment              ? 
_diffrn.ambient_temp                     100 
_diffrn.ambient_temp_details             ? 
_diffrn.ambient_temp_esd                 ? 
_diffrn.crystal_id                       1 
_diffrn.crystal_support                  ? 
_diffrn.crystal_treatment                ? 
_diffrn.details                          ? 
_diffrn.id                               1 
_diffrn.ambient_pressure                 ? 
_diffrn.ambient_pressure_esd             ? 
_diffrn.ambient_pressure_gt              ? 
_diffrn.ambient_pressure_lt              ? 
_diffrn.ambient_temp_gt                  ? 
_diffrn.ambient_temp_lt                  ? 
_diffrn.pdbx_serial_crystal_experiment   N 
# 
_diffrn_detector.details                      ? 
_diffrn_detector.detector                     PIXEL 
_diffrn_detector.diffrn_id                    1 
_diffrn_detector.type                         'DECTRIS EIGER X 9M' 
_diffrn_detector.area_resol_mean              ? 
_diffrn_detector.dtime                        ? 
_diffrn_detector.pdbx_frames_total            ? 
_diffrn_detector.pdbx_collection_time_total   ? 
_diffrn_detector.pdbx_collection_date         2024-03-30 
_diffrn_detector.pdbx_frequency               ? 
_diffrn_detector.id                           ? 
_diffrn_detector.number_of_axes               ? 
# 
_diffrn_radiation.collimation                      ? 
_diffrn_radiation.diffrn_id                        1 
_diffrn_radiation.filter_edge                      ? 
_diffrn_radiation.inhomogeneity                    ? 
_diffrn_radiation.monochromator                    ? 
_diffrn_radiation.polarisn_norm                    ? 
_diffrn_radiation.polarisn_ratio                   ? 
_diffrn_radiation.probe                            ? 
_diffrn_radiation.type                             ? 
_diffrn_radiation.xray_symbol                      ? 
_diffrn_radiation.wavelength_id                    1 
_diffrn_radiation.pdbx_monochromatic_or_laue_m_l   M 
_diffrn_radiation.pdbx_wavelength_list             ? 
_diffrn_radiation.pdbx_wavelength                  ? 
_diffrn_radiation.pdbx_diffrn_protocol             'SINGLE WAVELENGTH' 
_diffrn_radiation.pdbx_analyzer                    ? 
_diffrn_radiation.pdbx_scattering_type             x-ray 
# 
_diffrn_radiation_wavelength.id           1 
_diffrn_radiation_wavelength.wavelength   0.95300 
_diffrn_radiation_wavelength.wt           1.0 
# 
_diffrn_source.current                     ? 
_diffrn_source.details                     ? 
_diffrn_source.diffrn_id                   1 
_diffrn_source.power                       ? 
_diffrn_source.size                        ? 
_diffrn_source.source                      SYNCHROTRON 
_diffrn_source.target                      ? 
_diffrn_source.type                        'CLSI BEAMLINE 08ID-1' 
_diffrn_source.voltage                     ? 
_diffrn_source.take-off_angle              ? 
_diffrn_source.pdbx_wavelength_list        0.95300 
_diffrn_source.pdbx_wavelength             ? 
_diffrn_source.pdbx_synchrotron_beamline   08ID-1 
_diffrn_source.pdbx_synchrotron_site       CLSI 
# 
_reflns.B_iso_Wilson_estimate                          ? 
_reflns.entry_id                                       8ZMV 
_reflns.data_reduction_details                         ? 
_reflns.data_reduction_method                          ? 
_reflns.d_resolution_high                              1.45 
_reflns.d_resolution_low                               32.53 
_reflns.details                                        ? 
_reflns.limit_h_max                                    ? 
_reflns.limit_h_min                                    ? 
_reflns.limit_k_max                                    ? 
_reflns.limit_k_min                                    ? 
_reflns.limit_l_max                                    ? 
_reflns.limit_l_min                                    ? 
_reflns.number_all                                     ? 
_reflns.number_obs                                     11135 
_reflns.observed_criterion                             ? 
_reflns.observed_criterion_F_max                       ? 
_reflns.observed_criterion_F_min                       ? 
_reflns.observed_criterion_I_max                       ? 
_reflns.observed_criterion_I_min                       ? 
_reflns.observed_criterion_sigma_F                     ? 
_reflns.observed_criterion_sigma_I                     ? 
_reflns.percent_possible_obs                           98.7 
_reflns.R_free_details                                 ? 
_reflns.Rmerge_F_all                                   ? 
_reflns.Rmerge_F_obs                                   ? 
_reflns.Friedel_coverage                               ? 
_reflns.number_gt                                      ? 
_reflns.threshold_expression                           ? 
_reflns.pdbx_redundancy                                6.5 
_reflns.pdbx_netI_over_av_sigmaI                       ? 
_reflns.pdbx_netI_over_sigmaI                          15.2 
_reflns.pdbx_res_netI_over_av_sigmaI_2                 ? 
_reflns.pdbx_res_netI_over_sigmaI_2                    ? 
_reflns.pdbx_chi_squared                               ? 
_reflns.pdbx_scaling_rejects                           ? 
_reflns.pdbx_d_res_high_opt                            ? 
_reflns.pdbx_d_res_low_opt                             ? 
_reflns.pdbx_d_res_opt_method                          ? 
_reflns.phase_calculation_details                      ? 
_reflns.pdbx_Rrim_I_all                                ? 
_reflns.pdbx_Rpim_I_all                                ? 
_reflns.pdbx_d_opt                                     ? 
_reflns.pdbx_number_measured_all                       ? 
_reflns.pdbx_diffrn_id                                 1 
_reflns.pdbx_ordinal                                   1 
_reflns.pdbx_CC_half                                   0.998 
_reflns.pdbx_CC_star                                   ? 
_reflns.pdbx_R_split                                   ? 
_reflns.pdbx_Rmerge_I_obs                              ? 
_reflns.pdbx_Rmerge_I_all                              ? 
_reflns.pdbx_Rsym_value                                ? 
_reflns.pdbx_CC_split_method                           ? 
_reflns.pdbx_aniso_diffraction_limit_axis_1_ortho[1]   ? 
_reflns.pdbx_aniso_diffraction_limit_axis_1_ortho[2]   ? 
_reflns.pdbx_aniso_diffraction_limit_axis_1_ortho[3]   ? 
_reflns.pdbx_aniso_diffraction_limit_axis_2_ortho[1]   ? 
_reflns.pdbx_aniso_diffraction_limit_axis_2_ortho[2]   ? 
_reflns.pdbx_aniso_diffraction_limit_axis_2_ortho[3]   ? 
_reflns.pdbx_aniso_diffraction_limit_axis_3_ortho[1]   ? 
_reflns.pdbx_aniso_diffraction_limit_axis_3_ortho[2]   ? 
_reflns.pdbx_aniso_diffraction_limit_axis_3_ortho[3]   ? 
_reflns.pdbx_aniso_diffraction_limit_1                 ? 
_reflns.pdbx_aniso_diffraction_limit_2                 ? 
_reflns.pdbx_aniso_diffraction_limit_3                 ? 
_reflns.pdbx_aniso_B_tensor_eigenvector_1_ortho[1]     ? 
_reflns.pdbx_aniso_B_tensor_eigenvector_1_ortho[2]     ? 
_reflns.pdbx_aniso_B_tensor_eigenvector_1_ortho[3]     ? 
_reflns.pdbx_aniso_B_tensor_eigenvector_2_ortho[1]     ? 
_reflns.pdbx_aniso_B_tensor_eigenvector_2_ortho[2]     ? 
_reflns.pdbx_aniso_B_tensor_eigenvector_2_ortho[3]     ? 
_reflns.pdbx_aniso_B_tensor_eigenvector_3_ortho[1]     ? 
_reflns.pdbx_aniso_B_tensor_eigenvector_3_ortho[2]     ? 
_reflns.pdbx_aniso_B_tensor_eigenvector_3_ortho[3]     ? 
_reflns.pdbx_aniso_B_tensor_eigenvalue_1               ? 
_reflns.pdbx_aniso_B_tensor_eigenvalue_2               ? 
_reflns.pdbx_aniso_B_tensor_eigenvalue_3               ? 
_reflns.pdbx_orthogonalization_convention              ? 
_reflns.pdbx_percent_possible_ellipsoidal              ? 
_reflns.pdbx_percent_possible_spherical                ? 
_reflns.pdbx_percent_possible_ellipsoidal_anomalous    ? 
_reflns.pdbx_percent_possible_spherical_anomalous      ? 
_reflns.pdbx_redundancy_anomalous                      ? 
_reflns.pdbx_CC_half_anomalous                         ? 
_reflns.pdbx_absDiff_over_sigma_anomalous              ? 
_reflns.pdbx_percent_possible_anomalous                ? 
_reflns.pdbx_observed_signal_threshold                 ? 
_reflns.pdbx_signal_type                               ? 
_reflns.pdbx_signal_details                            ? 
_reflns.pdbx_signal_software_id                        ? 
# 
_reflns_shell.d_res_high                                    1.45 
_reflns_shell.d_res_low                                     1.47 
_reflns_shell.meanI_over_sigI_all                           ? 
_reflns_shell.meanI_over_sigI_obs                           ? 
_reflns_shell.number_measured_all                           ? 
_reflns_shell.number_measured_obs                           ? 
_reflns_shell.number_possible                               ? 
_reflns_shell.number_unique_all                             ? 
_reflns_shell.number_unique_obs                             546 
_reflns_shell.percent_possible_obs                          ? 
_reflns_shell.Rmerge_F_all                                  ? 
_reflns_shell.Rmerge_F_obs                                  ? 
_reflns_shell.meanI_over_sigI_gt                            ? 
_reflns_shell.meanI_over_uI_all                             ? 
_reflns_shell.meanI_over_uI_gt                              ? 
_reflns_shell.number_measured_gt                            ? 
_reflns_shell.number_unique_gt                              ? 
_reflns_shell.percent_possible_gt                           ? 
_reflns_shell.Rmerge_F_gt                                   ? 
_reflns_shell.Rmerge_I_gt                                   ? 
_reflns_shell.pdbx_redundancy                               ? 
_reflns_shell.pdbx_chi_squared                              ? 
_reflns_shell.pdbx_netI_over_sigmaI_all                     ? 
_reflns_shell.pdbx_netI_over_sigmaI_obs                     ? 
_reflns_shell.pdbx_Rrim_I_all                               ? 
_reflns_shell.pdbx_Rpim_I_all                               ? 
_reflns_shell.pdbx_rejects                                  ? 
_reflns_shell.pdbx_ordinal                                  1 
_reflns_shell.pdbx_diffrn_id                                1 
_reflns_shell.pdbx_CC_half                                  0.634 
_reflns_shell.pdbx_CC_star                                  ? 
_reflns_shell.pdbx_R_split                                  ? 
_reflns_shell.percent_possible_all                          ? 
_reflns_shell.Rmerge_I_all                                  ? 
_reflns_shell.Rmerge_I_obs                                  ? 
_reflns_shell.pdbx_Rsym_value                               ? 
_reflns_shell.pdbx_percent_possible_ellipsoidal             ? 
_reflns_shell.pdbx_percent_possible_spherical               ? 
_reflns_shell.pdbx_percent_possible_ellipsoidal_anomalous   ? 
_reflns_shell.pdbx_percent_possible_spherical_anomalous     ? 
_reflns_shell.pdbx_redundancy_anomalous                     ? 
_reflns_shell.pdbx_CC_half_anomalous                        ? 
_reflns_shell.pdbx_absDiff_over_sigma_anomalous             ? 
_reflns_shell.pdbx_percent_possible_anomalous               ? 
# 
_refine.aniso_B[1][1]                            -0.592 
_refine.aniso_B[1][2]                            0.000 
_refine.aniso_B[1][3]                            -4.467 
_refine.aniso_B[2][2]                            -0.022 
_refine.aniso_B[2][3]                            -0.000 
_refine.aniso_B[3][3]                            2.075 
_refine.B_iso_max                                ? 
_refine.B_iso_mean                               25.610 
_refine.B_iso_min                                ? 
_refine.correlation_coeff_Fo_to_Fc               0.956 
_refine.correlation_coeff_Fo_to_Fc_free          0.924 
_refine.details                                  'Hydrogens have been added in their riding positions' 
_refine.diff_density_max                         ? 
_refine.diff_density_max_esd                     ? 
_refine.diff_density_min                         ? 
_refine.diff_density_min_esd                     ? 
_refine.diff_density_rms                         ? 
_refine.diff_density_rms_esd                     ? 
_refine.entry_id                                 8ZMV 
_refine.pdbx_refine_id                           'X-RAY DIFFRACTION' 
_refine.ls_abs_structure_details                 ? 
_refine.ls_abs_structure_Flack                   ? 
_refine.ls_abs_structure_Flack_esd               ? 
_refine.ls_abs_structure_Rogers                  ? 
_refine.ls_abs_structure_Rogers_esd              ? 
_refine.ls_d_res_high                            1.450 
_refine.ls_d_res_low                             32.53 
_refine.ls_extinction_coef                       ? 
_refine.ls_extinction_coef_esd                   ? 
_refine.ls_extinction_expression                 ? 
_refine.ls_extinction_method                     ? 
_refine.ls_goodness_of_fit_all                   ? 
_refine.ls_goodness_of_fit_all_esd               ? 
_refine.ls_goodness_of_fit_obs                   ? 
_refine.ls_goodness_of_fit_obs_esd               ? 
_refine.ls_hydrogen_treatment                    ? 
_refine.ls_matrix_type                           ? 
_refine.ls_number_constraints                    ? 
_refine.ls_number_parameters                     ? 
_refine.ls_number_reflns_all                     ? 
_refine.ls_number_reflns_obs                     11131 
_refine.ls_number_reflns_R_free                  1134 
_refine.ls_number_reflns_R_work                  9997 
_refine.ls_number_restraints                     ? 
_refine.ls_percent_reflns_obs                    98.644 
_refine.ls_percent_reflns_R_free                 10.188 
_refine.ls_R_factor_all                          0.237 
_refine.ls_R_factor_obs                          ? 
_refine.ls_R_factor_R_free                       0.2984 
_refine.ls_R_factor_R_free_error                 ? 
_refine.ls_R_factor_R_free_error_details         ? 
_refine.ls_R_factor_R_work                       0.2303 
_refine.ls_R_Fsqd_factor_obs                     ? 
_refine.ls_R_I_factor_obs                        ? 
_refine.ls_redundancy_reflns_all                 ? 
_refine.ls_redundancy_reflns_obs                 ? 
_refine.ls_restrained_S_all                      ? 
_refine.ls_restrained_S_obs                      ? 
_refine.ls_shift_over_esd_max                    ? 
_refine.ls_shift_over_esd_mean                   ? 
_refine.ls_structure_factor_coef                 ? 
_refine.ls_weighting_details                     ? 
_refine.ls_weighting_scheme                      ? 
_refine.ls_wR_factor_all                         ? 
_refine.ls_wR_factor_obs                         ? 
_refine.ls_wR_factor_R_free                      ? 
_refine.ls_wR_factor_R_work                      ? 
_refine.occupancy_max                            ? 
_refine.occupancy_min                            ? 
_refine.solvent_model_details                    'MASK BULK SOLVENT' 
_refine.solvent_model_param_bsol                 ? 
_refine.solvent_model_param_ksol                 ? 
_refine.pdbx_R_complete                          ? 
_refine.ls_R_factor_gt                           ? 
_refine.ls_goodness_of_fit_gt                    ? 
_refine.ls_goodness_of_fit_ref                   ? 
_refine.ls_shift_over_su_max                     ? 
_refine.ls_shift_over_su_max_lt                  ? 
_refine.ls_shift_over_su_mean                    ? 
_refine.ls_shift_over_su_mean_lt                 ? 
_refine.pdbx_ls_sigma_I                          ? 
_refine.pdbx_ls_sigma_F                          ? 
_refine.pdbx_ls_sigma_Fsqd                       ? 
_refine.pdbx_data_cutoff_high_absF               ? 
_refine.pdbx_data_cutoff_high_rms_absF           ? 
_refine.pdbx_data_cutoff_low_absF                ? 
_refine.pdbx_isotropic_thermal_model             ? 
_refine.pdbx_ls_cross_valid_method               'FREE R-VALUE' 
_refine.pdbx_method_to_determine_struct          'MOLECULAR REPLACEMENT' 
_refine.pdbx_starting_model                      ? 
_refine.pdbx_stereochemistry_target_values       ? 
_refine.pdbx_R_Free_selection_details            ? 
_refine.pdbx_stereochem_target_val_spec_case     ? 
_refine.pdbx_overall_ESU_R                       0.128 
_refine.pdbx_overall_ESU_R_Free                  0.111 
_refine.pdbx_solvent_vdw_probe_radii             1.200 
_refine.pdbx_solvent_ion_probe_radii             0.800 
_refine.pdbx_solvent_shrinkage_radii             0.800 
_refine.pdbx_real_space_R                        ? 
_refine.pdbx_density_correlation                 ? 
_refine.pdbx_pd_number_of_powder_patterns        ? 
_refine.pdbx_pd_number_of_points                 ? 
_refine.pdbx_pd_meas_number_of_points            ? 
_refine.pdbx_pd_proc_ls_prof_R_factor            ? 
_refine.pdbx_pd_proc_ls_prof_wR_factor           ? 
_refine.pdbx_pd_Marquardt_correlation_coeff      ? 
_refine.pdbx_pd_Fsqrd_R_factor                   ? 
_refine.pdbx_pd_ls_matrix_band_width             ? 
_refine.pdbx_overall_phase_error                 ? 
_refine.pdbx_overall_SU_R_free_Cruickshank_DPI   ? 
_refine.pdbx_overall_SU_R_free_Blow_DPI          ? 
_refine.pdbx_overall_SU_R_Blow_DPI               ? 
_refine.pdbx_TLS_residual_ADP_flag               ? 
_refine.pdbx_diffrn_id                           1 
_refine.overall_SU_B                             8.185 
_refine.overall_SU_ML                            0.132 
_refine.overall_SU_R_Cruickshank_DPI             ? 
_refine.overall_SU_R_free                        ? 
_refine.overall_FOM_free_R_set                   ? 
_refine.overall_FOM_work_R_set                   ? 
_refine.pdbx_average_fsc_overall                 ? 
_refine.pdbx_average_fsc_work                    ? 
_refine.pdbx_average_fsc_free                    ? 
# 
_refine_hist.pdbx_refine_id                   'X-RAY DIFFRACTION' 
_refine_hist.cycle_id                         LAST 
_refine_hist.details                          ? 
_refine_hist.d_res_high                       1.450 
_refine_hist.d_res_low                        32.53 
_refine_hist.number_atoms_solvent             61 
_refine_hist.number_atoms_total               609 
_refine_hist.number_reflns_all                ? 
_refine_hist.number_reflns_obs                ? 
_refine_hist.number_reflns_R_free             ? 
_refine_hist.number_reflns_R_work             ? 
_refine_hist.R_factor_all                     ? 
_refine_hist.R_factor_obs                     ? 
_refine_hist.R_factor_R_free                  ? 
_refine_hist.R_factor_R_work                  ? 
_refine_hist.pdbx_number_residues_total       ? 
_refine_hist.pdbx_B_iso_mean_ligand           ? 
_refine_hist.pdbx_B_iso_mean_solvent          ? 
_refine_hist.pdbx_number_atoms_protein        548 
_refine_hist.pdbx_number_atoms_nucleic_acid   0 
_refine_hist.pdbx_number_atoms_ligand         0 
_refine_hist.pdbx_number_atoms_lipid          ? 
_refine_hist.pdbx_number_atoms_carb           ? 
_refine_hist.pdbx_pseudo_atom_details         ? 
# 
loop_
_refine_ls_restr.pdbx_refine_id 
_refine_ls_restr.criterion 
_refine_ls_restr.dev_ideal 
_refine_ls_restr.dev_ideal_target 
_refine_ls_restr.number 
_refine_ls_restr.rejects 
_refine_ls_restr.type 
_refine_ls_restr.weight 
_refine_ls_restr.pdbx_restraint_function 
'X-RAY DIFFRACTION' ? 0.008  0.012  587  ? r_bond_refined_d               ? ? 
'X-RAY DIFFRACTION' ? 0.001  0.017  487  ? r_bond_other_d                 ? ? 
'X-RAY DIFFRACTION' ? 1.573  1.869  829  ? r_angle_refined_deg            ? ? 
'X-RAY DIFFRACTION' ? 0.527  1.692  1217 ? r_angle_other_deg              ? ? 
'X-RAY DIFFRACTION' ? 5.503  5.000  81   ? r_dihedral_angle_1_deg         ? ? 
'X-RAY DIFFRACTION' ? 9.134  10.000 36   ? r_dihedral_angle_3_deg         ? ? 
'X-RAY DIFFRACTION' ? 20.893 10.000 9    ? r_dihedral_angle_6_deg         ? ? 
'X-RAY DIFFRACTION' ? 0.070  0.200  74   ? r_chiral_restr                 ? ? 
'X-RAY DIFFRACTION' ? 0.017  0.200  3    ? r_chiral_restr_other           ? ? 
'X-RAY DIFFRACTION' ? 0.008  0.020  648  ? r_gen_planes_refined           ? ? 
'X-RAY DIFFRACTION' ? 0.000  0.020  48   ? r_gen_planes_other             ? ? 
'X-RAY DIFFRACTION' ? 0.205  0.200  194  ? r_nbd_refined                  ? ? 
'X-RAY DIFFRACTION' ? 0.180  0.200  417  ? r_symmetry_nbd_other           ? ? 
'X-RAY DIFFRACTION' ? 0.168  0.200  318  ? r_nbtor_refined                ? ? 
'X-RAY DIFFRACTION' ? 0.083  0.200  181  ? r_symmetry_nbtor_other         ? ? 
'X-RAY DIFFRACTION' ? 0.158  0.200  30   ? r_xyhbond_nbd_refined          ? ? 
'X-RAY DIFFRACTION' ? 0.256  0.200  4    ? r_symmetry_nbd_refined         ? ? 
'X-RAY DIFFRACTION' ? 0.206  0.200  33   ? r_nbd_other                    ? ? 
'X-RAY DIFFRACTION' ? 0.158  0.200  9    ? r_symmetry_xyhbond_nbd_refined ? ? 
'X-RAY DIFFRACTION' ? 6.331  2.672  333  ? r_mcbond_it                    ? ? 
'X-RAY DIFFRACTION' ? 6.289  2.672  333  ? r_mcbond_other                 ? ? 
'X-RAY DIFFRACTION' ? 9.021  4.804  411  ? r_mcangle_it                   ? ? 
'X-RAY DIFFRACTION' ? 9.021  4.807  412  ? r_mcangle_other                ? ? 
'X-RAY DIFFRACTION' ? 6.312  2.991  254  ? r_scbond_it                    ? ? 
'X-RAY DIFFRACTION' ? 6.299  2.994  255  ? r_scbond_other                 ? ? 
'X-RAY DIFFRACTION' ? 9.112  5.363  418  ? r_scangle_it                   ? ? 
'X-RAY DIFFRACTION' ? 9.101  5.363  419  ? r_scangle_other                ? ? 
'X-RAY DIFFRACTION' ? 15.026 28.653 675  ? r_lrange_it                    ? ? 
'X-RAY DIFFRACTION' ? 14.309 26.481 660  ? r_lrange_other                 ? ? 
'X-RAY DIFFRACTION' ? 4.682  3.000  1074 ? r_rigid_bond_restr             ? ? 
# 
loop_
_refine_ls_shell.pdbx_refine_id 
_refine_ls_shell.d_res_high 
_refine_ls_shell.d_res_low 
_refine_ls_shell.number_reflns_all 
_refine_ls_shell.number_reflns_obs 
_refine_ls_shell.number_reflns_R_free 
_refine_ls_shell.number_reflns_R_work 
_refine_ls_shell.percent_reflns_obs 
_refine_ls_shell.percent_reflns_R_free 
_refine_ls_shell.R_factor_all 
_refine_ls_shell.R_factor_obs 
_refine_ls_shell.R_factor_R_free_error 
_refine_ls_shell.R_factor_R_work 
_refine_ls_shell.redundancy_reflns_all 
_refine_ls_shell.redundancy_reflns_obs 
_refine_ls_shell.wR_factor_all 
_refine_ls_shell.wR_factor_obs 
_refine_ls_shell.wR_factor_R_free 
_refine_ls_shell.wR_factor_R_work 
_refine_ls_shell.pdbx_R_complete 
_refine_ls_shell.pdbx_total_number_of_bins_used 
_refine_ls_shell.pdbx_phase_error 
_refine_ls_shell.pdbx_fsc_work 
_refine_ls_shell.pdbx_fsc_free 
_refine_ls_shell.R_factor_R_free 
'X-RAY DIFFRACTION' 1.450 1.488 . . 86 709 96.2470  . . . . 0.314 . . . . . . . . . . . 0.312 
'X-RAY DIFFRACTION' 1.488 1.528 . . 84 694 93.7349  . . . . 0.273 . . . . . . . . . . . 0.270 
'X-RAY DIFFRACTION' 1.528 1.573 . . 83 660 100.0000 . . . . 0.285 . . . . . . . . . . . 0.305 
'X-RAY DIFFRACTION' 1.573 1.621 . . 99 648 100.0000 . . . . 0.257 . . . . . . . . . . . 0.281 
'X-RAY DIFFRACTION' 1.621 1.674 . . 72 663 100.0000 . . . . 0.234 . . . . . . . . . . . 0.271 
'X-RAY DIFFRACTION' 1.674 1.732 . . 70 633 96.4335  . . . . 0.218 . . . . . . . . . . . 0.242 
'X-RAY DIFFRACTION' 1.732 1.798 . . 50 599 100.0000 . . . . 0.226 . . . . . . . . . . . 0.304 
'X-RAY DIFFRACTION' 1.798 1.871 . . 77 581 99.6970  . . . . 0.234 . . . . . . . . . . . 0.284 
'X-RAY DIFFRACTION' 1.871 1.954 . . 75 580 99.5441  . . . . 0.262 . . . . . . . . . . . 0.265 
'X-RAY DIFFRACTION' 1.954 2.049 . . 57 518 98.2906  . . . . 0.230 . . . . . . . . . . . 0.324 
'X-RAY DIFFRACTION' 2.049 2.159 . . 72 513 99.6593  . . . . 0.218 . . . . . . . . . . . 0.288 
'X-RAY DIFFRACTION' 2.159 2.289 . . 58 517 100.0000 . . . . 0.219 . . . . . . . . . . . 0.277 
'X-RAY DIFFRACTION' 2.289 2.447 . . 34 463 99.5992  . . . . 0.225 . . . . . . . . . . . 0.290 
'X-RAY DIFFRACTION' 2.447 2.641 . . 42 448 100.0000 . . . . 0.240 . . . . . . . . . . . 0.300 
'X-RAY DIFFRACTION' 2.641 2.892 . . 45 399 100.0000 . . . . 0.207 . . . . . . . . . . . 0.314 
'X-RAY DIFFRACTION' 2.892 3.230 . . 48 360 99.7555  . . . . 0.240 . . . . . . . . . . . 0.360 
'X-RAY DIFFRACTION' 3.230 3.723 . . 35 333 99.1914  . . . . 0.220 . . . . . . . . . . . 0.279 
'X-RAY DIFFRACTION' 3.723 4.545 . . 20 301 97.5684  . . . . 0.213 . . . . . . . . . . . 0.272 
'X-RAY DIFFRACTION' 4.545 6.366 . . 17 232 99.2032  . . . . 0.204 . . . . . . . . . . . 0.277 
'X-RAY DIFFRACTION' 6.366 32.53 . . 10 146 95.1219  . . . . 0.332 . . . . . . . . . . . 0.454 
# 
_struct.entry_id                     8ZMV 
_struct.title                        'Structure of a triple-helix region of human Collagen type XVII from Trautec' 
_struct.pdbx_model_details           ? 
_struct.pdbx_formula_weight          ? 
_struct.pdbx_formula_weight_method   ? 
_struct.pdbx_model_type_details      ? 
_struct.pdbx_CASP_flag               N 
# 
_struct_keywords.entry_id        8ZMV 
_struct_keywords.text            'Human collagen XVII, Triple-helix, STRUCTURAL PROTEIN' 
_struct_keywords.pdbx_keywords   'STRUCTURAL PROTEIN' 
# 
loop_
_struct_asym.id 
_struct_asym.pdbx_blank_PDB_chainid_flag 
_struct_asym.pdbx_modified 
_struct_asym.entity_id 
_struct_asym.details 
A N N 1 ? 
B N N 1 ? 
C N N 1 ? 
D N N 2 ? 
E N N 2 ? 
F N N 2 ? 
# 
_struct_ref.id                         1 
_struct_ref.db_name                    PDB 
_struct_ref.db_code                    8ZMV 
_struct_ref.pdbx_db_accession          8ZMV 
_struct_ref.pdbx_db_isoform            ? 
_struct_ref.entity_id                  1 
_struct_ref.pdbx_seq_one_letter_code   ? 
_struct_ref.pdbx_align_begin           1 
# 
loop_
_struct_ref_seq.align_id 
_struct_ref_seq.ref_id 
_struct_ref_seq.pdbx_PDB_id_code 
_struct_ref_seq.pdbx_strand_id 
_struct_ref_seq.seq_align_beg 
_struct_ref_seq.pdbx_seq_align_beg_ins_code 
_struct_ref_seq.seq_align_end 
_struct_ref_seq.pdbx_seq_align_end_ins_code 
_struct_ref_seq.pdbx_db_accession 
_struct_ref_seq.db_align_beg 
_struct_ref_seq.pdbx_db_align_beg_ins_code 
_struct_ref_seq.db_align_end 
_struct_ref_seq.pdbx_db_align_end_ins_code 
_struct_ref_seq.pdbx_auth_seq_align_beg 
_struct_ref_seq.pdbx_auth_seq_align_end 
1 1 8ZMV A 1 ? 30 ? 8ZMV 1 ? 30 ? 1 30 
2 1 8ZMV B 1 ? 30 ? 8ZMV 1 ? 30 ? 1 30 
3 1 8ZMV C 1 ? 30 ? 8ZMV 1 ? 30 ? 1 30 
# 
_pdbx_struct_assembly.id                   1 
_pdbx_struct_assembly.details              author_and_software_defined_assembly 
_pdbx_struct_assembly.method_details       PISA 
_pdbx_struct_assembly.oligomeric_details   trimeric 
_pdbx_struct_assembly.oligomeric_count     3 
# 
loop_
_pdbx_struct_assembly_prop.biol_id 
_pdbx_struct_assembly_prop.type 
_pdbx_struct_assembly_prop.value 
_pdbx_struct_assembly_prop.details 
1 'ABSA (A^2)' 5090 ? 
1 MORE         -22  ? 
1 'SSA (A^2)'  4990 ? 
# 
_pdbx_struct_assembly_gen.assembly_id       1 
_pdbx_struct_assembly_gen.oper_expression   1 
_pdbx_struct_assembly_gen.asym_id_list      A,B,C,D,E,F 
# 
_pdbx_struct_assembly_auth_evidence.id                     1 
_pdbx_struct_assembly_auth_evidence.assembly_id            1 
_pdbx_struct_assembly_auth_evidence.experimental_support   homology 
_pdbx_struct_assembly_auth_evidence.details                ? 
# 
_pdbx_struct_oper_list.id                   1 
_pdbx_struct_oper_list.type                 'identity operation' 
_pdbx_struct_oper_list.name                 1_555 
_pdbx_struct_oper_list.symmetry_operation   x,y,z 
_pdbx_struct_oper_list.matrix[1][1]         1.0000000000 
_pdbx_struct_oper_list.matrix[1][2]         0.0000000000 
_pdbx_struct_oper_list.matrix[1][3]         0.0000000000 
_pdbx_struct_oper_list.vector[1]            0.0000000000 
_pdbx_struct_oper_list.matrix[2][1]         0.0000000000 
_pdbx_struct_oper_list.matrix[2][2]         1.0000000000 
_pdbx_struct_oper_list.matrix[2][3]         0.0000000000 
_pdbx_struct_oper_list.vector[2]            0.0000000000 
_pdbx_struct_oper_list.matrix[3][1]         0.0000000000 
_pdbx_struct_oper_list.matrix[3][2]         0.0000000000 
_pdbx_struct_oper_list.matrix[3][3]         1.0000000000 
_pdbx_struct_oper_list.vector[3]            0.0000000000 
# 
loop_
_struct_conn.id 
_struct_conn.conn_type_id 
_struct_conn.pdbx_leaving_atom_flag 
_struct_conn.pdbx_PDB_id 
_struct_conn.ptnr1_label_asym_id 
_struct_conn.ptnr1_label_comp_id 
_struct_conn.ptnr1_label_seq_id 
_struct_conn.ptnr1_label_atom_id 
_struct_conn.pdbx_ptnr1_label_alt_id 
_struct_conn.pdbx_ptnr1_PDB_ins_code 
_struct_conn.pdbx_ptnr1_standard_comp_id 
_struct_conn.ptnr1_symmetry 
_struct_conn.ptnr2_label_asym_id 
_struct_conn.ptnr2_label_comp_id 
_struct_conn.ptnr2_label_seq_id 
_struct_conn.ptnr2_label_atom_id 
_struct_conn.pdbx_ptnr2_label_alt_id 
_struct_conn.pdbx_ptnr2_PDB_ins_code 
_struct_conn.ptnr1_auth_asym_id 
_struct_conn.ptnr1_auth_comp_id 
_struct_conn.ptnr1_auth_seq_id 
_struct_conn.ptnr2_auth_asym_id 
_struct_conn.ptnr2_auth_comp_id 
_struct_conn.ptnr2_auth_seq_id 
_struct_conn.ptnr2_symmetry 
_struct_conn.pdbx_ptnr3_label_atom_id 
_struct_conn.pdbx_ptnr3_label_seq_id 
_struct_conn.pdbx_ptnr3_label_comp_id 
_struct_conn.pdbx_ptnr3_label_asym_id 
_struct_conn.pdbx_ptnr3_label_alt_id 
_struct_conn.pdbx_ptnr3_PDB_ins_code 
_struct_conn.details 
_struct_conn.pdbx_dist_value 
_struct_conn.pdbx_value_order 
_struct_conn.pdbx_role 
covale1  covale both ? A HYP 2  C ? ? ? 1_555 A GLY 3  N ? ? A HYP 2  A GLY 3  1_555 ? ? ? ? ? ? ? 1.330 ? ? 
covale2  covale both ? A PRO 4  C ? ? ? 1_555 A HYP 5  N ? ? A PRO 4  A HYP 5  1_555 ? ? ? ? ? ? ? 1.350 ? ? 
covale3  covale both ? A HYP 5  C ? ? ? 1_555 A GLY 6  N ? ? A HYP 5  A GLY 6  1_555 ? ? ? ? ? ? ? 1.326 ? ? 
covale4  covale both ? A PRO 7  C ? ? ? 1_555 A HYP 8  N ? ? A PRO 7  A HYP 8  1_555 ? ? ? ? ? ? ? 1.353 ? ? 
covale5  covale both ? A HYP 8  C ? ? ? 1_555 A GLY 9  N ? ? A HYP 8  A GLY 9  1_555 ? ? ? ? ? ? ? 1.335 ? ? 
covale6  covale both ? A PRO 22 C ? ? ? 1_555 A HYP 23 N ? ? A PRO 22 A HYP 23 1_555 ? ? ? ? ? ? ? 1.332 ? ? 
covale7  covale both ? A HYP 23 C ? ? ? 1_555 A GLY 24 N ? ? A HYP 23 A GLY 24 1_555 ? ? ? ? ? ? ? 1.327 ? ? 
covale8  covale both ? A PRO 25 C ? ? ? 1_555 A HYP 26 N ? ? A PRO 25 A HYP 26 1_555 ? ? ? ? ? ? ? 1.352 ? ? 
covale9  covale both ? A HYP 26 C ? ? ? 1_555 A GLY 27 N ? ? A HYP 26 A GLY 27 1_555 ? ? ? ? ? ? ? 1.325 ? ? 
covale10 covale both ? A PRO 28 C ? ? ? 1_555 A HYP 29 N ? ? A PRO 28 A HYP 29 1_555 ? ? ? ? ? ? ? 1.351 ? ? 
covale11 covale both ? B PRO 1  C ? ? ? 1_555 B HYP 2  N ? ? B PRO 1  B HYP 2  1_555 ? ? ? ? ? ? ? 1.352 ? ? 
covale12 covale both ? B HYP 2  C ? ? ? 1_555 B GLY 3  N ? ? B HYP 2  B GLY 3  1_555 ? ? ? ? ? ? ? 1.334 ? ? 
covale13 covale both ? B PRO 4  C ? ? ? 1_555 B HYP 5  N ? ? B PRO 4  B HYP 5  1_555 ? ? ? ? ? ? ? 1.351 ? ? 
covale14 covale both ? B HYP 5  C ? ? ? 1_555 B GLY 6  N ? ? B HYP 5  B GLY 6  1_555 ? ? ? ? ? ? ? 1.341 ? ? 
covale15 covale both ? B PRO 7  C ? ? ? 1_555 B HYP 8  N ? ? B PRO 7  B HYP 8  1_555 ? ? ? ? ? ? ? 1.351 ? ? 
covale16 covale both ? B HYP 8  C ? ? ? 1_555 B GLY 9  N ? ? B HYP 8  B GLY 9  1_555 ? ? ? ? ? ? ? 1.330 ? ? 
covale17 covale both ? B PRO 22 C ? ? ? 1_555 B HYP 23 N ? ? B PRO 22 B HYP 23 1_555 ? ? ? ? ? ? ? 1.349 ? ? 
covale18 covale both ? B HYP 23 C ? ? ? 1_555 B GLY 24 N ? ? B HYP 23 B GLY 24 1_555 ? ? ? ? ? ? ? 1.322 ? ? 
covale19 covale both ? B PRO 25 C ? ? ? 1_555 B HYP 26 N ? ? B PRO 25 B HYP 26 1_555 ? ? ? ? ? ? ? 1.354 ? ? 
covale20 covale both ? B HYP 26 C ? ? ? 1_555 B GLY 27 N ? ? B HYP 26 B GLY 27 1_555 ? ? ? ? ? ? ? 1.340 ? ? 
covale21 covale both ? B PRO 28 C ? ? ? 1_555 B HYP 29 N ? ? B PRO 28 B HYP 29 1_555 ? ? ? ? ? ? ? 1.345 ? ? 
covale22 covale both ? B HYP 29 C ? ? ? 1_555 B GLY 30 N ? ? B HYP 29 B GLY 30 1_555 ? ? ? ? ? ? ? 1.339 ? ? 
covale23 covale both ? C PRO 4  C ? ? ? 1_555 C HYP 5  N ? ? C PRO 4  C HYP 5  1_555 ? ? ? ? ? ? ? 1.356 ? ? 
covale24 covale both ? C HYP 5  C ? ? ? 1_555 C GLY 6  N ? ? C HYP 5  C GLY 6  1_555 ? ? ? ? ? ? ? 1.343 ? ? 
covale25 covale both ? C PRO 7  C ? ? ? 1_555 C HYP 8  N ? ? C PRO 7  C HYP 8  1_555 ? ? ? ? ? ? ? 1.354 ? ? 
covale26 covale both ? C HYP 8  C ? ? ? 1_555 C GLY 9  N ? ? C HYP 8  C GLY 9  1_555 ? ? ? ? ? ? ? 1.328 ? ? 
covale27 covale both ? C PRO 22 C ? ? ? 1_555 C HYP 23 N ? ? C PRO 22 C HYP 23 1_555 ? ? ? ? ? ? ? 1.352 ? ? 
covale28 covale both ? C HYP 23 C ? ? ? 1_555 C GLY 24 N ? ? C HYP 23 C GLY 24 1_555 ? ? ? ? ? ? ? 1.339 ? ? 
covale29 covale both ? C PRO 25 C ? ? ? 1_555 C HYP 26 N ? ? C PRO 25 C HYP 26 1_555 ? ? ? ? ? ? ? 1.349 ? ? 
covale30 covale both ? C HYP 26 C ? ? ? 1_555 C GLY 27 N ? ? C HYP 26 C GLY 27 1_555 ? ? ? ? ? ? ? 1.320 ? ? 
covale31 covale both ? C PRO 28 C ? ? ? 1_555 C HYP 29 N ? ? C PRO 28 C HYP 29 1_555 ? ? ? ? ? ? ? 1.359 ? ? 
# 
_struct_conn_type.id          covale 
_struct_conn_type.criteria    ? 
_struct_conn_type.reference   ? 
# 
_pdbx_entry_details.entry_id                   8ZMV 
_pdbx_entry_details.nonpolymer_details         ? 
_pdbx_entry_details.sequence_details           ? 
_pdbx_entry_details.compound_details           ? 
_pdbx_entry_details.source_details             ? 
_pdbx_entry_details.has_ligand_of_interest     Y 
_pdbx_entry_details.has_protein_modification   ? 
# 
loop_
_pdbx_unobs_or_zero_occ_residues.id 
_pdbx_unobs_or_zero_occ_residues.PDB_model_num 
_pdbx_unobs_or_zero_occ_residues.polymer_flag 
_pdbx_unobs_or_zero_occ_residues.occupancy_flag 
_pdbx_unobs_or_zero_occ_residues.auth_asym_id 
_pdbx_unobs_or_zero_occ_residues.auth_comp_id 
_pdbx_unobs_or_zero_occ_residues.auth_seq_id 
_pdbx_unobs_or_zero_occ_residues.PDB_ins_code 
_pdbx_unobs_or_zero_occ_residues.label_asym_id 
_pdbx_unobs_or_zero_occ_residues.label_comp_id 
_pdbx_unobs_or_zero_occ_residues.label_seq_id 
1 1 Y 1 A PRO 1  ? A PRO 1  
2 1 Y 1 A GLY 30 ? A GLY 30 
3 1 Y 1 C PRO 1  ? C PRO 1  
4 1 Y 1 C HYP 2  ? C HYP 2  
5 1 Y 1 C GLY 3  ? C GLY 3  
6 1 Y 1 C GLY 30 ? C GLY 30 
# 
loop_
_chem_comp_atom.comp_id 
_chem_comp_atom.atom_id 
_chem_comp_atom.type_symbol 
_chem_comp_atom.pdbx_aromatic_flag 
_chem_comp_atom.pdbx_stereo_config 
_chem_comp_atom.pdbx_ordinal 
ASP N    N N N 1   
ASP CA   C N S 2   
ASP C    C N N 3   
ASP O    O N N 4   
ASP CB   C N N 5   
ASP CG   C N N 6   
ASP OD1  O N N 7   
ASP OD2  O N N 8   
ASP OXT  O N N 9   
ASP H    H N N 10  
ASP H2   H N N 11  
ASP HA   H N N 12  
ASP HB2  H N N 13  
ASP HB3  H N N 14  
ASP HD2  H N N 15  
ASP HXT  H N N 16  
GLN N    N N N 17  
GLN CA   C N S 18  
GLN C    C N N 19  
GLN O    O N N 20  
GLN CB   C N N 21  
GLN CG   C N N 22  
GLN CD   C N N 23  
GLN OE1  O N N 24  
GLN NE2  N N N 25  
GLN OXT  O N N 26  
GLN H    H N N 27  
GLN H2   H N N 28  
GLN HA   H N N 29  
GLN HB2  H N N 30  
GLN HB3  H N N 31  
GLN HG2  H N N 32  
GLN HG3  H N N 33  
GLN HE21 H N N 34  
GLN HE22 H N N 35  
GLN HXT  H N N 36  
GLY N    N N N 37  
GLY CA   C N N 38  
GLY C    C N N 39  
GLY O    O N N 40  
GLY OXT  O N N 41  
GLY H    H N N 42  
GLY H2   H N N 43  
GLY HA2  H N N 44  
GLY HA3  H N N 45  
GLY HXT  H N N 46  
HOH O    O N N 47  
HOH H1   H N N 48  
HOH H2   H N N 49  
HYP N    N N N 50  
HYP CA   C N S 51  
HYP C    C N N 52  
HYP O    O N N 53  
HYP CB   C N N 54  
HYP CG   C N R 55  
HYP CD   C N N 56  
HYP OD1  O N N 57  
HYP OXT  O N N 58  
HYP H    H N N 59  
HYP HA   H N N 60  
HYP HB2  H N N 61  
HYP HB3  H N N 62  
HYP HG   H N N 63  
HYP HD22 H N N 64  
HYP HD23 H N N 65  
HYP HD1  H N N 66  
HYP HXT  H N N 67  
LYS N    N N N 68  
LYS CA   C N S 69  
LYS C    C N N 70  
LYS O    O N N 71  
LYS CB   C N N 72  
LYS CG   C N N 73  
LYS CD   C N N 74  
LYS CE   C N N 75  
LYS NZ   N N N 76  
LYS OXT  O N N 77  
LYS H    H N N 78  
LYS H2   H N N 79  
LYS HA   H N N 80  
LYS HB2  H N N 81  
LYS HB3  H N N 82  
LYS HG2  H N N 83  
LYS HG3  H N N 84  
LYS HD2  H N N 85  
LYS HD3  H N N 86  
LYS HE2  H N N 87  
LYS HE3  H N N 88  
LYS HZ1  H N N 89  
LYS HZ2  H N N 90  
LYS HZ3  H N N 91  
LYS HXT  H N N 92  
PRO N    N N N 93  
PRO CA   C N S 94  
PRO C    C N N 95  
PRO O    O N N 96  
PRO CB   C N N 97  
PRO CG   C N N 98  
PRO CD   C N N 99  
PRO OXT  O N N 100 
PRO H    H N N 101 
PRO HA   H N N 102 
PRO HB2  H N N 103 
PRO HB3  H N N 104 
PRO HG2  H N N 105 
PRO HG3  H N N 106 
PRO HD2  H N N 107 
PRO HD3  H N N 108 
PRO HXT  H N N 109 
# 
loop_
_chem_comp_bond.comp_id 
_chem_comp_bond.atom_id_1 
_chem_comp_bond.atom_id_2 
_chem_comp_bond.value_order 
_chem_comp_bond.pdbx_aromatic_flag 
_chem_comp_bond.pdbx_stereo_config 
_chem_comp_bond.pdbx_ordinal 
ASP N   CA   sing N N 1   
ASP N   H    sing N N 2   
ASP N   H2   sing N N 3   
ASP CA  C    sing N N 4   
ASP CA  CB   sing N N 5   
ASP CA  HA   sing N N 6   
ASP C   O    doub N N 7   
ASP C   OXT  sing N N 8   
ASP CB  CG   sing N N 9   
ASP CB  HB2  sing N N 10  
ASP CB  HB3  sing N N 11  
ASP CG  OD1  doub N N 12  
ASP CG  OD2  sing N N 13  
ASP OD2 HD2  sing N N 14  
ASP OXT HXT  sing N N 15  
GLN N   CA   sing N N 16  
GLN N   H    sing N N 17  
GLN N   H2   sing N N 18  
GLN CA  C    sing N N 19  
GLN CA  CB   sing N N 20  
GLN CA  HA   sing N N 21  
GLN C   O    doub N N 22  
GLN C   OXT  sing N N 23  
GLN CB  CG   sing N N 24  
GLN CB  HB2  sing N N 25  
GLN CB  HB3  sing N N 26  
GLN CG  CD   sing N N 27  
GLN CG  HG2  sing N N 28  
GLN CG  HG3  sing N N 29  
GLN CD  OE1  doub N N 30  
GLN CD  NE2  sing N N 31  
GLN NE2 HE21 sing N N 32  
GLN NE2 HE22 sing N N 33  
GLN OXT HXT  sing N N 34  
GLY N   CA   sing N N 35  
GLY N   H    sing N N 36  
GLY N   H2   sing N N 37  
GLY CA  C    sing N N 38  
GLY CA  HA2  sing N N 39  
GLY CA  HA3  sing N N 40  
GLY C   O    doub N N 41  
GLY C   OXT  sing N N 42  
GLY OXT HXT  sing N N 43  
HOH O   H1   sing N N 44  
HOH O   H2   sing N N 45  
HYP N   CA   sing N N 46  
HYP N   CD   sing N N 47  
HYP N   H    sing N N 48  
HYP CA  C    sing N N 49  
HYP CA  CB   sing N N 50  
HYP CA  HA   sing N N 51  
HYP C   O    doub N N 52  
HYP C   OXT  sing N N 53  
HYP CB  CG   sing N N 54  
HYP CB  HB2  sing N N 55  
HYP CB  HB3  sing N N 56  
HYP CG  CD   sing N N 57  
HYP CG  OD1  sing N N 58  
HYP CG  HG   sing N N 59  
HYP CD  HD22 sing N N 60  
HYP CD  HD23 sing N N 61  
HYP OD1 HD1  sing N N 62  
HYP OXT HXT  sing N N 63  
LYS N   CA   sing N N 64  
LYS N   H    sing N N 65  
LYS N   H2   sing N N 66  
LYS CA  C    sing N N 67  
LYS CA  CB   sing N N 68  
LYS CA  HA   sing N N 69  
LYS C   O    doub N N 70  
LYS C   OXT  sing N N 71  
LYS CB  CG   sing N N 72  
LYS CB  HB2  sing N N 73  
LYS CB  HB3  sing N N 74  
LYS CG  CD   sing N N 75  
LYS CG  HG2  sing N N 76  
LYS CG  HG3  sing N N 77  
LYS CD  CE   sing N N 78  
LYS CD  HD2  sing N N 79  
LYS CD  HD3  sing N N 80  
LYS CE  NZ   sing N N 81  
LYS CE  HE2  sing N N 82  
LYS CE  HE3  sing N N 83  
LYS NZ  HZ1  sing N N 84  
LYS NZ  HZ2  sing N N 85  
LYS NZ  HZ3  sing N N 86  
LYS OXT HXT  sing N N 87  
PRO N   CA   sing N N 88  
PRO N   CD   sing N N 89  
PRO N   H    sing N N 90  
PRO CA  C    sing N N 91  
PRO CA  CB   sing N N 92  
PRO CA  HA   sing N N 93  
PRO C   O    doub N N 94  
PRO C   OXT  sing N N 95  
PRO CB  CG   sing N N 96  
PRO CB  HB2  sing N N 97  
PRO CB  HB3  sing N N 98  
PRO CG  CD   sing N N 99  
PRO CG  HG2  sing N N 100 
PRO CG  HG3  sing N N 101 
PRO CD  HD2  sing N N 102 
PRO CD  HD3  sing N N 103 
PRO OXT HXT  sing N N 104 
# 
_pdbx_audit_support.funding_organization   'Other private' 
_pdbx_audit_support.country                ? 
_pdbx_audit_support.grant_number           CQ20230004/CE20235002/CQ20230005 
_pdbx_audit_support.ordinal                1 
# 
_pdbx_entity_instance_feature.ordinal        1 
_pdbx_entity_instance_feature.comp_id        HYP 
_pdbx_entity_instance_feature.asym_id        ? 
_pdbx_entity_instance_feature.seq_num        ? 
_pdbx_entity_instance_feature.auth_comp_id   HYP 
_pdbx_entity_instance_feature.auth_asym_id   ? 
_pdbx_entity_instance_feature.auth_seq_num   ? 
_pdbx_entity_instance_feature.feature_type   'SUBJECT OF INVESTIGATION' 
_pdbx_entity_instance_feature.details        ? 
# 
_pdbx_initial_refinement_model.id               1 
_pdbx_initial_refinement_model.entity_id_list   ? 
_pdbx_initial_refinement_model.type             'experimental model' 
_pdbx_initial_refinement_model.source_name      PDB 
_pdbx_initial_refinement_model.accession_code   1K6M 
_pdbx_initial_refinement_model.details          ? 
# 
_atom_sites.entry_id                    8ZMV 
_atom_sites.Cartn_transf_matrix[1][1]   ? 
_atom_sites.Cartn_transf_matrix[1][2]   ? 
_atom_sites.Cartn_transf_matrix[1][3]   ? 
_atom_sites.Cartn_transf_matrix[2][1]   ? 
_atom_sites.Cartn_transf_matrix[2][2]   ? 
_atom_sites.Cartn_transf_matrix[2][3]   ? 
_atom_sites.Cartn_transf_matrix[3][1]   ? 
_atom_sites.Cartn_transf_matrix[3][2]   ? 
_atom_sites.Cartn_transf_matrix[3][3]   ? 
_atom_sites.Cartn_transf_vector[1]      ? 
_atom_sites.Cartn_transf_vector[2]      ? 
_atom_sites.Cartn_transf_vector[3]      ? 
_atom_sites.Cartn_transform_axes        ? 
_atom_sites.fract_transf_matrix[1][1]   -0.02949311 
_atom_sites.fract_transf_matrix[1][2]   0.00450770 
_atom_sites.fract_transf_matrix[1][3]   0.00212331 
_atom_sites.fract_transf_matrix[2][1]   0.01160030 
_atom_sites.fract_transf_matrix[2][2]   0.05323161 
_atom_sites.fract_transf_matrix[2][3]   0.04812135 
_atom_sites.fract_transf_matrix[3][1]   -0.00193921 
_atom_sites.fract_transf_matrix[3][2]   0.01045586 
_atom_sites.fract_transf_matrix[3][3]   -0.01109875 
_atom_sites.fract_transf_vector[1]      -0.518837 
_atom_sites.fract_transf_vector[2]      0.063136 
_atom_sites.fract_transf_vector[3]      -0.134374 
_atom_sites.solution_primary            ? 
_atom_sites.solution_secondary          ? 
_atom_sites.solution_hydrogens          ? 
_atom_sites.special_details             ? 
# 
loop_
_atom_type.symbol 
_atom_type.pdbx_scat_Z 
_atom_type.pdbx_N_electrons 
_atom_type.scat_Cromer_Mann_a1 
_atom_type.scat_Cromer_Mann_b1 
_atom_type.scat_Cromer_Mann_a2 
_atom_type.scat_Cromer_Mann_b2 
_atom_type.scat_Cromer_Mann_a3 
_atom_type.scat_Cromer_Mann_b3 
_atom_type.scat_Cromer_Mann_a4 
_atom_type.scat_Cromer_Mann_b4 
C 6 6 2.3103  20.8439 1.0201 10.2075 1.5888 0.5687  0.8651 51.6512 
H 1 1 0.4930  10.5109 0.3229 26.1257 0.1402 3.1424  0.0408 57.7997 
N 7 7 12.2220 0.0057  3.1346 9.8933  2.0141 28.9975 1.1672 0.5826  
O 8 8 3.0487  13.2771 2.2870 5.7011  1.5464 0.3239  0.8671 32.9089 
# 
loop_
_atom_site.group_PDB 
_atom_site.id 
_atom_site.type_symbol 
_atom_site.label_atom_id 
_atom_site.label_alt_id 
_atom_site.label_comp_id 
_atom_site.label_asym_id 
_atom_site.label_entity_id 
_atom_site.label_seq_id 
_atom_site.pdbx_PDB_ins_code 
_atom_site.Cartn_x 
_atom_site.Cartn_y 
_atom_site.Cartn_z 
_atom_site.occupancy 
_atom_site.B_iso_or_equiv 
_atom_site.pdbx_formal_charge 
_atom_site.auth_seq_id 
_atom_site.auth_comp_id 
_atom_site.auth_asym_id 
_atom_site.auth_atom_id 
_atom_site.pdbx_PDB_model_num 
_atom_site.calc_flag 
HETATM 1   N N   . HYP A 1 2  ? 29.865  -15.289 17.367  1.000 33.962 0 2   HYP A N   1 ? 
HETATM 2   C CA  . HYP A 1 2  ? 28.891  -14.315 16.849  1.000 33.541 0 2   HYP A CA  1 ? 
HETATM 3   C C   . HYP A 1 2  ? 27.444  -14.758 16.977  1.000 30.585 0 2   HYP A C   1 ? 
HETATM 4   O O   . HYP A 1 2  ? 27.091  -15.844 16.534  1.000 29.836 0 2   HYP A O   1 ? 
HETATM 5   C CB  . HYP A 1 2  ? 29.196  -14.202 15.351  1.000 34.047 0 2   HYP A CB  1 ? 
HETATM 6   C CG  . HYP A 1 2  ? 30.686  -14.466 15.319  1.000 34.867 0 2   HYP A CG  1 ? 
HETATM 7   C CD  . HYP A 1 2  ? 30.847  -15.592 16.321  1.000 35.745 0 2   HYP A CD  1 ? 
HETATM 8   O OD1 . HYP A 1 2  ? 31.365  -13.293 15.744  1.000 37.197 0 2   HYP A OD1 1 ? 
ATOM   9   N N   . GLY A 1 3  ? 26.621  -13.880 17.543  1.000 32.465 0 3   GLY A N   1 ? 
ATOM   10  C CA  . GLY A 1 3  ? 25.221  -14.189 17.757  1.000 31.608 0 3   GLY A CA  1 ? 
ATOM   11  C C   . GLY A 1 3  ? 24.512  -14.404 16.432  1.000 30.463 0 3   GLY A C   1 ? 
ATOM   12  O O   . GLY A 1 3  ? 25.007  -14.030 15.365  1.000 30.865 0 3   GLY A O   1 ? 
ATOM   13  N N   . PRO A 1 4  ? 23.319  -15.013 16.437  1.000 28.231 0 4   PRO A N   1 ? 
ATOM   14  C CA  . PRO A 1 4  ? 22.566  -15.174 15.198  1.000 28.373 0 4   PRO A CA  1 ? 
ATOM   15  C C   . PRO A 1 4  ? 21.879  -13.872 14.807  1.000 24.892 0 4   PRO A C   1 ? 
ATOM   16  O O   . PRO A 1 4  ? 21.899  -12.906 15.566  1.000 26.521 0 4   PRO A O   1 ? 
ATOM   17  C CB  . PRO A 1 4  ? 21.596  -16.271 15.563  1.000 29.825 0 4   PRO A CB  1 ? 
ATOM   18  C CG  . PRO A 1 4  ? 21.334  -16.061 17.034  1.000 29.834 0 4   PRO A CG  1 ? 
ATOM   19  C CD  . PRO A 1 4  ? 22.652  -15.590 17.612  1.000 28.834 0 4   PRO A CD  1 ? 
HETATM 20  N N   . HYP A 1 5  ? 21.265  -13.792 13.607  1.000 28.191 0 5   HYP A N   1 ? 
HETATM 21  C CA  . HYP A 1 5  ? 20.614  -12.563 13.161  1.000 29.698 0 5   HYP A CA  1 ? 
HETATM 22  C C   . HYP A 1 5  ? 19.467  -12.174 14.090  1.000 27.215 0 5   HYP A C   1 ? 
HETATM 23  O O   . HYP A 1 5  ? 18.831  -13.020 14.714  1.000 29.988 0 5   HYP A O   1 ? 
HETATM 24  C CB  . HYP A 1 5  ? 20.178  -12.901 11.725  1.000 29.584 0 5   HYP A CB  1 ? 
HETATM 25  C CG  . HYP A 1 5  ? 21.170  -13.979 11.321  1.000 32.262 0 5   HYP A CG  1 ? 
HETATM 26  C CD  . HYP A 1 5  ? 21.210  -14.841 12.578  1.000 29.365 0 5   HYP A CD  1 ? 
HETATM 27  O OD1 . HYP A 1 5  ? 22.422  -13.361 11.042  1.000 36.999 0 5   HYP A OD1 1 ? 
ATOM   28  N N   . GLY A 1 6  ? 19.267  -10.868 14.206  1.000 28.047 0 6   GLY A N   1 ? 
ATOM   29  C CA  . GLY A 1 6  ? 18.213  -10.297 15.011  1.000 27.938 0 6   GLY A CA  1 ? 
ATOM   30  C C   . GLY A 1 6  ? 16.826  -10.622 14.465  1.000 27.984 0 6   GLY A C   1 ? 
ATOM   31  O O   . GLY A 1 6  ? 16.691  -11.255 13.427  1.000 27.904 0 6   GLY A O   1 ? 
ATOM   32  N N   . PRO A 1 7  ? 15.745  -10.182 15.148  1.000 31.323 0 7   PRO A N   1 ? 
ATOM   33  C CA  . PRO A 1 7  ? 14.384  -10.414 14.667  1.000 31.680 0 7   PRO A CA  1 ? 
ATOM   34  C C   . PRO A 1 7  ? 14.107  -9.620  13.391  1.000 31.129 0 7   PRO A C   1 ? 
ATOM   35  O O   . PRO A 1 7  ? 14.835  -8.681  13.069  1.000 33.214 0 7   PRO A O   1 ? 
ATOM   36  C CB  . PRO A 1 7  ? 13.485  -9.945  15.828  1.000 34.253 0 7   PRO A CB  1 ? 
ATOM   37  C CG  . PRO A 1 7  ? 14.414  -9.703  16.993  1.000 35.023 0 7   PRO A CG  1 ? 
ATOM   38  C CD  . PRO A 1 7  ? 15.777  -9.421  16.402  1.000 34.696 0 7   PRO A CD  1 ? 
HETATM 39  N N   . HYP A 1 8  ? 13.053  -9.966  12.617  1.000 30.374 0 8   HYP A N   1 ? 
HETATM 40  C CA  . HYP A 1 8  ? 12.666  -9.171  11.452  1.000 29.803 0 8   HYP A CA  1 ? 
HETATM 41  C C   . HYP A 1 8  ? 12.418  -7.703  11.771  1.000 30.055 0 8   HYP A C   1 ? 
HETATM 42  O O   . HYP A 1 8  ? 12.007  -7.364  12.874  1.000 31.373 0 8   HYP A O   1 ? 
HETATM 43  C CB  . HYP A 1 8  ? 11.363  -9.843  11.012  1.000 28.683 0 8   HYP A CB  1 ? 
HETATM 44  C CG  . HYP A 1 8  ? 11.547  -11.294 11.446  1.000 30.168 0 8   HYP A CG  1 ? 
HETATM 45  C CD  . HYP A 1 8  ? 12.213  -11.162 12.788  1.000 30.637 0 8   HYP A CD  1 ? 
HETATM 46  O OD1 . HYP A 1 8  ? 12.411  -11.996 10.559  1.000 28.286 0 8   HYP A OD1 1 ? 
ATOM   47  N N   . GLY A 1 9  ? 12.672  -6.838  10.787  1.000 32.375 0 9   GLY A N   1 ? 
ATOM   48  C CA  . GLY A 1 9  ? 12.333  -5.437  10.903  1.000 32.374 0 9   GLY A CA  1 ? 
ATOM   49  C C   . GLY A 1 9  ? 10.826  -5.195  11.019  1.000 31.287 0 9   GLY A C   1 ? 
ATOM   50  O O   . GLY A 1 9  ? 10.001  -6.097  10.875  1.000 30.592 0 9   GLY A O   1 ? 
ATOM   51  N N   . PRO A 1 10 ? 10.421  -3.934  11.284  1.000 31.070 0 10  PRO A N   1 ? 
ATOM   52  C CA  . PRO A 1 10 ? 9.001   -3.586  11.380  1.000 31.614 0 10  PRO A CA  1 ? 
ATOM   53  C C   . PRO A 1 10 ? 8.244   -3.715  10.059  1.000 29.451 0 10  PRO A C   1 ? 
ATOM   54  O O   . PRO A 1 10 ? 8.832   -3.616  8.987   1.000 30.794 0 10  PRO A O   1 ? 
ATOM   55  C CB  . PRO A 1 10 ? 9.079   -2.138  11.876  1.000 31.354 0 10  PRO A CB  1 ? 
ATOM   56  C CG  . PRO A 1 10 ? 10.376  -1.623  11.290  1.000 31.064 0 10  PRO A CG  1 ? 
ATOM   57  C CD  . PRO A 1 10 ? 11.322  -2.787  11.487  1.000 28.706 0 10  PRO A CD  1 ? 
ATOM   58  N N   . GLN A 1 11 ? 6.937   -3.989  10.128  1.000 31.970 0 11  GLN A N   1 ? 
ATOM   59  C CA  . GLN A 1 11 ? 6.107   -3.934  8.930   1.000 28.822 0 11  GLN A CA  1 ? 
ATOM   60  C C   . GLN A 1 11 ? 6.130   -2.504  8.401   1.000 26.241 0 11  GLN A C   1 ? 
ATOM   61  O O   . GLN A 1 11 ? 6.046   -1.578  9.187   1.000 30.344 0 11  GLN A O   1 ? 
ATOM   62  C CB  . GLN A 1 11 ? 4.651   -4.346  9.163   1.000 28.539 0 11  GLN A CB  1 ? 
ATOM   63  C CG  . GLN A 1 11 ? 3.778   -4.189  7.922   1.000 26.747 0 11  GLN A CG  1 ? 
ATOM   64  C CD  . GLN A 1 11 ? 2.341   -4.633  8.075   1.000 26.687 0 11  GLN A CD  1 ? 
ATOM   65  O OE1 . GLN A 1 11 ? 1.760   -4.645  9.170   1.000 32.652 0 11  GLN A OE1 1 ? 
ATOM   66  N NE2 . GLN A 1 11 ? 1.732   -4.972  6.947   1.000 24.886 0 11  GLN A NE2 1 ? 
ATOM   67  N N   . GLY A 1 12 ? 6.210   -2.353  7.077   1.000 25.940 0 12  GLY A N   1 ? 
ATOM   68  C CA  . GLY A 1 12 ? 6.190   -1.048  6.456   1.000 26.331 0 12  GLY A CA  1 ? 
ATOM   69  C C   . GLY A 1 12 ? 4.831   -0.371  6.600   1.000 24.137 0 12  GLY A C   1 ? 
ATOM   70  O O   . GLY A 1 12 ? 3.820   -0.983  6.972   1.000 25.691 0 12  GLY A O   1 ? 
ATOM   71  N N   . PRO A 1 13 ? 4.785   0.938   6.290   1.000 23.298 0 13  PRO A N   1 ? 
ATOM   72  C CA  . PRO A 1 13 ? 3.587   1.743   6.473   1.000 21.684 0 13  PRO A CA  1 ? 
ATOM   73  C C   . PRO A 1 13 ? 2.551   1.426   5.409   1.000 18.611 0 13  PRO A C   1 ? 
ATOM   74  O O   . PRO A 1 13 ? 2.828   0.778   4.406   1.000 20.016 0 13  PRO A O   1 ? 
ATOM   75  C CB  . PRO A 1 13 ? 4.124   3.175   6.390   1.000 22.500 0 13  PRO A CB  1 ? 
ATOM   76  C CG  . PRO A 1 13 ? 5.261   3.051   5.394   1.000 23.581 0 13  PRO A CG  1 ? 
ATOM   77  C CD  . PRO A 1 13 ? 5.914   1.729   5.788   1.000 23.821 0 13  PRO A CD  1 ? 
ATOM   78  N N   . LYS A 1 14 ? 1.314   1.837   5.694   1.000 22.462 0 14  LYS A N   1 ? 
ATOM   79  C CA  . LYS A 1 14 ? 0.218   1.570   4.796   1.000 21.721 0 14  LYS A CA  1 ? 
ATOM   80  C C   . LYS A 1 14 ? 0.375   2.414   3.536   1.000 19.843 0 14  LYS A C   1 ? 
ATOM   81  O O   . LYS A 1 14 ? 0.834   3.547   3.602   1.000 23.753 0 14  LYS A O   1 ? 
ATOM   82  C CB  . LYS A 1 14 ? -1.131  1.785   5.489   1.000 24.468 0 14  LYS A CB  1 ? 
ATOM   83  C CG  . LYS A 1 14 ? -2.297  1.482   4.583   1.000 28.121 0 14  LYS A CG  1 ? 
ATOM   84  C CD  . LYS A 1 14 ? -3.600  1.692   5.305   1.000 29.129 0 14  LYS A CD  1 ? 
ATOM   85  C CE  . LYS A 1 14 ? -4.815  1.679   4.427   1.000 29.914 0 14  LYS A CE  1 ? 
ATOM   86  N NZ  . LYS A 1 14 ? -5.909  2.224   5.228   1.000 34.110 0 14  LYS A NZ  1 ? 
ATOM   87  N N   . GLY A 1 15 ? -0.005  1.813   2.415   1.000 20.495 0 15  GLY A N   1 ? 
ATOM   88  C CA  . GLY A 1 15 ? 0.052   2.480   1.129   1.000 20.620 0 15  GLY A CA  1 ? 
ATOM   89  C C   . GLY A 1 15 ? -0.900  3.671   1.044   1.000 20.162 0 15  GLY A C   1 ? 
ATOM   90  O O   . GLY A 1 15 ? -1.813  3.882   1.811   1.000 22.785 0 15  GLY A O   1 ? 
ATOM   91  N N   . ASP A 1 16 ? -0.675  4.509   0.044   1.000 19.403 0 16  ASP A N   1 ? 
ATOM   92  C CA  . ASP A 1 16 ? -1.492  5.684   -0.202  1.000 19.239 0 16  ASP A CA  1 ? 
ATOM   93  C C   . ASP A 1 16 ? -2.825  5.286   -0.815  1.000 17.362 0 16  ASP A C   1 ? 
ATOM   94  O O   . ASP A 1 16 ? -2.922  4.267   -1.476  1.000 17.485 0 16  ASP A O   1 ? 
ATOM   95  C CB  . ASP A 1 16 ? -0.751  6.655   -1.115  1.000 22.321 0 16  ASP A CB  1 ? 
ATOM   96  C CG  . ASP A 1 16 ? 0.379   7.445   -0.468  1.000 26.107 0 16  ASP A CG  1 ? 
ATOM   97  O OD1 . ASP A 1 16 ? 0.563   7.342   0.779   1.000 28.026 0 16  ASP A OD1 1 ? 
ATOM   98  O OD2 . ASP A 1 16 ? 1.069   8.171   -1.213  1.000 29.862 0 16  ASP A OD2 1 ? 
ATOM   99  N N   . LYS A 1 17 ? -3.837  6.126   -0.587  1.000 18.462 0 17  LYS A N   1 ? 
ATOM   100 C CA  . LYS A 1 17 ? -5.171  5.899   -1.106  1.000 18.723 0 17  LYS A CA  1 ? 
ATOM   101 C C   . LYS A 1 17 ? -5.147  5.914   -2.626  1.000 16.887 0 17  LYS A C   1 ? 
ATOM   102 O O   . LYS A 1 17 ? -4.353  6.649   -3.227  1.000 18.258 0 17  LYS A O   1 ? 
ATOM   103 C CB  . LYS A 1 17 ? -6.131  7.008   -0.665  1.000 21.936 0 17  LYS A CB  1 ? 
ATOM   104 C CG  . LYS A 1 17 ? -7.603  6.710   -0.904  1.000 25.827 0 17  LYS A CG  1 ? 
ATOM   105 C CD  . LYS A 1 17 ? -8.531  7.862   -0.528  1.000 27.683 0 17  LYS A CD  1 ? 
ATOM   106 C CE  . LYS A 1 17 ? -8.430  8.978   -1.516  1.000 28.692 0 17  LYS A CE  1 ? 
ATOM   107 N NZ  . LYS A 1 17 ? -9.452  10.014  -1.374  1.000 30.874 0 17  LYS A NZ  1 ? 
ATOM   108 N N   . GLY A 1 18 ? -5.965  5.092   -3.245  1.000 16.616 0 18  GLY A N   1 ? 
ATOM   109 C CA  . GLY A 1 18 ? -6.019  5.038   -4.693  1.000 16.140 0 18  GLY A CA  1 ? 
ATOM   110 C C   . GLY A 1 18 ? -6.649  6.313   -5.259  1.000 15.461 0 18  GLY A C   1 ? 
ATOM   111 O O   . GLY A 1 18 ? -7.266  7.123   -4.556  1.000 17.327 0 18  GLY A O   1 ? 
ATOM   112 N N   . ASP A 1 19 ? -6.483  6.464   -6.576  1.000 16.989 0 19  ASP A N   1 ? 
ATOM   113 C CA  . ASP A 1 19 ? -7.042  7.607   -7.257  1.000 17.989 0 19  ASP A CA  1 ? 
ATOM   114 C C   . ASP A 1 19 ? -8.553  7.484   -7.357  1.000 16.943 0 19  ASP A C   1 ? 
ATOM   115 O O   . ASP A 1 19 ? -9.069  6.355   -7.368  1.000 18.633 0 19  ASP A O   1 ? 
ATOM   116 C CB  . ASP A 1 19 ? -6.477  7.701   -8.659  1.000 20.189 0 19  ASP A CB  1 ? 
ATOM   117 C CG  . ASP A 1 19 ? -5.014  8.093   -8.713  1.000 21.664 0 19  ASP A CG  1 ? 
ATOM   118 O OD1 . ASP A 1 19 ? -4.564  8.761   -7.766  1.000 26.261 0 19  ASP A OD1 1 ? 
ATOM   119 O OD2 . ASP A 1 19 ? -4.348  7.632   -9.642  1.000 27.779 0 19  ASP A OD2 1 ? 
ATOM   120 N N   . PRO A 1 20 ? -9.293  8.600   -7.492  1.000 18.594 0 20  PRO A N   1 ? 
ATOM   121 C CA  . PRO A 1 20 ? -10.702 8.525   -7.870  1.000 19.874 0 20  PRO A CA  1 ? 
ATOM   122 C C   . PRO A 1 20 ? -10.832 7.780   -9.197  1.000 19.366 0 20  PRO A C   1 ? 
ATOM   123 O O   . PRO A 1 20 ? -9.946  7.814   -10.058 1.000 22.854 0 20  PRO A O   1 ? 
ATOM   124 C CB  . PRO A 1 20 ? -11.156 10.001  -7.930  1.000 19.847 0 20  PRO A CB  1 ? 
ATOM   125 C CG  . PRO A 1 20 ? -10.139 10.743  -7.070  1.000 21.220 0 20  PRO A CG  1 ? 
ATOM   126 C CD  . PRO A 1 20 ? -8.830  9.998   -7.321  1.000 19.378 0 20  PRO A CD  1 ? 
ATOM   127 N N   . GLY A 1 21 ? -11.936 7.086   -9.394  1.000 21.363 0 21  GLY A N   1 ? 
ATOM   128 C CA  . GLY A 1 21 ? -12.093 6.293   -10.596 1.000 20.657 0 21  GLY A CA  1 ? 
ATOM   129 C C   . GLY A 1 21 ? -12.255 7.158   -11.855 1.000 19.844 0 21  GLY A C   1 ? 
ATOM   130 O O   . GLY A 1 21 ? -12.328 8.395   -11.788 1.000 21.794 0 21  GLY A O   1 ? 
ATOM   131 N N   . PRO A 1 22 ? -12.371 6.507   -13.035 1.000 20.050 0 22  PRO A N   1 ? 
ATOM   132 C CA  . PRO A 1 22 ? -12.541 7.227   -14.302 1.000 20.396 0 22  PRO A CA  1 ? 
ATOM   133 C C   . PRO A 1 22 ? -13.865 7.982   -14.314 1.000 20.888 0 22  PRO A C   1 ? 
ATOM   134 O O   . PRO A 1 22 ? -14.828 7.593   -13.645 1.000 19.143 0 22  PRO A O   1 ? 
ATOM   135 C CB  . PRO A 1 22 ? -12.550 6.152   -15.399 1.000 22.358 0 22  PRO A CB  1 ? 
ATOM   136 C CG  . PRO A 1 22 ? -12.221 4.832   -14.708 1.000 22.731 0 22  PRO A CG  1 ? 
ATOM   137 C CD  . PRO A 1 22 ? -12.350 5.058   -13.228 1.000 20.406 0 22  PRO A CD  1 ? 
HETATM 138 N N   . HYP A 1 23 ? -14.018 9.068   -15.070 1.000 22.083 0 23  HYP A N   1 ? 
HETATM 139 C CA  . HYP A 1 23 ? -15.308 9.697   -15.323 1.000 21.231 0 23  HYP A CA  1 ? 
HETATM 140 C C   . HYP A 1 23 ? -16.338 8.702   -15.853 1.000 18.822 0 23  HYP A C   1 ? 
HETATM 141 O O   . HYP A 1 23 ? -16.020 7.757   -16.556 1.000 19.458 0 23  HYP A O   1 ? 
HETATM 142 C CB  . HYP A 1 23 ? -14.994 10.762  -16.379 1.000 22.110 0 23  HYP A CB  1 ? 
HETATM 143 C CG  . HYP A 1 23 ? -13.520 11.037  -16.131 1.000 23.099 0 23  HYP A CG  1 ? 
HETATM 144 C CD  . HYP A 1 23 ? -12.935 9.697   -15.869 1.000 23.087 0 23  HYP A CD  1 ? 
HETATM 145 O OD1 . HYP A 1 23 ? -13.386 11.870  -14.998 1.000 25.710 0 23  HYP A OD1 1 ? 
ATOM   146 N N   . GLY A 1 24 ? -17.594 8.918   -15.482 1.000 18.696 0 24  GLY A N   1 ? 
ATOM   147 C CA  . GLY A 1 24 ? -18.639 8.073   -16.003 1.000 19.247 0 24  GLY A CA  1 ? 
ATOM   148 C C   . GLY A 1 24 ? -18.874 8.298   -17.481 1.000 20.486 0 24  GLY A C   1 ? 
ATOM   149 O O   . GLY A 1 24 ? -18.316 9.223   -18.076 1.000 21.749 0 24  GLY A O   1 ? 
ATOM   150 N N   . PRO A 1 25 ? -19.711 7.444   -18.099 1.000 23.101 0 25  PRO A N   1 ? 
ATOM   151 C CA  . PRO A 1 25 ? -19.968 7.512   -19.533 1.000 25.196 0 25  PRO A CA  1 ? 
ATOM   152 C C   . PRO A 1 25 ? -20.808 8.733   -19.866 1.000 25.696 0 25  PRO A C   1 ? 
ATOM   153 O O   . PRO A 1 25 ? -21.526 9.257   -19.013 1.000 22.704 0 25  PRO A O   1 ? 
ATOM   154 C CB  . PRO A 1 25 ? -20.695 6.221   -19.851 1.000 25.087 0 25  PRO A CB  1 ? 
ATOM   155 C CG  . PRO A 1 25 ? -21.299 5.800   -18.539 1.000 24.723 0 25  PRO A CG  1 ? 
ATOM   156 C CD  . PRO A 1 25 ? -20.449 6.364   -17.423 1.000 24.016 0 25  PRO A CD  1 ? 
HETATM 157 N N   . HYP A 1 26 ? -20.692 9.258   -21.107 1.000 30.472 0 26  HYP A N   1 ? 
HETATM 158 C CA  . HYP A 1 26 ? -21.531 10.376  -21.527 1.000 30.229 0 26  HYP A CA  1 ? 
HETATM 159 C C   . HYP A 1 26 ? -22.998 10.027  -21.301 1.000 28.750 0 26  HYP A C   1 ? 
HETATM 160 O O   . HYP A 1 26 ? -23.400 8.874   -21.422 1.000 29.275 0 26  HYP A O   1 ? 
HETATM 161 C CB  . HYP A 1 26 ? -21.173 10.525  -23.011 1.000 33.291 0 26  HYP A CB  1 ? 
HETATM 162 C CG  . HYP A 1 26 ? -19.756 9.979   -23.094 1.000 33.025 0 26  HYP A CG  1 ? 
HETATM 163 C CD  . HYP A 1 26 ? -19.785 8.788   -22.169 1.000 32.364 0 26  HYP A CD  1 ? 
HETATM 164 O OD1 . HYP A 1 26 ? -18.842 10.951  -22.604 1.000 37.038 0 26  HYP A OD1 1 ? 
ATOM   165 N N   . GLY A 1 27 ? -23.801 11.032  -20.979 1.000 28.576 0 27  GLY A N   1 ? 
ATOM   166 C CA  . GLY A 1 27 ? -25.226 10.797  -20.838 1.000 30.716 0 27  GLY A CA  1 ? 
ATOM   167 C C   . GLY A 1 27 ? -25.820 10.432  -22.193 1.000 32.687 0 27  GLY A C   1 ? 
ATOM   168 O O   . GLY A 1 27 ? -25.222 10.733  -23.221 1.000 35.578 0 27  GLY A O   1 ? 
ATOM   169 N N   . PRO A 1 28 ? -26.985 9.762   -22.227 1.000 35.165 0 28  PRO A N   1 ? 
ATOM   170 C CA  . PRO A 1 28 ? -27.702 9.512   -23.472 1.000 38.261 0 28  PRO A CA  1 ? 
ATOM   171 C C   . PRO A 1 28 ? -28.565 10.710  -23.854 1.000 38.862 0 28  PRO A C   1 ? 
ATOM   172 O O   . PRO A 1 28 ? -28.718 11.646  -23.072 1.000 40.655 0 28  PRO A O   1 ? 
ATOM   173 C CB  . PRO A 1 28 ? -28.539 8.286   -23.088 1.000 40.419 0 28  PRO A CB  1 ? 
ATOM   174 C CG  . PRO A 1 28 ? -28.921 8.571   -21.658 1.000 39.625 0 28  PRO A CG  1 ? 
ATOM   175 C CD  . PRO A 1 28 ? -27.679 9.207   -21.052 1.000 36.004 0 28  PRO A CD  1 ? 
HETATM 176 N N   . HYP A 1 29 ? -29.130 10.722  -25.081 1.000 36.251 0 29  HYP A N   1 ? 
HETATM 177 C CA  . HYP A 1 29 ? -30.098 11.752  -25.496 1.000 32.301 0 29  HYP A CA  1 ? 
HETATM 178 C C   . HYP A 1 29 ? -31.391 11.838  -24.671 1.000 29.888 0 29  HYP A C   1 ? 
HETATM 179 O O   . HYP A 1 29 ? -31.887 10.770  -24.397 1.000 33.782 0 29  HYP A O   1 ? 
HETATM 180 C CB  . HYP A 1 29 ? -30.434 11.283  -26.917 1.000 34.038 0 29  HYP A CB  1 ? 
HETATM 181 C CG  . HYP A 1 29 ? -29.137 10.630  -27.375 1.000 35.255 0 29  HYP A CG  1 ? 
HETATM 182 C CD  . HYP A 1 29 ? -28.769 9.799   -26.174 1.000 37.824 0 29  HYP A CD  1 ? 
HETATM 183 O OD1 . HYP A 1 29 ? -28.145 11.622  -27.618 1.000 38.574 0 29  HYP A OD1 1 ? 
ATOM   184 N N   . PRO B 1 1  ? 29.918  -19.889 23.878  1.000 40.342 0 1   PRO B N   1 ? 
ATOM   185 C CA  . PRO B 1 1  ? 28.793  -20.179 22.994  1.000 41.489 0 1   PRO B CA  1 ? 
ATOM   186 C C   . PRO B 1 1  ? 28.533  -19.031 22.020  1.000 44.279 0 1   PRO B C   1 ? 
ATOM   187 O O   . PRO B 1 1  ? 29.156  -17.975 22.120  1.000 46.381 0 1   PRO B O   1 ? 
ATOM   188 C CB  . PRO B 1 1  ? 27.604  -20.425 23.941  1.000 42.955 0 1   PRO B CB  1 ? 
ATOM   189 C CG  . PRO B 1 1  ? 28.008  -19.722 25.218  1.000 42.548 0 1   PRO B CG  1 ? 
ATOM   190 C CD  . PRO B 1 1  ? 29.510  -19.876 25.284  1.000 41.597 0 1   PRO B CD  1 ? 
HETATM 191 N N   . HYP B 1 2  ? 27.623  -19.200 21.034  1.000 43.883 0 2   HYP B N   1 ? 
HETATM 192 C CA  . HYP B 1 2  ? 27.315  -18.123 20.092  1.000 42.293 0 2   HYP B CA  1 ? 
HETATM 193 C C   . HYP B 1 2  ? 26.710  -16.928 20.828  1.000 38.448 0 2   HYP B C   1 ? 
HETATM 194 O O   . HYP B 1 2  ? 25.962  -17.099 21.790  1.000 43.101 0 2   HYP B O   1 ? 
HETATM 195 C CB  . HYP B 1 2  ? 26.293  -18.761 19.138  1.000 42.998 0 2   HYP B CB  1 ? 
HETATM 196 C CG  . HYP B 1 2  ? 26.524  -20.258 19.286  1.000 46.275 0 2   HYP B CG  1 ? 
HETATM 197 C CD  . HYP B 1 2  ? 26.855  -20.423 20.758  1.000 46.432 0 2   HYP B CD  1 ? 
HETATM 198 O OD1 . HYP B 1 2  ? 27.614  -20.651 18.463  1.000 50.091 0 2   HYP B OD1 1 ? 
ATOM   199 N N   . GLY B 1 3  ? 27.048  -15.718 20.378  1.000 37.461 0 3   GLY B N   1 ? 
ATOM   200 C CA  . GLY B 1 3  ? 26.637  -14.506 21.070  1.000 36.995 0 3   GLY B CA  1 ? 
ATOM   201 C C   . GLY B 1 3  ? 25.126  -14.300 21.019  1.000 37.634 0 3   GLY B C   1 ? 
ATOM   202 O O   . GLY B 1 3  ? 24.398  -15.105 20.442  1.000 35.755 0 3   GLY B O   1 ? 
ATOM   203 N N   . PRO B 1 4  ? 24.605  -13.210 21.623  1.000 40.681 0 4   PRO B N   1 ? 
ATOM   204 C CA  . PRO B 1 4  ? 23.161  -12.998 21.702  1.000 41.091 0 4   PRO B CA  1 ? 
ATOM   205 C C   . PRO B 1 4  ? 22.635  -12.593 20.329  1.000 40.678 0 4   PRO B C   1 ? 
ATOM   206 O O   . PRO B 1 4  ? 23.389  -12.079 19.511  1.000 40.580 0 4   PRO B O   1 ? 
ATOM   207 C CB  . PRO B 1 4  ? 23.036  -11.870 22.719  1.000 43.315 0 4   PRO B CB  1 ? 
ATOM   208 C CG  . PRO B 1 4  ? 24.298  -11.064 22.486  1.000 45.279 0 4   PRO B CG  1 ? 
ATOM   209 C CD  . PRO B 1 4  ? 25.377  -12.095 22.192  1.000 43.701 0 4   PRO B CD  1 ? 
HETATM 210 N N   . HYP B 1 5  ? 21.330  -12.794 20.041  1.000 38.009 0 5   HYP B N   1 ? 
HETATM 211 C CA  . HYP B 1 5  ? 20.755  -12.350 18.774  1.000 38.019 0 5   HYP B CA  1 ? 
HETATM 212 C C   . HYP B 1 5  ? 21.070  -10.879 18.515  1.000 38.749 0 5   HYP B C   1 ? 
HETATM 213 O O   . HYP B 1 5  ? 21.247  -10.112 19.459  1.000 40.082 0 5   HYP B O   1 ? 
HETATM 214 C CB  . HYP B 1 5  ? 19.259  -12.626 18.982  1.000 37.707 0 5   HYP B CB  1 ? 
HETATM 215 C CG  . HYP B 1 5  ? 19.234  -13.800 19.949  1.000 37.077 0 5   HYP B CG  1 ? 
HETATM 216 C CD  . HYP B 1 5  ? 20.353  -13.473 20.905  1.000 38.813 0 5   HYP B CD  1 ? 
HETATM 217 O OD1 . HYP B 1 5  ? 19.498  -15.013 19.256  1.000 34.806 0 5   HYP B OD1 1 ? 
ATOM   218 N N   . GLY B 1 6  ? 21.137  -10.510 17.227  1.000 39.617 0 6   GLY B N   1 ? 
ATOM   219 C CA  . GLY B 1 6  ? 21.595  -9.196  16.802  1.000 42.224 0 6   GLY B CA  1 ? 
ATOM   220 C C   . GLY B 1 6  ? 20.460  -8.176  16.704  1.000 40.810 0 6   GLY B C   1 ? 
ATOM   221 O O   . GLY B 1 6  ? 19.349  -8.433  17.152  1.000 40.431 0 6   GLY B O   1 ? 
ATOM   222 N N   . PRO B 1 7  ? 20.718  -6.980  16.119  1.000 42.880 0 7   PRO B N   1 ? 
ATOM   223 C CA  . PRO B 1 7  ? 19.705  -5.932  16.021  1.000 40.986 0 7   PRO B CA  1 ? 
ATOM   224 C C   . PRO B 1 7  ? 18.609  -6.222  14.999  1.000 37.990 0 7   PRO B C   1 ? 
ATOM   225 O O   . PRO B 1 7  ? 18.806  -6.976  14.048  1.000 34.917 0 7   PRO B O   1 ? 
ATOM   226 C CB  . PRO B 1 7  ? 20.538  -4.693  15.630  1.000 43.163 0 7   PRO B CB  1 ? 
ATOM   227 C CG  . PRO B 1 7  ? 21.642  -5.280  14.791  1.000 45.461 0 7   PRO B CG  1 ? 
ATOM   228 C CD  . PRO B 1 7  ? 21.992  -6.584  15.496  1.000 44.923 0 7   PRO B CD  1 ? 
HETATM 229 N N   . HYP B 1 8  ? 17.416  -5.608  15.164  1.000 38.768 0 8   HYP B N   1 ? 
HETATM 230 C CA  . HYP B 1 8  ? 16.332  -5.723  14.183  1.000 36.461 0 8   HYP B CA  1 ? 
HETATM 231 C C   . HYP B 1 8  ? 16.751  -5.325  12.774  1.000 33.137 0 8   HYP B C   1 ? 
HETATM 232 O O   . HYP B 1 8  ? 17.662  -4.514  12.576  1.000 33.898 0 8   HYP B O   1 ? 
HETATM 233 C CB  . HYP B 1 8  ? 15.283  -4.760  14.738  1.000 37.210 0 8   HYP B CB  1 ? 
HETATM 234 C CG  . HYP B 1 8  ? 15.533  -4.807  16.239  1.000 37.451 0 8   HYP B CG  1 ? 
HETATM 235 C CD  . HYP B 1 8  ? 17.034  -4.794  16.331  1.000 38.577 0 8   HYP B CD  1 ? 
HETATM 236 O OD1 . HYP B 1 8  ? 15.052  -6.028  16.771  1.000 38.798 0 8   HYP B OD1 1 ? 
ATOM   237 N N   . GLY B 1 9  ? 16.080  -5.925  11.795  1.000 28.874 0 9   GLY B N   1 ? 
ATOM   238 C CA  . GLY B 1 9  ? 16.369  -5.643  10.404  1.000 29.437 0 9   GLY B CA  1 ? 
ATOM   239 C C   . GLY B 1 9  ? 15.766  -4.308  9.974   1.000 27.485 0 9   GLY B C   1 ? 
ATOM   240 O O   . GLY B 1 9  ? 15.105  -3.631  10.743  1.000 26.541 0 9   GLY B O   1 ? 
ATOM   241 N N   . PRO B 1 10 ? 15.965  -3.913  8.703   1.000 28.133 0 10  PRO B N   1 ? 
ATOM   242 C CA  . PRO B 1 10 ? 15.344  -2.704  8.167   1.000 29.163 0 10  PRO B CA  1 ? 
ATOM   243 C C   . PRO B 1 10 ? 13.825  -2.775  8.017   1.000 28.097 0 10  PRO B C   1 ? 
ATOM   244 O O   . PRO B 1 10 ? 13.238  -3.862  7.913   1.000 28.448 0 10  PRO B O   1 ? 
ATOM   245 C CB  . PRO B 1 10 ? 16.041  -2.563  6.801   1.000 30.501 0 10  PRO B CB  1 ? 
ATOM   246 C CG  . PRO B 1 10 ? 16.416  -3.972  6.425   1.000 32.194 0 10  PRO B CG  1 ? 
ATOM   247 C CD  . PRO B 1 10 ? 16.803  -4.628  7.729   1.000 30.922 0 10  PRO B CD  1 ? 
ATOM   248 N N   . GLN B 1 11 ? 13.198  -1.593  7.975   1.000 28.380 0 11  GLN B N   1 ? 
ATOM   249 C CA  . GLN B 1 11 ? 11.754  -1.484  7.809   1.000 29.395 0 11  GLN B CA  1 ? 
ATOM   250 C C   . GLN B 1 11 ? 11.358  -2.126  6.486   1.000 27.181 0 11  GLN B C   1 ? 
ATOM   251 O O   . GLN B 1 11 ? 12.103  -2.057  5.505   1.000 31.550 0 11  GLN B O   1 ? 
ATOM   252 C CB  . GLN B 1 11 ? 11.282  -0.029  7.833   1.000 29.567 0 11  GLN B CB  1 ? 
ATOM   253 C CG  . GLN B 1 11 ? 9.784   0.173   7.606   1.000 33.820 0 11  GLN B CG  1 ? 
ATOM   254 C CD  . GLN B 1 11 ? 9.356   1.626   7.697   1.000 39.215 0 11  GLN B CD  1 ? 
ATOM   255 O OE1 . GLN B 1 11 ? 9.481   2.407   6.745   1.000 42.251 0 11  GLN B OE1 1 ? 
ATOM   256 N NE2 . GLN B 1 11 ? 8.828   2.006   8.852   1.000 41.412 0 11  GLN B NE2 1 ? 
ATOM   257 N N   . GLY B 1 12 ? 10.195  -2.796  6.482   1.000 26.535 0 12  GLY B N   1 ? 
ATOM   258 C CA  . GLY B 1 12 ? 9.675   -3.319  5.231   1.000 26.338 0 12  GLY B CA  1 ? 
ATOM   259 C C   . GLY B 1 12 ? 9.238   -2.202  4.286   1.000 22.974 0 12  GLY B C   1 ? 
ATOM   260 O O   . GLY B 1 12 ? 9.021   -1.066  4.711   1.000 24.766 0 12  GLY B O   1 ? 
ATOM   261 N N   . PRO B 1 13 ? 9.045   -2.502  2.986   1.000 24.073 0 13  PRO B N   1 ? 
ATOM   262 C CA  . PRO B 1 13 ? 8.533   -1.512  2.039   1.000 22.016 0 13  PRO B CA  1 ? 
ATOM   263 C C   . PRO B 1 13 ? 7.141   -0.986  2.403   1.000 20.940 0 13  PRO B C   1 ? 
ATOM   264 O O   . PRO B 1 13 ? 6.325   -1.699  2.997   1.000 21.999 0 13  PRO B O   1 ? 
ATOM   265 C CB  . PRO B 1 13 ? 8.494   -2.240  0.681   1.000 25.758 0 13  PRO B CB  1 ? 
ATOM   266 C CG  . PRO B 1 13 ? 8.731   -3.704  0.979   1.000 26.253 0 13  PRO B CG  1 ? 
ATOM   267 C CD  . PRO B 1 13 ? 9.339   -3.797  2.365   1.000 27.117 0 13  PRO B CD  1 ? 
ATOM   268 N N   . LYS B 1 14 ? 6.832   0.252   2.010   1.000 21.213 0 14  LYS B N   1 ? 
ATOM   269 C CA  . LYS B 1 14 ? 5.487   0.791   2.075   1.000 20.927 0 14  LYS B CA  1 ? 
ATOM   270 C C   . LYS B 1 14 ? 4.565   -0.045  1.203   1.000 20.377 0 14  LYS B C   1 ? 
ATOM   271 O O   . LYS B 1 14 ? 4.974   -0.622  0.205   1.000 21.859 0 14  LYS B O   1 ? 
ATOM   272 C CB  . LYS B 1 14 ? 5.443   2.270   1.683   1.000 21.284 0 14  LYS B CB  1 ? 
ATOM   273 C CG  . LYS B 1 14 ? 4.095   2.991   1.676   1.000 22.507 0 14  LYS B CG  1 ? 
ATOM   274 C CD  . LYS B 1 14 ? 4.234   4.513   1.552   1.000 23.932 0 14  LYS B CD  1 ? 
ATOM   275 C CE  . LYS B 1 14 ? 2.948   5.284   1.556   1.000 23.840 0 14  LYS B CE  1 ? 
ATOM   276 N NZ  . LYS B 1 14 ? 3.150   6.737   1.405   1.000 25.946 0 14  LYS B NZ  1 ? 
ATOM   277 N N   . GLY B 1 15 ? 3.302   -0.188  1.641   1.000 22.203 0 15  GLY B N   1 ? 
ATOM   278 C CA  . GLY B 1 15 ? 2.326   -0.833  0.799   1.000 20.909 0 15  GLY B CA  1 ? 
ATOM   279 C C   . GLY B 1 15 ? 2.111   -0.100  -0.510  1.000 19.748 0 15  GLY B C   1 ? 
ATOM   280 O O   . GLY B 1 15 ? 2.456   1.083   -0.631  1.000 22.372 0 15  GLY B O   1 ? 
ATOM   281 N N   . ASP B 1 16 ? 1.659   -0.876  -1.493  1.000 22.884 0 16  ASP B N   1 ? 
ATOM   282 C CA  . ASP B 1 16 ? 1.336   -0.353  -2.807  1.000 21.318 0 16  ASP B CA  1 ? 
ATOM   283 C C   . ASP B 1 16 ? 0.190   0.640   -2.689  1.000 19.848 0 16  ASP B C   1 ? 
ATOM   284 O O   . ASP B 1 16 ? -0.622  0.608   -1.765  1.000 21.334 0 16  ASP B O   1 ? 
ATOM   285 C CB  . ASP B 1 16 ? 1.068   -1.455  -3.818  1.000 28.049 0 16  ASP B CB  1 ? 
ATOM   286 C CG  . ASP B 1 16 ? 2.294   -2.191  -4.350  1.000 32.906 0 16  ASP B CG  1 ? 
ATOM   287 O OD1 . ASP B 1 16 ? 3.439   -1.772  -4.029  1.000 33.097 0 16  ASP B OD1 1 ? 
ATOM   288 O OD2 . ASP B 1 16 ? 2.096   -3.195  -5.077  1.000 36.939 0 16  ASP B OD2 1 ? 
ATOM   289 N N   . LYS B 1 17 ? 0.123   1.569   -3.623  1.000 20.217 0 17  LYS B N   1 ? 
ATOM   290 C CA  . LYS B 1 17 ? -0.991  2.488   -3.693  1.000 19.446 0 17  LYS B CA  1 ? 
ATOM   291 C C   . LYS B 1 17 ? -2.263  1.685   -3.920  1.000 17.714 0 17  LYS B C   1 ? 
ATOM   292 O O   . LYS B 1 17 ? -2.248  0.699   -4.642  1.000 19.151 0 17  LYS B O   1 ? 
ATOM   293 C CB  . LYS B 1 17 ? -0.755  3.444   -4.870  1.000 20.732 0 17  LYS B CB  1 ? 
ATOM   294 C CG  . LYS B 1 17 ? -1.863  4.465   -5.085  1.000 21.916 0 17  LYS B CG  1 ? 
ATOM   295 C CD  . LYS B 1 17 ? -1.397  5.629   -5.967  1.000 23.219 0 17  LYS B CD  1 ? 
ATOM   296 C CE  . LYS B 1 17 ? -2.450  6.588   -6.384  1.000 24.013 0 17  LYS B CE  1 ? 
ATOM   297 N NZ  . LYS B 1 17 ? -1.978  7.695   -7.232  1.000 25.217 0 17  LYS B NZ  1 ? 
ATOM   298 N N   . GLY B 1 18 ? -3.372  2.179   -3.366  1.000 17.894 0 18  GLY B N   1 ? 
ATOM   299 C CA  . GLY B 1 18 ? -4.637  1.508   -3.580  1.000 16.779 0 18  GLY B CA  1 ? 
ATOM   300 C C   . GLY B 1 18 ? -5.090  1.535   -5.037  1.000 17.929 0 18  GLY B C   1 ? 
ATOM   301 O O   . GLY B 1 18 ? -4.646  2.357   -5.852  1.000 16.609 0 18  GLY B O   1 ? 
ATOM   302 N N   . ASP B 1 19 ? -6.057  0.673   -5.326  1.000 18.326 0 19  ASP B N   1 ? 
ATOM   303 C CA  . ASP B 1 19 ? -6.668  0.587   -6.637  1.000 18.521 0 19  ASP B CA  1 ? 
ATOM   304 C C   . ASP B 1 19 ? -7.460  1.860   -6.922  1.000 17.864 0 19  ASP B C   1 ? 
ATOM   305 O O   . ASP B 1 19 ? -8.010  2.513   -6.028  1.000 16.469 0 19  ASP B O   1 ? 
ATOM   306 C CB  . ASP B 1 19 ? -7.591  -0.614  -6.724  1.000 20.033 0 19  ASP B CB  1 ? 
ATOM   307 C CG  . ASP B 1 19 ? -6.906  -1.971  -6.691  1.000 22.436 0 19  ASP B CG  1 ? 
ATOM   308 O OD1 . ASP B 1 19 ? -5.778  -2.073  -7.206  1.000 24.708 0 19  ASP B OD1 1 ? 
ATOM   309 O OD2 . ASP B 1 19 ? -7.561  -2.959  -6.254  1.000 26.229 0 19  ASP B OD2 1 ? 
ATOM   310 N N   . PRO B 1 20 ? -7.618  2.234   -8.202  1.000 18.535 0 20  PRO B N   1 ? 
ATOM   311 C CA  . PRO B 1 20 ? -8.521  3.317   -8.559  1.000 17.731 0 20  PRO B CA  1 ? 
ATOM   312 C C   . PRO B 1 20 ? -9.928  2.966   -8.128  1.000 16.304 0 20  PRO B C   1 ? 
ATOM   313 O O   . PRO B 1 20 ? -10.287 1.794   -8.186  1.000 18.253 0 20  PRO B O   1 ? 
ATOM   314 C CB  . PRO B 1 20 ? -8.436  3.465   -10.090 1.000 20.586 0 20  PRO B CB  1 ? 
ATOM   315 C CG  . PRO B 1 20 ? -7.638  2.272   -10.553 1.000 23.347 0 20  PRO B CG  1 ? 
ATOM   316 C CD  . PRO B 1 20 ? -6.972  1.615   -9.368  1.000 21.186 0 20  PRO B CD  1 ? 
ATOM   317 N N   . GLY B 1 21 ? -10.714 4.001   -7.882  1.000 16.760 0 21  GLY B N   1 ? 
ATOM   318 C CA  . GLY B 1 21 ? -12.125 3.784   -7.645  1.000 16.260 0 21  GLY B CA  1 ? 
ATOM   319 C C   . GLY B 1 21 ? -12.884 3.285   -8.866  1.000 17.007 0 21  GLY B C   1 ? 
ATOM   320 O O   . GLY B 1 21 ? -12.385 3.218   -10.003 1.000 17.306 0 21  GLY B O   1 ? 
ATOM   321 N N   . PRO B 1 22 ? -14.165 2.921   -8.635  1.000 17.872 0 22  PRO B N   1 ? 
ATOM   322 C CA  . PRO B 1 22 ? -15.097 2.557   -9.705  1.000 17.467 0 22  PRO B CA  1 ? 
ATOM   323 C C   . PRO B 1 22 ? -15.376 3.723   -10.660 1.000 17.046 0 22  PRO B C   1 ? 
ATOM   324 O O   . PRO B 1 22 ? -15.256 4.882   -10.284 1.000 17.494 0 22  PRO B O   1 ? 
ATOM   325 C CB  . PRO B 1 22 ? -16.367 2.096   -8.935  1.000 19.778 0 22  PRO B CB  1 ? 
ATOM   326 C CG  . PRO B 1 22 ? -15.874 2.003   -7.560  1.000 20.546 0 22  PRO B CG  1 ? 
ATOM   327 C CD  . PRO B 1 22 ? -14.810 2.964   -7.311  1.000 18.961 0 22  PRO B CD  1 ? 
HETATM 328 N N   . HYP B 1 23 ? -15.872 3.423   -11.878 1.000 19.435 0 23  HYP B N   1 ? 
HETATM 329 C CA  . HYP B 1 23 ? -16.301 4.466   -12.804 1.000 18.124 0 23  HYP B CA  1 ? 
HETATM 330 C C   . HYP B 1 23 ? -17.407 5.328   -12.213 1.000 17.457 0 23  HYP B C   1 ? 
HETATM 331 O O   . HYP B 1 23 ? -18.244 4.881   -11.408 1.000 18.796 0 23  HYP B O   1 ? 
HETATM 332 C CB  . HYP B 1 23 ? -16.775 3.686   -14.034 1.000 20.877 0 23  HYP B CB  1 ? 
HETATM 333 C CG  . HYP B 1 23 ? -16.059 2.355   -13.907 1.000 20.304 0 23  HYP B CG  1 ? 
HETATM 334 C CD  . HYP B 1 23 ? -16.068 2.081   -12.429 1.000 21.437 0 23  HYP B CD  1 ? 
HETATM 335 O OD1 . HYP B 1 23 ? -14.708 2.498   -14.315 1.000 22.337 0 23  HYP B OD1 1 ? 
ATOM   336 N N   . GLY B 1 24 ? -17.392 6.596   -12.588 1.000 17.305 0 24  GLY B N   1 ? 
ATOM   337 C CA  . GLY B 1 24 ? -18.431 7.517   -12.201 1.000 16.649 0 24  GLY B CA  1 ? 
ATOM   338 C C   . GLY B 1 24 ? -19.772 7.127   -12.817 1.000 16.994 0 24  GLY B C   1 ? 
ATOM   339 O O   . GLY B 1 24 ? -19.880 6.302   -13.715 1.000 19.069 0 24  GLY B O   1 ? 
ATOM   340 N N   . PRO B 1 25 ? -20.853 7.738   -12.317 1.000 18.589 0 25  PRO B N   1 ? 
ATOM   341 C CA  . PRO B 1 25 ? -22.169 7.513   -12.897 1.000 19.547 0 25  PRO B CA  1 ? 
ATOM   342 C C   . PRO B 1 25 ? -22.275 8.066   -14.322 1.000 20.533 0 25  PRO B C   1 ? 
ATOM   343 O O   . PRO B 1 25 ? -21.557 9.001   -14.680 1.000 19.548 0 25  PRO B O   1 ? 
ATOM   344 C CB  . PRO B 1 25 ? -23.110 8.226   -11.957 1.000 22.033 0 25  PRO B CB  1 ? 
ATOM   345 C CG  . PRO B 1 25 ? -22.261 9.059   -11.040 1.000 21.432 0 25  PRO B CG  1 ? 
ATOM   346 C CD  . PRO B 1 25 ? -20.803 8.728   -11.239 1.000 20.204 0 25  PRO B CD  1 ? 
HETATM 347 N N   . HYP B 1 26 ? -23.220 7.542   -15.139 1.000 23.564 0 26  HYP B N   1 ? 
HETATM 348 C CA  . HYP B 1 26 ? -23.554 8.093   -16.445 1.000 24.970 0 26  HYP B CA  1 ? 
HETATM 349 C C   . HYP B 1 26 ? -23.927 9.555   -16.295 1.000 24.727 0 26  HYP B C   1 ? 
HETATM 350 O O   . HYP B 1 26 ? -24.517 9.932   -15.291 1.000 26.442 0 26  HYP B O   1 ? 
HETATM 351 C CB  . HYP B 1 26 ? -24.782 7.314   -16.906 1.000 28.429 0 26  HYP B CB  1 ? 
HETATM 352 C CG  . HYP B 1 26 ? -24.630 5.992   -16.178 1.000 28.037 0 26  HYP B CG  1 ? 
HETATM 353 C CD  . HYP B 1 26 ? -24.084 6.392   -14.819 1.000 24.594 0 26  HYP B CD  1 ? 
HETATM 354 O OD1 . HYP B 1 26 ? -23.687 5.217   -16.899 1.000 30.014 0 26  HYP B OD1 1 ? 
ATOM   355 N N   . GLY B 1 27 ? -23.465 10.373  -17.250 1.000 25.413 0 27  GLY B N   1 ? 
ATOM   356 C CA  . GLY B 1 27 ? -23.931 11.744  -17.330 1.000 26.128 0 27  GLY B CA  1 ? 
ATOM   357 C C   . GLY B 1 27 ? -25.457 11.817  -17.395 1.000 25.746 0 27  GLY B C   1 ? 
ATOM   358 O O   . GLY B 1 27 ? -26.134 10.850  -17.756 1.000 25.282 0 27  GLY B O   1 ? 
ATOM   359 N N   . PRO B 1 28 ? -26.041 12.984  -17.056 1.000 29.015 0 28  PRO B N   1 ? 
ATOM   360 C CA  . PRO B 1 28 ? -27.479 13.179  -17.157 1.000 32.135 0 28  PRO B CA  1 ? 
ATOM   361 C C   . PRO B 1 28 ? -27.982 13.108  -18.595 1.000 32.580 0 28  PRO B C   1 ? 
ATOM   362 O O   . PRO B 1 28 ? -27.278 13.455  -19.550 1.000 33.204 0 28  PRO B O   1 ? 
ATOM   363 C CB  . PRO B 1 28 ? -27.686 14.556  -16.528 1.000 34.968 0 28  PRO B CB  1 ? 
ATOM   364 C CG  . PRO B 1 28 ? -26.404 15.283  -16.845 1.000 36.412 0 28  PRO B CG  1 ? 
ATOM   365 C CD  . PRO B 1 28 ? -25.329 14.214  -16.662 1.000 34.163 0 28  PRO B CD  1 ? 
HETATM 366 N N   . HYP B 1 29 ? -29.226 12.628  -18.772 1.000 31.213 0 29  HYP B N   1 ? 
HETATM 367 C CA  . HYP B 1 29 ? -29.887 12.634  -20.075 1.000 32.463 0 29  HYP B CA  1 ? 
HETATM 368 C C   . HYP B 1 29 ? -29.883 14.072  -20.572 1.000 33.604 0 29  HYP B C   1 ? 
HETATM 369 O O   . HYP B 1 29 ? -30.323 14.957  -19.848 1.000 33.573 0 29  HYP B O   1 ? 
HETATM 370 C CB  . HYP B 1 29 ? -31.284 12.110  -19.713 1.000 32.367 0 29  HYP B CB  1 ? 
HETATM 371 C CG  . HYP B 1 29 ? -31.020 11.256  -18.486 1.000 32.993 0 29  HYP B CG  1 ? 
HETATM 372 C CD  . HYP B 1 29 ? -30.085 12.112  -17.695 1.000 33.085 0 29  HYP B CD  1 ? 
HETATM 373 O OD1 . HYP B 1 29 ? -30.362 10.052  -18.864 1.000 37.592 0 29  HYP B OD1 1 ? 
ATOM   374 N N   . GLY B 1 30 ? -29.338 14.307  -21.773 1.000 40.528 0 30  GLY B N   1 ? 
ATOM   375 C CA  . GLY B 1 30 ? -29.159 15.659  -22.279 1.000 44.368 0 30  GLY B CA  1 ? 
ATOM   376 C C   . GLY B 1 30 ? -30.488 16.291  -22.645 1.000 48.390 0 30  GLY B C   1 ? 
ATOM   377 O O   . GLY B 1 30 ? -31.106 15.792  -23.611 1.000 52.070 0 30  GLY B O   1 ? 
ATOM   378 N N   . PRO C 1 4  ? 30.013  -11.706 20.852  1.000 44.875 0 4   PRO C N   1 ? 
ATOM   379 C CA  . PRO C 1 4  ? 29.589  -10.543 20.085  1.000 45.575 0 4   PRO C CA  1 ? 
ATOM   380 C C   . PRO C 1 4  ? 28.172  -10.712 19.545  1.000 45.609 0 4   PRO C C   1 ? 
ATOM   381 O O   . PRO C 1 4  ? 27.886  -11.708 18.887  1.000 44.032 0 4   PRO C O   1 ? 
ATOM   382 C CB  . PRO C 1 4  ? 30.627  -10.423 18.943  1.000 46.112 0 4   PRO C CB  1 ? 
ATOM   383 C CG  . PRO C 1 4  ? 31.504  -11.661 19.067  1.000 47.690 0 4   PRO C CG  1 ? 
ATOM   384 C CD  . PRO C 1 4  ? 30.753  -12.609 19.987  1.000 48.293 0 4   PRO C CD  1 ? 
HETATM 385 N N   . HYP C 1 5  ? 27.255  -9.747  19.801  1.000 43.036 0 5   HYP C N   1 ? 
HETATM 386 C CA  . HYP C 1 5  ? 25.917  -9.763  19.196  1.000 41.725 0 5   HYP C CA  1 ? 
HETATM 387 C C   . HYP C 1 5  ? 25.965  -9.978  17.678  1.000 44.654 0 5   HYP C C   1 ? 
HETATM 388 O O   . HYP C 1 5  ? 26.915  -9.558  17.026  1.000 47.384 0 5   HYP C O   1 ? 
HETATM 389 C CB  . HYP C 1 5  ? 25.372  -8.379  19.592  1.000 39.740 0 5   HYP C CB  1 ? 
HETATM 390 C CG  . HYP C 1 5  ? 26.066  -8.059  20.907  1.000 40.199 0 5   HYP C CG  1 ? 
HETATM 391 C CD  . HYP C 1 5  ? 27.459  -8.598  20.702  1.000 40.133 0 5   HYP C CD  1 ? 
HETATM 392 O OD1 . HYP C 1 5  ? 25.417  -8.720  21.986  1.000 43.293 0 5   HYP C OD1 1 ? 
ATOM   393 N N   . GLY C 1 6  ? 24.932  -10.639 17.129  1.000 45.943 0 6   GLY C N   1 ? 
ATOM   394 C CA  . GLY C 1 6  ? 24.920  -11.071 15.734  1.000 42.693 0 6   GLY C CA  1 ? 
ATOM   395 C C   . GLY C 1 6  ? 24.480  -9.983  14.751  1.000 42.089 0 6   GLY C C   1 ? 
ATOM   396 O O   . GLY C 1 6  ? 24.216  -8.855  15.156  1.000 43.015 0 6   GLY C O   1 ? 
ATOM   397 N N   . PRO C 1 7  ? 24.371  -10.304 13.434  1.000 41.470 0 7   PRO C N   1 ? 
ATOM   398 C CA  . PRO C 1 7  ? 24.075  -9.318  12.386  1.000 40.945 0 7   PRO C CA  1 ? 
ATOM   399 C C   . PRO C 1 7  ? 22.629  -8.835  12.455  1.000 42.603 0 7   PRO C C   1 ? 
ATOM   400 O O   . PRO C 1 7  ? 21.822  -9.436  13.163  1.000 42.115 0 7   PRO C O   1 ? 
ATOM   401 C CB  . PRO C 1 7  ? 24.339  -10.063 11.061  1.000 42.593 0 7   PRO C CB  1 ? 
ATOM   402 C CG  . PRO C 1 7  ? 24.991  -11.365 11.462  1.000 43.715 0 7   PRO C CG  1 ? 
ATOM   403 C CD  . PRO C 1 7  ? 24.519  -11.656 12.876  1.000 41.556 0 7   PRO C CD  1 ? 
HETATM 404 N N   . HYP C 1 8  ? 22.248  -7.755  11.731  1.000 42.496 0 8   HYP C N   1 ? 
HETATM 405 C CA  . HYP C 1 8  ? 20.872  -7.273  11.749  1.000 40.237 0 8   HYP C CA  1 ? 
HETATM 406 C C   . HYP C 1 8  ? 19.932  -8.319  11.180  1.000 36.509 0 8   HYP C C   1 ? 
HETATM 407 O O   . HYP C 1 8  ? 20.320  -9.114  10.329  1.000 35.779 0 8   HYP C O   1 ? 
HETATM 408 C CB  . HYP C 1 8  ? 20.875  -6.044  10.833  1.000 42.055 0 8   HYP C CB  1 ? 
HETATM 409 C CG  . HYP C 1 8  ? 22.329  -5.611  10.847  1.000 44.123 0 8   HYP C CG  1 ? 
HETATM 410 C CD  . HYP C 1 8  ? 23.104  -6.911  10.881  1.000 43.303 0 8   HYP C CD  1 ? 
HETATM 411 O OD1 . HYP C 1 8  ? 22.558  -4.859  12.029  1.000 49.161 0 8   HYP C OD1 1 ? 
ATOM   412 N N   . GLY C 1 9  ? 18.694  -8.278  11.659  1.000 36.746 0 9   GLY C N   1 ? 
ATOM   413 C CA  . GLY C 1 9  ? 17.672  -9.205  11.226  1.000 32.976 0 9   GLY C CA  1 ? 
ATOM   414 C C   . GLY C 1 9  ? 17.202  -8.937  9.799   1.000 32.080 0 9   GLY C C   1 ? 
ATOM   415 O O   . GLY C 1 9  ? 17.666  -8.017  9.122   1.000 32.287 0 9   GLY C O   1 ? 
ATOM   416 N N   . PRO C 1 10 ? 16.262  -9.760  9.294   1.000 30.535 0 10  PRO C N   1 ? 
ATOM   417 C CA  . PRO C 1 10 ? 15.716  -9.584  7.958   1.000 30.694 0 10  PRO C CA  1 ? 
ATOM   418 C C   . PRO C 1 10 ? 14.837  -8.348  7.855   1.000 31.112 0 10  PRO C C   1 ? 
ATOM   419 O O   . PRO C 1 10 ? 14.362  -7.816  8.851   1.000 28.609 0 10  PRO C O   1 ? 
ATOM   420 C CB  . PRO C 1 10 ? 14.901  -10.841 7.695   1.000 32.247 0 10  PRO C CB  1 ? 
ATOM   421 C CG  . PRO C 1 10 ? 15.291  -11.780 8.808   1.000 31.378 0 10  PRO C CG  1 ? 
ATOM   422 C CD  . PRO C 1 10 ? 15.684  -10.924 9.983   1.000 30.143 0 10  PRO C CD  1 ? 
ATOM   423 N N   . GLN C 1 11 ? 14.664  -7.888  6.615   1.000 28.458 0 11  GLN C N   1 ? 
ATOM   424 C CA  . GLN C 1 11 ? 13.747  -6.812  6.311   1.000 28.345 0 11  GLN C CA  1 ? 
ATOM   425 C C   . GLN C 1 11 ? 12.328  -7.156  6.743   1.000 27.839 0 11  GLN C C   1 ? 
ATOM   426 O O   . GLN C 1 11 ? 11.870  -8.271  6.542   1.000 29.546 0 11  GLN C O   1 ? 
ATOM   427 C CB  . GLN C 1 11 ? 13.814  -6.618  4.802   1.000 30.921 0 11  GLN C CB  1 ? 
ATOM   428 C CG  . GLN C 1 11 ? 12.846  -5.574  4.274   1.000 33.850 0 11  GLN C CG  1 ? 
ATOM   429 C CD  . GLN C 1 11 ? 13.158  -5.212  2.843   1.000 36.573 0 11  GLN C CD  1 ? 
ATOM   430 O OE1 . GLN C 1 11 ? 14.267  -4.771  2.526   1.000 42.574 0 11  GLN C OE1 1 ? 
ATOM   431 N NE2 . GLN C 1 11 ? 12.195  -5.438  1.967   1.000 38.312 0 11  GLN C NE2 1 ? 
ATOM   432 N N   . GLY C 1 12 ? 11.629  -6.155  7.271   1.000 27.098 0 12  GLY C N   1 ? 
ATOM   433 C CA  . GLY C 1 12 ? 10.259  -6.329  7.728   1.000 27.056 0 12  GLY C CA  1 ? 
ATOM   434 C C   . GLY C 1 12 ? 9.287   -6.550  6.571   1.000 26.604 0 12  GLY C C   1 ? 
ATOM   435 O O   . GLY C 1 12 ? 9.612   -6.316  5.406   1.000 26.166 0 12  GLY C O   1 ? 
ATOM   436 N N   . PRO C 1 13 ? 8.046   -6.993  6.848   1.000 24.974 0 13  PRO C N   1 ? 
ATOM   437 C CA  . PRO C 1 13 ? 7.065   -7.244  5.797   1.000 25.048 0 13  PRO C CA  1 ? 
ATOM   438 C C   . PRO C 1 13 ? 6.592   -5.955  5.130   1.000 22.701 0 13  PRO C C   1 ? 
ATOM   439 O O   . PRO C 1 13 ? 6.627   -4.895  5.718   1.000 23.274 0 13  PRO C O   1 ? 
ATOM   440 C CB  . PRO C 1 13 ? 5.924   -7.983  6.530   1.000 25.516 0 13  PRO C CB  1 ? 
ATOM   441 C CG  . PRO C 1 13 ? 6.081   -7.604  7.967   1.000 26.033 0 13  PRO C CG  1 ? 
ATOM   442 C CD  . PRO C 1 13 ? 7.547   -7.338  8.191   1.000 24.395 0 13  PRO C CD  1 ? 
ATOM   443 N N   . LYS C 1 14 ? 6.094   -6.076  3.911   1.000 23.157 0 14  LYS C N   1 ? 
ATOM   444 C CA  . LYS C 1 14 ? 5.443   -4.984  3.221   1.000 21.253 0 14  LYS C CA  1 ? 
ATOM   445 C C   . LYS C 1 14 ? 4.201   -4.488  3.971   1.000 20.226 0 14  LYS C C   1 ? 
ATOM   446 O O   . LYS C 1 14 ? 3.450   -5.257  4.604   1.000 23.086 0 14  LYS C O   1 ? 
ATOM   447 C CB  . LYS C 1 14 ? 5.110   -5.452  1.806   1.000 25.838 0 14  LYS C CB  1 ? 
ATOM   448 C CG  . LYS C 1 14 ? 4.682   -4.348  0.861   1.000 25.585 0 14  LYS C CG  1 ? 
ATOM   449 C CD  . LYS C 1 14 ? 4.654   -4.838  -0.578  1.000 25.967 0 14  LYS C CD  1 ? 
ATOM   450 C CE  . LYS C 1 14 ? 4.174   -3.799  -1.547  1.000 26.371 0 14  LYS C CE  1 ? 
ATOM   451 N NZ  . LYS C 1 14 ? 5.090   -2.672  -1.635  1.000 28.740 0 14  LYS C NZ  1 ? 
ATOM   452 N N   . GLY C 1 15 ? 4.016   -3.172  3.924   1.000 19.518 0 15  GLY C N   1 ? 
ATOM   453 C CA  . GLY C 1 15 ? 2.861   -2.516  4.499   1.000 19.945 0 15  GLY C CA  1 ? 
ATOM   454 C C   . GLY C 1 15 ? 1.591   -2.902  3.762   1.000 19.749 0 15  GLY C C   1 ? 
ATOM   455 O O   . GLY C 1 15 ? 1.629   -3.525  2.704   1.000 21.021 0 15  GLY C O   1 ? 
ATOM   456 N N   . ASP C 1 16 ? 0.460   -2.599  4.408   1.000 21.163 0 16  ASP C N   1 ? 
ATOM   457 C CA  . ASP C 1 16 ? -0.840  -2.912  3.857   1.000 22.570 0 16  ASP C CA  1 ? 
ATOM   458 C C   . ASP C 1 16 ? -1.055  -2.081  2.598   1.000 19.659 0 16  ASP C C   1 ? 
ATOM   459 O O   . ASP C 1 16 ? -0.615  -0.930  2.526   1.000 22.022 0 16  ASP C O   1 ? 
ATOM   460 C CB  . ASP C 1 16 ? -1.936  -2.671  4.885   1.000 24.148 0 16  ASP C CB  1 ? 
ATOM   461 C CG  . ASP C 1 16 ? -1.946  -3.557  6.131   1.000 27.123 0 16  ASP C CG  1 ? 
ATOM   462 O OD1 . ASP C 1 16 ? -1.505  -4.718  6.056   1.000 30.499 0 16  ASP C OD1 1 ? 
ATOM   463 O OD2 . ASP C 1 16 ? -2.326  -3.042  7.192   1.000 35.229 0 16  ASP C OD2 1 ? 
ATOM   464 N N   . LYS C 1 17 ? -1.749  -2.655  1.613   1.000 21.448 0 17  LYS C N   1 ? 
ATOM   465 C CA  . LYS C 1 17 ? -2.158  -1.904  0.432   1.000 20.752 0 17  LYS C CA  1 ? 
ATOM   466 C C   . LYS C 1 17 ? -3.020  -0.712  0.829   1.000 19.051 0 17  LYS C C   1 ? 
ATOM   467 O O   . LYS C 1 17 ? -3.842  -0.784  1.751   1.000 20.203 0 17  LYS C O   1 ? 
ATOM   468 C CB  . LYS C 1 17 ? -2.867  -2.793  -0.584  1.000 24.296 0 17  LYS C CB  1 ? 
ATOM   469 C CG  . LYS C 1 17 ? -3.102  -2.206  -1.947  1.000 28.263 0 17  LYS C CG  1 ? 
ATOM   470 C CD  . LYS C 1 17 ? -3.557  -3.275  -2.927  1.000 31.120 0 17  LYS C CD  1 ? 
ATOM   471 C CE  . LYS C 1 17 ? -3.529  -2.830  -4.344  1.000 35.136 0 17  LYS C CE  1 ? 
ATOM   472 N NZ  . LYS C 1 17 ? -4.199  -3.829  -5.188  1.000 37.252 0 17  LYS C NZ  1 ? 
ATOM   473 N N   . GLY C 1 18 ? -2.852  0.395   0.115   1.000 19.754 0 18  GLY C N   1 ? 
ATOM   474 C CA  . GLY C 1 18 ? -3.659  1.566   0.363   1.000 19.022 0 18  GLY C CA  1 ? 
ATOM   475 C C   . GLY C 1 18 ? -5.131  1.299   0.073   1.000 18.303 0 18  GLY C C   1 ? 
ATOM   476 O O   . GLY C 1 18 ? -5.472  0.357   -0.633  1.000 18.586 0 18  GLY C O   1 ? 
ATOM   477 N N   . ASP C 1 19 ? -5.985  2.143   0.653   1.000 18.742 0 19  ASP C N   1 ? 
ATOM   478 C CA  . ASP C 1 19 ? -7.421  2.041   0.459   1.000 19.318 0 19  ASP C CA  1 ? 
ATOM   479 C C   . ASP C 1 19 ? -7.803  2.293   -0.992  1.000 19.591 0 19  ASP C C   1 ? 
ATOM   480 O O   . ASP C 1 19 ? -7.154  3.081   -1.700  1.000 19.840 0 19  ASP C O   1 ? 
ATOM   481 C CB  . ASP C 1 19 ? -8.186  3.031   1.325   1.000 20.583 0 19  ASP C CB  1 ? 
ATOM   482 C CG  . ASP C 1 19 ? -8.113  2.821   2.828   1.000 21.914 0 19  ASP C CG  1 ? 
ATOM   483 O OD1 . ASP C 1 19 ? -7.821  1.662   3.258   1.000 25.402 0 19  ASP C OD1 1 ? 
ATOM   484 O OD2 . ASP C 1 19 ? -8.351  3.813   3.551   1.000 25.502 0 19  ASP C OD2 1 ? 
ATOM   485 N N   . PRO C 1 20 ? -8.785  1.595   -1.566  1.000 20.822 0 20  PRO C N   1 ? 
ATOM   486 C CA  . PRO C 1 20 ? -9.290  1.892   -2.900  1.000 20.262 0 20  PRO C CA  1 ? 
ATOM   487 C C   . PRO C 1 20 ? -9.817  3.312   -3.005  1.000 18.332 0 20  PRO C C   1 ? 
ATOM   488 O O   . PRO C 1 20 ? -10.190 3.930   -2.038  1.000 20.636 0 20  PRO C O   1 ? 
ATOM   489 C CB  . PRO C 1 20 ? -10.328 0.913   -3.287  1.000 20.521 0 20  PRO C CB  1 ? 
ATOM   490 C CG  . PRO C 1 20 ? -10.467 0.066   -2.043  1.000 23.074 0 20  PRO C CG  1 ? 
ATOM   491 C CD  . PRO C 1 20 ? -9.591  0.544   -0.901  1.000 22.164 0 20  PRO C CD  1 ? 
ATOM   492 N N   . GLY C 1 21 ? -9.666  3.923   -4.191  1.000 17.788 0 21  GLY C N   1 ? 
ATOM   493 C CA  . GLY C 1 21 ? -10.120 5.291   -4.304  1.000 16.144 0 21  GLY C CA  1 ? 
ATOM   494 C C   . GLY C 1 21 ? -11.634 5.378   -4.431  1.000 16.567 0 21  GLY C C   1 ? 
ATOM   495 O O   . GLY C 1 21 ? -12.309 4.380   -4.634  1.000 16.889 0 21  GLY C O   1 ? 
ATOM   496 N N   . PRO C 1 22 ? -12.176 6.604   -4.418  1.000 19.024 0 22  PRO C N   1 ? 
ATOM   497 C CA  . PRO C 1 22 ? -13.616 6.858   -4.521  1.000 19.014 0 22  PRO C CA  1 ? 
ATOM   498 C C   . PRO C 1 22 ? -14.144 6.721   -5.941  1.000 19.600 0 22  PRO C C   1 ? 
ATOM   499 O O   . PRO C 1 22 ? -13.353 6.743   -6.892  1.000 17.843 0 22  PRO C O   1 ? 
ATOM   500 C CB  . PRO C 1 22 ? -13.693 8.301   -4.046  1.000 20.670 0 22  PRO C CB  1 ? 
ATOM   501 C CG  . PRO C 1 22 ? -12.425 8.896   -4.595  1.000 20.375 0 22  PRO C CG  1 ? 
ATOM   502 C CD  . PRO C 1 22 ? -11.393 7.841   -4.317  1.000 19.612 0 22  PRO C CD  1 ? 
HETATM 503 N N   . HYP C 1 23 ? -15.476 6.580   -6.125  1.000 18.227 0 23  HYP C N   1 ? 
HETATM 504 C CA  . HYP C 1 23 ? -16.089 6.603   -7.454  1.000 17.475 0 23  HYP C CA  1 ? 
HETATM 505 C C   . HYP C 1 23 ? -15.598 7.837   -8.216  1.000 17.413 0 23  HYP C C   1 ? 
HETATM 506 O O   . HYP C 1 23 ? -15.392 8.900   -7.626  1.000 19.742 0 23  HYP C O   1 ? 
HETATM 507 C CB  . HYP C 1 23 ? -17.587 6.641   -7.162  1.000 19.352 0 23  HYP C CB  1 ? 
HETATM 508 C CG  . HYP C 1 23 ? -17.678 5.902   -5.832  1.000 19.795 0 23  HYP C CG  1 ? 
HETATM 509 C CD  . HYP C 1 23 ? -16.480 6.399   -5.051  1.000 19.082 0 23  HYP C CD  1 ? 
HETATM 510 O OD1 . HYP C 1 23 ? -17.596 4.514   -6.109  1.000 21.135 0 23  HYP C OD1 1 ? 
ATOM   511 N N   . GLY C 1 24 ? -15.455 7.648   -9.534  1.000 17.597 0 24  GLY C N   1 ? 
ATOM   512 C CA  . GLY C 1 24 ? -15.166 8.769   -10.402 1.000 18.400 0 24  GLY C CA  1 ? 
ATOM   513 C C   . GLY C 1 24 ? -16.329 9.754   -10.506 1.000 18.745 0 24  GLY C C   1 ? 
ATOM   514 O O   . GLY C 1 24 ? -17.439 9.550   -9.996  1.000 19.298 0 24  GLY C O   1 ? 
ATOM   515 N N   . PRO C 1 25 ? -16.099 10.903  -11.177 1.000 18.872 0 25  PRO C N   1 ? 
ATOM   516 C CA  . PRO C 1 25 ? -17.141 11.890  -11.395 1.000 19.267 0 25  PRO C CA  1 ? 
ATOM   517 C C   . PRO C 1 25 ? -18.160 11.439  -12.431 1.000 19.483 0 25  PRO C C   1 ? 
ATOM   518 O O   . PRO C 1 25 ? -17.907 10.510  -13.194 1.000 18.285 0 25  PRO C O   1 ? 
ATOM   519 C CB  . PRO C 1 25 ? -16.402 13.139  -11.838 1.000 20.414 0 25  PRO C CB  1 ? 
ATOM   520 C CG  . PRO C 1 25 ? -15.065 12.644  -12.279 1.000 21.451 0 25  PRO C CG  1 ? 
ATOM   521 C CD  . PRO C 1 25 ? -14.810 11.262  -11.783 1.000 20.241 0 25  PRO C CD  1 ? 
HETATM 522 N N   . HYP C 1 26 ? -19.321 12.124  -12.489 1.000 22.392 0 26  HYP C N   1 ? 
HETATM 523 C CA  . HYP C 1 26 ? -20.292 11.897  -13.552 1.000 22.323 0 26  HYP C CA  1 ? 
HETATM 524 C C   . HYP C 1 26 ? -19.709 12.114  -14.938 1.000 23.320 0 26  HYP C C   1 ? 
HETATM 525 O O   . HYP C 1 26 ? -18.801 12.910  -15.125 1.000 24.821 0 26  HYP C O   1 ? 
HETATM 526 C CB  . HYP C 1 26 ? -21.381 12.936  -13.241 1.000 23.967 0 26  HYP C CB  1 ? 
HETATM 527 C CG  . HYP C 1 26 ? -21.247 13.191  -11.746 1.000 26.106 0 26  HYP C CG  1 ? 
HETATM 528 C CD  . HYP C 1 26 ? -19.751 13.174  -11.542 1.000 23.422 0 26  HYP C CD  1 ? 
HETATM 529 O OD1 . HYP C 1 26 ? -21.847 12.132  -11.012 1.000 27.236 0 26  HYP C OD1 1 ? 
ATOM   530 N N   . GLY C 1 27 ? -20.266 11.413  -15.907 1.000 22.966 0 27  GLY C N   1 ? 
ATOM   531 C CA  . GLY C 1 27 ? -19.933 11.675  -17.286 1.000 24.387 0 27  GLY C CA  1 ? 
ATOM   532 C C   . GLY C 1 27 ? -20.505 13.018  -17.715 1.000 25.479 0 27  GLY C C   1 ? 
ATOM   533 O O   . GLY C 1 27 ? -21.299 13.650  -17.020 1.000 28.863 0 27  GLY C O   1 ? 
ATOM   534 N N   . PRO C 1 28 ? -20.134 13.472  -18.922 1.000 30.914 0 28  PRO C N   1 ? 
ATOM   535 C CA  . PRO C 1 28 ? -20.684 14.715  -19.449 1.000 33.375 0 28  PRO C CA  1 ? 
ATOM   536 C C   . PRO C 1 28 ? -22.171 14.570  -19.761 1.000 32.694 0 28  PRO C C   1 ? 
ATOM   537 O O   . PRO C 1 28 ? -22.613 13.470  -20.097 1.000 32.224 0 28  PRO C O   1 ? 
ATOM   538 C CB  . PRO C 1 28 ? -19.847 14.919  -20.708 1.000 34.145 0 28  PRO C CB  1 ? 
ATOM   539 C CG  . PRO C 1 28 ? -19.467 13.533  -21.161 1.000 33.950 0 28  PRO C CG  1 ? 
ATOM   540 C CD  . PRO C 1 28 ? -19.274 12.743  -19.866 1.000 32.264 0 28  PRO C CD  1 ? 
HETATM 541 N N   . HYP C 1 29 ? -22.964 15.673  -19.727 1.000 37.184 0 29  HYP C N   1 ? 
HETATM 542 C CA  . HYP C 1 29 ? -24.399 15.620  -20.032 1.000 37.773 0 29  HYP C CA  1 ? 
HETATM 543 C C   . HYP C 1 29 ? -24.713 15.088  -21.440 1.000 36.206 0 29  HYP C C   1 ? 
HETATM 544 O O   . HYP C 1 29 ? -23.832 15.228  -22.271 1.000 40.239 0 29  HYP C O   1 ? 
HETATM 545 C CB  . HYP C 1 29 ? -24.833 17.094  -19.940 1.000 38.851 0 29  HYP C CB  1 ? 
HETATM 546 C CG  . HYP C 1 29 ? -23.799 17.718  -19.018 1.000 39.826 0 29  HYP C CG  1 ? 
HETATM 547 C CD  . HYP C 1 29 ? -22.511 17.047  -19.441 1.000 38.299 0 29  HYP C CD  1 ? 
HETATM 548 O OD1 . HYP C 1 29 ? -24.121 17.380  -17.676 1.000 39.983 0 29  HYP C OD1 1 ? 
HETATM 549 O O   . HOH D 2 .  ? -14.248 14.279  -15.607 1.000 29.499 0 101 HOH A O   1 ? 
HETATM 550 O O   . HOH D 2 .  ? -11.942 9.184   -0.853  1.000 33.576 0 102 HOH A O   1 ? 
HETATM 551 O O   . HOH D 2 .  ? -3.841  9.243   -2.757  1.000 30.028 0 103 HOH A O   1 ? 
HETATM 552 O O   . HOH D 2 .  ? 11.111  -12.483 8.176   1.000 38.855 0 104 HOH A O   1 ? 
HETATM 553 O O   . HOH D 2 .  ? -16.842 5.304   -17.777 1.000 26.726 0 105 HOH A O   1 ? 
HETATM 554 O O   . HOH D 2 .  ? -7.993  9.450   -11.454 1.000 36.468 0 106 HOH A O   1 ? 
HETATM 555 O O   . HOH D 2 .  ? -9.044  6.109   -12.240 1.000 36.588 0 107 HOH A O   1 ? 
HETATM 556 O O   . HOH D 2 .  ? 24.439  -15.590 11.028  1.000 48.889 0 108 HOH A O   1 ? 
HETATM 557 O O   . HOH D 2 .  ? 4.460   2.335   9.968   1.000 33.404 0 109 HOH A O   1 ? 
HETATM 558 O O   . HOH D 2 .  ? 14.158  -13.933 15.263  1.000 39.570 0 110 HOH A O   1 ? 
HETATM 559 O O   . HOH D 2 .  ? 4.452   -4.469  13.427  1.000 36.558 0 111 HOH A O   1 ? 
HETATM 560 O O   . HOH D 2 .  ? -16.549 5.879   -20.466 1.000 30.246 0 112 HOH A O   1 ? 
HETATM 561 O O   . HOH D 2 .  ? 4.676   -7.457  11.460  1.000 36.709 0 113 HOH A O   1 ? 
HETATM 562 O O   . HOH D 2 .  ? 6.338   -0.064  13.392  1.000 34.453 0 114 HOH A O   1 ? 
HETATM 563 O O   . HOH E 2 .  ? -23.213 3.108   -15.700 1.000 39.618 0 101 HOH B O   1 ? 
HETATM 564 O O   . HOH E 2 .  ? 5.340   -0.269  -3.271  1.000 41.130 0 102 HOH B O   1 ? 
HETATM 565 O O   . HOH E 2 .  ? 17.358  -15.614 17.962  1.000 36.027 0 103 HOH B O   1 ? 
HETATM 566 O O   . HOH E 2 .  ? -4.717  -0.818  -9.227  1.000 40.319 0 104 HOH B O   1 ? 
HETATM 567 O O   . HOH E 2 .  ? -20.951 4.050   -14.678 1.000 32.685 0 105 HOH B O   1 ? 
HETATM 568 O O   . HOH E 2 .  ? 20.536  -17.120 20.576  1.000 40.779 0 106 HOH B O   1 ? 
HETATM 569 O O   . HOH E 2 .  ? 8.389   1.424   11.463  1.000 41.848 0 107 HOH B O   1 ? 
HETATM 570 O O   . HOH E 2 .  ? 8.865   1.353   0.583   1.000 69.861 0 108 HOH B O   1 ? 
HETATM 571 O O   . HOH E 2 .  ? 4.608   1.845   -2.106  1.000 42.834 0 109 HOH B O   1 ? 
HETATM 572 O O   . HOH E 2 .  ? -19.281 2.448   -10.623 1.000 35.108 0 110 HOH B O   1 ? 
HETATM 573 O O   . HOH E 2 .  ? -11.676 0.079   -6.503  1.000 26.775 0 111 HOH B O   1 ? 
HETATM 574 O O   . HOH E 2 .  ? -5.031  4.315   -7.792  1.000 25.520 0 112 HOH B O   1 ? 
HETATM 575 O O   . HOH E 2 .  ? -15.067 3.163   -16.999 1.000 25.653 0 113 HOH B O   1 ? 
HETATM 576 O O   . HOH E 2 .  ? 8.481   3.983   4.665   1.000 34.628 0 114 HOH B O   1 ? 
HETATM 577 O O   . HOH E 2 .  ? 24.402  -19.127 22.920  1.000 49.144 0 115 HOH B O   1 ? 
HETATM 578 O O   . HOH E 2 .  ? -7.006  -5.636  -6.949  1.000 22.084 0 116 HOH B O   1 ? 
HETATM 579 O O   . HOH E 2 .  ? -6.934  -0.769  -3.062  1.000 42.566 0 117 HOH B O   1 ? 
HETATM 580 O O   . HOH E 2 .  ? 2.275   1.824   -5.481  1.000 35.981 0 118 HOH B O   1 ? 
HETATM 581 O O   . HOH E 2 .  ? 0.701   -3.552  -1.213  1.000 31.645 0 119 HOH B O   1 ? 
HETATM 582 O O   . HOH E 2 .  ? 22.754  -17.453 20.543  1.000 46.745 0 120 HOH B O   1 ? 
HETATM 583 O O   . HOH E 2 .  ? 1.750   3.736   -1.560  1.000 23.438 0 121 HOH B O   1 ? 
HETATM 584 O O   . HOH E 2 .  ? -10.406 -2.404  -5.607  1.000 32.474 0 122 HOH B O   1 ? 
HETATM 585 O O   . HOH E 2 .  ? 15.070  0.723   7.939   1.000 35.076 0 123 HOH B O   1 ? 
HETATM 586 O O   . HOH E 2 .  ? 29.291  -15.617 24.371  1.000 43.604 0 124 HOH B O   1 ? 
HETATM 587 O O   . HOH E 2 .  ? 31.274  -16.844 25.185  1.000 38.450 0 125 HOH B O   1 ? 
HETATM 588 O O   . HOH E 2 .  ? 6.954   -1.383  -5.049  1.000 49.734 0 126 HOH B O   1 ? 
HETATM 589 O O   . HOH E 2 .  ? 13.077  3.267   5.178   1.000 42.450 0 127 HOH B O   1 ? 
HETATM 590 O O   . HOH E 2 .  ? -14.464 -0.825  -7.025  1.000 36.520 0 128 HOH B O   1 ? 
HETATM 591 O O   . HOH E 2 .  ? 20.105  -3.710  8.534   1.000 38.599 0 129 HOH B O   1 ? 
HETATM 592 O O   . HOH E 2 .  ? 16.086  0.944   5.499   1.000 28.725 0 130 HOH B O   1 ? 
HETATM 593 O O   . HOH F 2 .  ? -1.179  -5.961  8.322   1.000 43.607 0 101 HOH C O   1 ? 
HETATM 594 O O   . HOH F 2 .  ? -10.026 5.694   2.716   1.000 38.288 0 102 HOH C O   1 ? 
HETATM 595 O O   . HOH F 2 .  ? -18.167 15.441  -14.409 1.000 28.596 0 103 HOH C O   1 ? 
HETATM 596 O O   . HOH F 2 .  ? 0.913   -5.359  0.819   1.000 35.558 0 104 HOH C O   1 ? 
HETATM 597 O O   . HOH F 2 .  ? -13.986 2.402   -3.786  1.000 42.364 0 105 HOH C O   1 ? 
HETATM 598 O O   . HOH F 2 .  ? -14.883 11.569  -8.129  1.000 33.296 0 106 HOH C O   1 ? 
HETATM 599 O O   . HOH F 2 .  ? -19.740 3.560   -7.660  1.000 27.414 0 107 HOH C O   1 ? 
HETATM 600 O O   . HOH F 2 .  ? 0.825   -1.330  6.893   1.000 28.890 0 108 HOH C O   1 ? 
HETATM 601 O O   . HOH F 2 .  ? 7.590   -1.701  -2.512  1.000 38.871 0 109 HOH C O   1 ? 
HETATM 602 O O   . HOH F 2 .  ? -16.975 2.616   -4.109  1.000 29.414 0 110 HOH C O   1 ? 
HETATM 603 O O   . HOH F 2 .  ? -11.950 3.012   0.004   1.000 33.396 0 111 HOH C O   1 ? 
HETATM 604 O O   . HOH F 2 .  ? -2.691  -5.312  2.094   1.000 34.452 0 112 HOH C O   1 ? 
HETATM 605 O O   . HOH F 2 .  ? 19.367  -11.542 8.475   1.000 38.731 0 113 HOH C O   1 ? 
HETATM 606 O O   . HOH F 2 .  ? 8.104   -10.622 6.133   1.000 38.741 0 114 HOH C O   1 ? 
HETATM 607 O O   . HOH F 2 .  ? -16.302 13.493  -8.124  1.000 35.606 0 115 HOH C O   1 ? 
HETATM 608 O O   . HOH F 2 .  ? -20.760 8.369   -7.437  1.000 38.007 0 116 HOH C O   1 ? 
HETATM 609 O O   . HOH F 2 .  ? 21.470  -8.465  23.937  1.000 40.582 0 117 HOH C O   1 ? 
# 
loop_
_atom_site_anisotrop.id 
_atom_site_anisotrop.type_symbol 
_atom_site_anisotrop.pdbx_label_atom_id 
_atom_site_anisotrop.pdbx_label_alt_id 
_atom_site_anisotrop.pdbx_label_comp_id 
_atom_site_anisotrop.pdbx_label_asym_id 
_atom_site_anisotrop.pdbx_label_seq_id 
_atom_site_anisotrop.pdbx_PDB_ins_code 
_atom_site_anisotrop.U[1][1] 
_atom_site_anisotrop.U[2][2] 
_atom_site_anisotrop.U[3][3] 
_atom_site_anisotrop.U[1][2] 
_atom_site_anisotrop.U[1][3] 
_atom_site_anisotrop.U[2][3] 
_atom_site_anisotrop.pdbx_auth_seq_id 
_atom_site_anisotrop.pdbx_auth_comp_id 
_atom_site_anisotrop.pdbx_auth_asym_id 
_atom_site_anisotrop.pdbx_auth_atom_id 
1   N N   . HYP A 2  ? 0.38729640 0.46819120 0.43492212 -0.02503255 0.08881939  0.01967322  2   HYP A N   
2   C CA  . HYP A 2  ? 0.43656368 0.43372798 0.40412910 -0.04191115 0.08516519  0.04410478  2   HYP A CA  
3   C C   . HYP A 2  ? 0.43026916 0.37400059 0.35783704 -0.04496783 0.06968163  0.04857204  2   HYP A C   
4   O O   . HYP A 2  ? 0.38460068 0.38038812 0.36864576 -0.09232780 0.09790541  0.05115069  2   HYP A O   
5   C CB  . HYP A 2  ? 0.43393118 0.45077374 0.40893956 -0.05102743 0.08376537  0.02817787  2   HYP A CB  
6   C CG  . HYP A 2  ? 0.42673594 0.44800413 0.45006066 -0.03878604 0.06627371  0.01246821  2   HYP A CG  
7   C CD  . HYP A 2  ? 0.43060346 0.48608871 0.44144034 -0.02340510 0.08938461  0.00522499  2   HYP A CD  
8   O OD1 . HYP A 2  ? 0.45545927 0.47889543 0.47897871 -0.04357706 0.05618045  -0.00744956 2   HYP A OD1 
9   N N   . GLY A 3  ? 0.45104862 0.40837478 0.37408405 -0.02502294 0.10038238  0.12556582  3   GLY A N   
10  C CA  . GLY A 3  ? 0.44696384 0.40705267 0.34694097 -0.02699966 0.12841240  0.13578634  3   GLY A CA  
11  C C   . GLY A 3  ? 0.43318728 0.39242142 0.33184770 -0.03120287 0.13973593  0.16204983  3   GLY A C   
12  O O   . GLY A 3  ? 0.43003220 0.38828383 0.35442957 -0.07218558 0.15710405  0.18227829  3   GLY A O   
13  N N   . PRO A 4  ? 0.43188137 0.37006490 0.27069180 -0.04990870 0.16769032  0.19413961  4   PRO A N   
14  C CA  . PRO A 4  ? 0.41880861 0.38517362 0.27407351 -0.05626710 0.17548044  0.14708804  4   PRO A CA  
15  C C   . PRO A 4  ? 0.37037340 0.32836056 0.24704119 -0.09836927 0.19827577  0.14444022  4   PRO A C   
16  O O   . PRO A 4  ? 0.39721963 0.34560900 0.26486151 -0.06479108 0.18720269  0.12240346  4   PRO A O   
17  C CB  . PRO A 4  ? 0.42120505 0.42599492 0.28601104 -0.07280030 0.16233560  0.13265548  4   PRO A CB  
18  C CG  . PRO A 4  ? 0.43438871 0.42377009 0.27539987 -0.06082281 0.17530447  0.16139294  4   PRO A CG  
19  C CD  . PRO A 4  ? 0.41875726 0.40730972 0.26950705 -0.06258772 0.17694890  0.17689257  4   PRO A CD  
20  N N   . HYP A 5  ? 0.39109037 0.36148841 0.31856804 -0.09699972 0.15214136  0.11326058  5   HYP A N   
21  C CA  . HYP A 5  ? 0.40203397 0.38303996 0.34332310 -0.08725861 0.10716795  0.10004492  5   HYP A CA  
22  C C   . HYP A 5  ? 0.39612021 0.31554671 0.32239472 -0.05750606 0.07079008  0.09730489  5   HYP A C   
23  O O   . HYP A 5  ? 0.45532409 0.30125389 0.38283760 -0.06821108 0.05414936  0.11670434  5   HYP A O   
24  C CB  . HYP A 5  ? 0.41587583 0.36359008 0.34459957 -0.10421726 0.11154592  0.10156331  5   HYP A CB  
25  C CG  . HYP A 5  ? 0.47093522 0.39705784 0.35783076 -0.10273863 0.11014391  0.11527379  5   HYP A CG  
26  C CD  . HYP A 5  ? 0.42384699 0.36502233 0.32686389 -0.09917349 0.13796693  0.10483595  5   HYP A CD  
27  O OD1 . HYP A 5  ? 0.52197531 0.41675913 0.46706922 -0.12698984 0.08531623  0.11922732  5   HYP A OD1 
28  N N   . GLY A 6  ? 0.41859677 0.29090680 0.35617121 -0.07162505 0.04280921  0.07660156  6   GLY A N   
29  C CA  . GLY A 6  ? 0.43257895 0.28568232 0.34324526 -0.05721118 0.04486722  0.08585988  6   GLY A CA  
30  C C   . GLY A 6  ? 0.42647091 0.26634585 0.37044479 -0.06117348 0.02127950  0.06223251  6   GLY A C   
31  O O   . GLY A 6  ? 0.43007855 0.26132768 0.36882975 -0.05761693 0.04273125  0.07294792  6   GLY A O   
32  N N   . PRO A 7  ? 0.45616374 0.32254000 0.41143749 -0.02704138 0.01983413  0.05686293  7   PRO A N   
33  C CA  . PRO A 7  ? 0.45097930 0.32617101 0.42654512 -0.02631547 0.01940226  0.04362841  7   PRO A CA  
34  C C   . PRO A 7  ? 0.44525491 0.31241830 0.42507340 -0.00982384 0.01566220  0.02997825  7   PRO A C   
35  O O   . PRO A 7  ? 0.49476893 0.31007776 0.45712117 -0.00365571 -0.02669709 0.04960552  7   PRO A O   
36  C CB  . PRO A 7  ? 0.47930923 0.36844519 0.45369279 -0.02606802 0.02866031  0.05437497  7   PRO A CB  
37  C CG  . PRO A 7  ? 0.49277273 0.36875927 0.46918427 -0.03705073 0.02466138  0.03984894  7   PRO A CG  
38  C CD  . PRO A 7  ? 0.47246753 0.37504913 0.47076613 -0.03404109 0.01370489  0.02992036  7   PRO A CD  
39  N N   . HYP A 8  ? 0.46762790 0.29848402 0.38794500 -0.01892190 0.02848122  0.03721424  8   HYP A N   
40  C CA  . HYP A 8  ? 0.45870138 0.28618632 0.38747326 -0.03814862 0.02435257  0.03614558  8   HYP A CA  
41  C C   . HYP A 8  ? 0.44565321 0.30043622 0.39587400 -0.02030965 -0.01375562 0.01855835  8   HYP A C   
42  O O   . HYP A 8  ? 0.48367340 0.30183667 0.40651410 -0.00076927 -0.02482376 0.01363552  8   HYP A O   
43  C CB  . HYP A 8  ? 0.43574455 0.27747261 0.37662113 -0.05735398 0.06510790  0.03688887  8   HYP A CB  
44  C CG  . HYP A 8  ? 0.46381960 0.28982264 0.39261367 -0.03210230 0.06683183  0.03573881  8   HYP A CG  
45  C CD  . HYP A 8  ? 0.46003427 0.30903821 0.39498739 -0.03111165 0.04837994  0.04730434  8   HYP A CD  
46  O OD1 . HYP A 8  ? 0.42270420 0.25223315 0.39979408 -0.06495214 0.09890438  0.05174132  8   HYP A OD1 
47  N N   . GLY A 9  ? 0.47274776 0.29216285 0.46520311 -0.06242840 -0.01651453 0.01804828  9   GLY A N   
48  C CA  . GLY A 9  ? 0.46238333 0.29086071 0.47680980 -0.06654714 -0.01520062 0.03340819  9   GLY A CA  
49  C C   . GLY A 9  ? 0.43339278 0.27324370 0.48214132 -0.10062767 -0.01836963 0.02922862  9   GLY A C   
50  O O   . GLY A 9  ? 0.37388500 0.27397597 0.51448357 -0.10706568 -0.02302032 0.08082373  9   GLY A O   
51  N N   . PRO A 10 ? 0.42640508 0.32252347 0.43158813 -0.08388460 -0.00610684 0.02116739  10  PRO A N   
52  C CA  . PRO A 10 ? 0.40468221 0.37280368 0.42371966 -0.09242020 0.01996491  0.01988528  10  PRO A CA  
53  C C   . PRO A 10 ? 0.39593562 0.32291164 0.40015341 -0.08971951 0.00865339  0.03465804  10  PRO A C   
54  O O   . PRO A 10 ? 0.43543822 0.30798683 0.42659389 -0.08155042 -0.01180698 0.02447062  10  PRO A O   
55  C CB  . PRO A 10 ? 0.39316202 0.39796261 0.40017385 -0.09487501 0.03304222  0.01474717  10  PRO A CB  
56  C CG  . PRO A 10 ? 0.40424975 0.38288994 0.39313640 -0.11138092 0.02919906  0.01340122  10  PRO A CG  
57  C CD  . PRO A 10 ? 0.39604778 0.33113619 0.36351375 -0.10898934 0.04230631  0.01475661  10  PRO A CD  
58  N N   . GLN A 11 ? 0.43648843 0.32616926 0.45206063 -0.08917902 -0.01219611 0.03010340  11  GLN A N   
59  C CA  . GLN A 11 ? 0.41650419 0.26069037 0.41792611 -0.10209013 0.01369643  0.03423481  11  GLN A CA  
60  C C   . GLN A 11 ? 0.36086253 0.25293638 0.38325308 -0.08404480 0.01390132  0.04268249  11  GLN A C   
61  O O   . GLN A 11 ? 0.44020949 0.23732973 0.47538675 -0.05616555 -0.02023836 0.03353399  11  GLN A O   
62  C CB  . GLN A 11 ? 0.41031396 0.30813935 0.36590951 -0.11537720 0.05133714  0.05798370  11  GLN A CB  
63  C CG  . GLN A 11 ? 0.37594214 0.30322251 0.33710955 -0.15380357 0.08447569  0.05529287  11  GLN A CG  
64  C CD  . GLN A 11 ? 0.36799808 0.34439435 0.30158092 -0.13538733 0.15238943  0.07840496  11  GLN A CD  
65  O OE1 . GLN A 11 ? 0.47925367 0.44771557 0.31364276 -0.05940345 0.16118214  0.01555545  11  GLN A OE1 
66  N NE2 . GLN A 11 ? 0.33280177 0.35092299 0.26181329 -0.14960726 0.19435944  0.07968377  11  GLN A NE2 
67  N N   . GLY A 12 ? 0.34374447 0.22747715 0.41437837 -0.08449762 0.01299093  0.01331995  12  GLY A N   
68  C CA  . GLY A 12 ? 0.33682879 0.27477667 0.38887126 -0.07359682 0.02157945  0.04154552  12  GLY A CA  
69  C C   . GLY A 12 ? 0.29838240 0.23870766 0.37998910 -0.08805152 0.03500759  0.04921706  12  GLY A C   
70  O O   . GLY A 12 ? 0.29666219 0.27452494 0.40496568 -0.11843587 0.02244728  0.05376765  12  GLY A O   
71  N N   . PRO A 13 ? 0.29149074 0.23907017 0.35466072 -0.11951479 0.03364399  0.04743355  13  PRO A N   
72  C CA  . PRO A 13 ? 0.26656525 0.23772449 0.31959323 -0.12244011 0.07767678  0.07250778  13  PRO A CA  
73  C C   . PRO A 13 ? 0.23612222 0.20838865 0.26263308 -0.13128564 0.09071935  0.09014165  13  PRO A C   
74  O O   . PRO A 13 ? 0.23067654 0.24425941 0.28557962 -0.09836927 0.07502980  0.05628280  13  PRO A O   
75  C CB  . PRO A 13 ? 0.27476174 0.24740041 0.33271950 -0.12082507 0.08268738  0.06979529  13  PRO A CB  
76  C CG  . PRO A 13 ? 0.28794272 0.27891252 0.32911832 -0.11272175 0.08604512  0.05744984  13  PRO A CG  
77  C CD  . PRO A 13 ? 0.28865418 0.26939318 0.34704298 -0.12279011 0.06297480  0.03927943  13  PRO A CD  
78  N N   . LYS A 14 ? 0.27111819 0.28369336 0.29864956 -0.12289018 0.08637049  0.12172327  14  LYS A N   
79  C CA  . LYS A 14 ? 0.22201151 0.32704900 0.27624633 -0.15047734 0.11564254  0.13110001  14  LYS A CA  
80  C C   . LYS A 14 ? 0.20855784 0.29044465 0.25493557 -0.15840504 0.08150467  0.11274866  14  LYS A C   
81  O O   . LYS A 14 ? 0.27255377 0.30422919 0.32572144 -0.19888313 0.08426092  0.13988691  14  LYS A O   
82  C CB  . LYS A 14 ? 0.23718977 0.39460593 0.29789261 -0.15960028 0.13851337  0.13094278  14  LYS A CB  
83  C CG  . LYS A 14 ? 0.30328567 0.45092934 0.31427082 -0.14667236 0.13124732  0.14756413  14  LYS A CG  
84  C CD  . LYS A 14 ? 0.32822223 0.48655319 0.29200985 -0.17346299 0.17156390  0.18162473  14  LYS A CD  
85  C CE  . LYS A 14 ? 0.34720118 0.52287330 0.26651970 -0.16663035 0.16758493  0.19620734  14  LYS A CE  
86  N NZ  . LYS A 14 ? 0.36082930 0.57848321 0.35669521 -0.14293514 0.14494715  0.16966791  14  LYS A NZ  
87  N N   . GLY A 15 ? 0.23428118 0.30839405 0.23603890 -0.15113894 0.10450139  0.12227346  15  GLY A N   
88  C CA  . GLY A 15 ? 0.25661435 0.26344899 0.26342157 -0.16187439 0.10607851  0.11120523  15  GLY A CA  
89  C C   . GLY A 15 ? 0.25262156 0.28282140 0.23061352 -0.13957769 0.11767288  0.11544530  15  GLY A C   
90  O O   . GLY A 15 ? 0.30708946 0.29460876 0.26400980 -0.16452705 0.12883105  0.12989474  15  GLY A O   
91  N N   . ASP A 16 ? 0.23037924 0.26554831 0.24131334 -0.15174918 0.11916167  0.08313372  16  ASP A N   
92  C CA  . ASP A 16 ? 0.23354205 0.28199977 0.21543353 -0.14631940 0.11993119  0.07402678  16  ASP A CA  
93  C C   . ASP A 16 ? 0.21398528 0.26454256 0.18116328 -0.12249422 0.12544855  0.06170801  16  ASP A C   
94  O O   . ASP A 16 ? 0.20359296 0.28443164 0.17631160 -0.13590823 0.11869587  0.05305394  16  ASP A O   
95  C CB  . ASP A 16 ? 0.27578862 0.31659369 0.25570517 -0.17032245 0.12467566  0.09967244  16  ASP A CB  
96  C CG  . ASP A 16 ? 0.31453068 0.35295046 0.32446052 -0.18569982 0.10376702  0.09823924  16  ASP A CG  
97  O OD1 . ASP A 16 ? 0.27965042 0.40205776 0.38313399 -0.18574515 0.08276387  0.11442727  16  ASP A OD1 
98  O OD2 . ASP A 16 ? 0.40517271 0.39960121 0.32983194 -0.21132115 0.12002878  0.12464639  16  ASP A OD2 
99  N N   . LYS A 17 ? 0.23132892 0.26876194 0.20139915 -0.12616385 0.10891063  0.05805586  17  LYS A N   
100 C CA  . LYS A 17 ? 0.22542358 0.28867142 0.19727897 -0.12176496 0.11266481  0.03649001  17  LYS A CA  
101 C C   . LYS A 17 ? 0.20098980 0.25925082 0.18138180 -0.12780198 0.10328647  0.05435118  17  LYS A C   
102 O O   . LYS A 17 ? 0.20761873 0.25308876 0.23302398 -0.14193578 0.14087233  0.02370415  17  LYS A O   
103 C CB  . LYS A 17 ? 0.28359371 0.32310548 0.22675025 -0.09719490 0.12220776  0.02123485  17  LYS A CB  
104 C CG  . LYS A 17 ? 0.31443003 0.36932395 0.29756262 -0.08787533 0.09171767  0.00182414  17  LYS A CG  
105 C CD  . LYS A 17 ? 0.33188876 0.38741092 0.33253345 -0.06303102 0.08956539  0.00408474  17  LYS A CD  
106 C CE  . LYS A 17 ? 0.35426883 0.38880055 0.34709871 -0.08479057 0.10805499  0.00574940  17  LYS A CE  
107 N NZ  . LYS A 17 ? 0.39857710 0.42313424 0.35134145 -0.07569554 0.09859185  0.01138647  17  LYS A NZ  
108 N N   . GLY A 18 ? 0.21601551 0.25936344 0.15593493 -0.12708390 0.11801768  0.04946756  18  GLY A N   
109 C CA  . GLY A 18 ? 0.20185838 0.24567036 0.16572372 -0.13385185 0.11592292  0.03636363  18  GLY A CA  
110 C C   . GLY A 18 ? 0.21221961 0.22475989 0.15048449 -0.12089485 0.12149644  0.03201571  18  GLY A C   
111 O O   . GLY A 18 ? 0.22660538 0.24096316 0.19079428 -0.11988727 0.13619650  0.03721474  18  GLY A O   
112 N N   . ASP A 19 ? 0.23858941 0.25196356 0.15495703 -0.11538609 0.13470145  0.04389561  19  ASP A N   
113 C CA  . ASP A 19 ? 0.24540279 0.24784887 0.19026661 -0.10316319 0.15165471  0.05344954  19  ASP A CA  
114 C C   . ASP A 19 ? 0.25474589 0.18268175 0.20631579 -0.13206530 0.13255494  0.04568680  19  ASP A C   
115 O O   . ASP A 19 ? 0.24709538 0.22067908 0.24020823 -0.12339705 0.16432185  0.05140130  19  ASP A O   
116 C CB  . ASP A 19 ? 0.26450882 0.30125766 0.20132566 -0.10952563 0.16854584  0.06009048  19  ASP A CB  
117 C CG  . ASP A 19 ? 0.28429875 0.29197072 0.24686150 -0.12062677 0.17624603  0.07901597  19  ASP A CG  
118 O OD1 . ASP A 19 ? 0.32471268 0.38789934 0.28520219 -0.13005040 0.16210265  0.07497265  19  ASP A OD1 
119 O OD2 . ASP A 19 ? 0.41390945 0.36200136 0.27956064 -0.07507016 0.26294067  0.11533701  19  ASP A OD2 
120 N N   . PRO A 20 ? 0.25637191 0.21658229 0.23353790 -0.12489382 0.16177933  0.05379547  20  PRO A N   
121 C CA  . PRO A 20 ? 0.27123368 0.27202082 0.21186763 -0.10276802 0.17171471  0.05334353  20  PRO A CA  
122 C C   . PRO A 20 ? 0.23538057 0.29676488 0.20367725 -0.10291863 0.17413782  0.04769368  20  PRO A C   
123 O O   . PRO A 20 ? 0.28978896 0.32884683 0.24970724 -0.13888443 0.17272314  0.10285014  20  PRO A O   
124 C CB  . PRO A 20 ? 0.26849209 0.26450560 0.22111333 -0.12146203 0.17976299  0.04311964  20  PRO A CB  
125 C CG  . PRO A 20 ? 0.31448368 0.23956950 0.25221541 -0.11072468 0.13860805  0.03920812  20  PRO A CG  
126 C CD  . PRO A 20 ? 0.28881843 0.21176315 0.23569880 -0.11865748 0.14309756  0.04532882  20  PRO A CD  
127 N N   . GLY A 21 ? 0.27040971 0.30985602 0.23142586 -0.12436481 0.17999544  0.07361611  21  GLY A N   
128 C CA  . GLY A 21 ? 0.25219768 0.30950927 0.22314797 -0.12370244 0.16911074  0.07052251  21  GLY A CA  
129 C C   . GLY A 21 ? 0.26075975 0.29642309 0.19679794 -0.09807276 0.17336265  0.06826759  21  GLY A C   
130 O O   . GLY A 21 ? 0.26170291 0.33800644 0.22836271 -0.09667639 0.19383460  0.07528673  21  GLY A O   
131 N N   . PRO A 22 ? 0.26205550 0.31309127 0.18665406 -0.07998594 0.17337086  0.07876960  22  PRO A N   
132 C CA  . PRO A 22 ? 0.26666577 0.32706159 0.18121425 -0.08565165 0.16581061  0.08780570  22  PRO A CA  
133 C C   . PRO A 22 ? 0.25357834 0.35212294 0.18795738 -0.07098538 0.17463136  0.08757717  22  PRO A C   
134 O O   . PRO A 22 ? 0.24864798 0.28938772 0.18929956 -0.08086170 0.16305884  0.08253537  22  PRO A O   
135 C CB  . PRO A 22 ? 0.29345518 0.35471202 0.20134996 -0.06612859 0.15928231  0.06964672  22  PRO A CB  
136 C CG  . PRO A 22 ? 0.31400120 0.34451592 0.20514938 -0.08401264 0.14528261  0.05552933  22  PRO A CG  
137 C CD  . PRO A 22 ? 0.26296927 0.31912107 0.19326186 -0.08205012 0.18601986  0.06270765  22  PRO A CD  
138 N N   . HYP A 23 ? 0.26539166 0.36112996 0.21251780 -0.09383008 0.17921441  0.09748641  23  HYP A N   
139 C CA  . HYP A 23 ? 0.28425074 0.34829316 0.17413931 -0.09514684 0.17220300  0.07854270  23  HYP A CA  
140 C C   . HYP A 23 ? 0.26795137 0.28790913 0.15928623 -0.08029979 0.16813474  0.05579797  23  HYP A C   
141 O O   . HYP A 23 ? 0.29039491 0.26922005 0.17970309 -0.10086676 0.17966348  0.05267067  23  HYP A O   
142 C CB  . HYP A 23 ? 0.28817990 0.37264935 0.17926302 -0.07920505 0.17104782  0.10614896  23  HYP A CB  
143 C CG  . HYP A 23 ? 0.27046445 0.40715282 0.20002390 -0.07982915 0.18810150  0.09315509  23  HYP A CG  
144 C CD  . HYP A 23 ? 0.25869092 0.40488207 0.21361304 -0.07960784 0.19012217  0.09467616  23  HYP A CD  
145 O OD1 . HYP A 23 ? 0.35545319 0.37014782 0.25126009 -0.16595882 0.18487521  0.11679197  23  HYP A OD1 
146 N N   . GLY A 24 ? 0.27429473 0.29734173 0.13871389 -0.08370130 0.16829012  0.03150913  24  GLY A N   
147 C CA  . GLY A 24 ? 0.28783491 0.30657813 0.13687353 -0.08859955 0.16456928  0.01397334  24  GLY A CA  
148 C C   . GLY A 24 ? 0.31909167 0.29752265 0.16177854 -0.09273821 0.12870969  0.03757322  24  GLY A C   
149 O O   . GLY A 24 ? 0.35118169 0.32029732 0.15487882 -0.08085274 0.12556184  0.07355115  24  GLY A O   
150 N N   . PRO A 25 ? 0.34574444 0.32871678 0.20326086 -0.08786740 0.12350453  0.00774407  25  PRO A N   
151 C CA  . PRO A 25 ? 0.38647390 0.33739065 0.23348263 -0.07695992 0.08583742  0.01421832  25  PRO A CA  
152 C C   . PRO A 25 ? 0.38721273 0.36320813 0.22590600 -0.05596223 0.10319997  0.02186549  25  PRO A C   
153 O O   . PRO A 25 ? 0.34069471 0.32152260 0.20043707 -0.09983662 0.13706376  0.04167092  25  PRO A O   
154 C CB  . PRO A 25 ? 0.38076719 0.32349588 0.24891447 -0.08139623 0.07487205  -0.00049866 25  PRO A CB  
155 C CG  . PRO A 25 ? 0.36286440 0.31876868 0.25773613 -0.09481400 0.09039405  -0.00993591 25  PRO A CG  
156 C CD  . PRO A 25 ? 0.34769429 0.31318562 0.25161495 -0.10678271 0.10586064  0.01456554  25  PRO A CD  
157 N N   . HYP A 26 ? 0.45593343 0.47027432 0.23157429 -0.03311283 0.10963215  0.04897158  26  HYP A N   
158 C CA  . HYP A 26 ? 0.44024996 0.46739073 0.24091557 -0.02687405 0.11098814  0.06769318  26  HYP A CA  
159 C C   . HYP A 26 ? 0.42736117 0.45659351 0.20839613 -0.01966006 0.09461997  0.06568063  26  HYP A C   
160 O O   . HYP A 26 ? 0.43744522 0.48017319 0.19469299 -0.04073059 0.09659493  0.03883773  26  HYP A O   
161 C CB  . HYP A 26 ? 0.49637887 0.53080078 0.23773195 -0.01799280 0.09570103  0.09926764  26  HYP A CB  
162 C CG  . HYP A 26 ? 0.50688906 0.55660646 0.19129231 -0.01866200 0.12917005  0.08695188  26  HYP A CG  
163 C CD  . HYP A 26 ? 0.48841700 0.50995831 0.23132343 -0.01424354 0.10475403  0.05904786  26  HYP A CD  
164 O OD1 . HYP A 26 ? 0.51974979 0.64865452 0.23887655 -0.02682040 0.15313118  0.13386011  26  HYP A OD1 
165 N N   . GLY A 27 ? 0.42314877 0.46136088 0.20124793 -0.02992814 0.09197484  0.05150443  27  GLY A N   
166 C CA  . GLY A 27 ? 0.41747186 0.48068901 0.26892008 -0.02686803 0.07139233  0.04509554  27  GLY A CA  
167 C C   . GLY A 27 ? 0.47865786 0.49006731 0.27324376 -0.03318065 0.05254419  0.05825116  27  GLY A C   
168 O O   . GLY A 27 ? 0.52384033 0.54297574 0.28498918 -0.04906903 0.02826581  0.05297662  27  GLY A O   
169 N N   . PRO A 28 ? 0.55393204 0.45909208 0.32309336 -0.05569292 0.01623179  0.06733740  28  PRO A N   
170 C CA  . PRO A 28 ? 0.59213333 0.48833776 0.37327619 -0.04700181 0.00767276  0.04484699  28  PRO A CA  
171 C C   . PRO A 28 ? 0.58186038 0.50891829 0.38581454 -0.00819431 -0.00688536 0.02098414  28  PRO A C   
172 O O   . PRO A 28 ? 0.63642412 0.51506246 0.39323255 -0.02302674 -0.03685082 0.00713472  28  PRO A O   
173 C CB  . PRO A 28 ? 0.59899887 0.52465925 0.41208364 -0.07624487 0.01190762  0.03637822  28  PRO A CB  
174 C CG  . PRO A 28 ? 0.59612907 0.52179879 0.38763438 -0.09605583 0.01868319  0.06411899  28  PRO A CG  
175 C CD  . PRO A 28 ? 0.56793164 0.49212937 0.30791685 -0.07632998 0.03244898  0.06878301  28  PRO A CD  
176 N N   . HYP A 29 ? 0.50514901 0.47688814 0.39531803 -0.02142596 0.03012059  0.00444972  29  HYP A N   
177 C CA  . HYP A 29 ? 0.43102426 0.44061439 0.35565472 -0.03060429 0.05887366  0.02374461  29  HYP A CA  
178 C C   . HYP A 29 ? 0.39789142 0.39134571 0.34636717 -0.05887985 0.05133667  0.03423759  29  HYP A C   
179 O O   . HYP A 29 ? 0.43803441 0.40718238 0.43833190 -0.06809090 0.03390751  0.03899814  29  HYP A O   
180 C CB  . HYP A 29 ? 0.45763808 0.44498015 0.39066900 -0.04349933 0.04701740  0.01888955  29  HYP A CB  
181 C CG  . HYP A 29 ? 0.47500873 0.45994481 0.40457955 -0.05217641 0.05678007  0.02073718  29  HYP A CG  
182 C CD  . HYP A 29 ? 0.52556958 0.48829880 0.42328147 -0.01732841 0.03565537  0.00872427  29  HYP A CD  
183 O OD1 . HYP A 29 ? 0.56224764 0.47123912 0.43215348 -0.08112391 0.04309634  0.04158548  29  HYP A OD1 
184 N N   . PRO B 1  ? 0.52038177 0.68814372 0.32426852 0.03496262  0.13975200  0.06944303  1   PRO B N   
185 C CA  . PRO B 1  ? 0.56306929 0.69621623 0.31709436 0.04071276  0.13016311  0.08493304  1   PRO B CA  
186 C C   . PRO B 1  ? 0.62078866 0.68356084 0.37805133 0.04668742  0.07060010  0.09775362  1   PRO B C   
187 O O   . PRO B 1  ? 0.60645729 0.69875218 0.45706557 0.04735114  0.07107264  0.06608729  1   PRO B O   
188 C CB  . PRO B 1  ? 0.55396216 0.72431030 0.35381623 0.01641653  0.14567243  0.08130556  1   PRO B CB  
189 C CG  . PRO B 1  ? 0.52745919 0.73342246 0.35573110 0.03301122  0.15696702  0.05944186  1   PRO B CG  
190 C CD  . PRO B 1  ? 0.54149685 0.71671895 0.32226773 0.05053441  0.12608409  0.06725644  1   PRO B CD  
191 N N   . HYP B 2  ? 0.67180754 0.63777572 0.35776638 0.02670429  0.04834440  0.13213609  2   HYP B N   
192 C CA  . HYP B 2  ? 0.67384341 0.62590057 0.30718344 -0.01627410 0.08496411  0.17121940  2   HYP B CA  
193 C C   . HYP B 2  ? 0.62557524 0.56819282 0.26708264 -0.02532141 0.10264297  0.22190338  2   HYP B C   
194 O O   . HYP B 2  ? 0.63172884 0.67859129 0.32733078 0.00401471  0.15095382  0.17161232  2   HYP B O   
195 C CB  . HYP B 2  ? 0.68222949 0.65022724 0.30125580 -0.00065444 0.05064618  0.18454771  2   HYP B CB  
196 C CG  . HYP B 2  ? 0.70715115 0.67256600 0.37850657 0.00605115  0.05107376  0.14175058  2   HYP B CG  
197 C CD  . HYP B 2  ? 0.72405043 0.67755399 0.36261773 0.00858703  0.06409628  0.11974524  2   HYP B CD  
198 O OD1 . HYP B 2  ? 0.72851366 0.78297678 0.39175281 -0.00747723 0.09834268  0.13788708  2   HYP B OD1 
199 N N   . GLY B 3  ? 0.55239501 0.54542224 0.32554400 -0.03266378 0.13745159  0.22172705  3   GLY B N   
200 C CA  . GLY B 3  ? 0.53317391 0.59874553 0.27374074 -0.04692157 0.14848646  0.18433640  3   GLY B CA  
201 C C   . GLY B 3  ? 0.52869561 0.59570799 0.30553382 -0.02248770 0.05341271  0.13584353  3   GLY B C   
202 O O   . GLY B 3  ? 0.50761797 0.57859866 0.27232033 -0.04209644 0.10360926  0.14801728  3   GLY B O   
203 N N   . PRO B 4  ? 0.53011887 0.61249127 0.40307755 -0.00055684 -0.01088442 0.08787982  4   PRO B N   
204 C CA  . PRO B 4  ? 0.53606726 0.61080549 0.41438467 -0.01234106 -0.02900216 0.06702495  4   PRO B CA  
205 C C   . PRO B 4  ? 0.52875578 0.58400614 0.43282413 0.00242022  -0.02408023 0.06622944  4   PRO B C   
206 O O   . PRO B 4  ? 0.48975713 0.61216132 0.43993519 -0.00419371 -0.03169388 0.10643669  4   PRO B O   
207 C CB  . PRO B 4  ? 0.58447035 0.63944422 0.42187075 -0.01512127 -0.00805328 0.07768455  4   PRO B CB  
208 C CG  . PRO B 4  ? 0.57656350 0.66926434 0.47458430 -0.00602859 -0.01643488 0.05732029  4   PRO B CG  
209 C CD  . PRO B 4  ? 0.54555611 0.65194495 0.46294038 0.00330451  -0.02883208 0.06261034  4   PRO B CD  
210 N N   . HYP B 5  ? 0.50870359 0.50019000 0.43525752 -0.00363289 -0.03044053 0.00744455  5   HYP B N   
211 C CA  . HYP B 5  ? 0.50061631 0.47437673 0.46956112 0.02544862  -0.02745719 -0.01722379 5   HYP B CA  
212 C C   . HYP B 5  ? 0.49440973 0.45801599 0.51987486 0.03941147  -0.04771034 -0.04981350 5   HYP B C   
213 O O   . HYP B 5  ? 0.51185935 0.50595804 0.50513207 0.02617042  -0.04069802 -0.04567931 5   HYP B O   
214 C CB  . HYP B 5  ? 0.51868521 0.45363709 0.46036977 0.03302554  -0.00710093 -0.02419254 5   HYP B CB  
215 C CG  . HYP B 5  ? 0.52250475 0.47562626 0.41063026 0.01514002  0.02673167  -0.01818839 5   HYP B CG  
216 C CD  . HYP B 5  ? 0.53131830 0.52153498 0.42186601 0.00800971  0.00342019  -0.01064200 5   HYP B CD  
217 O OD1 . HYP B 5  ? 0.55009834 0.40330184 0.36908488 -0.02037836 0.05516226  0.02044461  5   HYP B OD1 
218 N N   . GLY B 6  ? 0.50719059 0.42354859 0.57451199 0.05098097  -0.03889639 -0.03924398 6   GLY B N   
219 C CA  . GLY B 6  ? 0.51788260 0.43875906 0.64767428 0.02336915  -0.06493410 -0.03292518 6   GLY B CA  
220 C C   . GLY B 6  ? 0.49985897 0.38712437 0.66362583 0.00134320  -0.06516015 -0.03668382 6   GLY B C   
221 O O   . GLY B 6  ? 0.42847992 0.40429021 0.70340672 0.03536245  -0.10147074 -0.05260114 6   GLY B O   
222 N N   . PRO B 7  ? 0.53075399 0.40557863 0.69292318 -0.02933683 -0.07236667 -0.02973715 7   PRO B N   
223 C CA  . PRO B 7  ? 0.53540083 0.35862918 0.66325595 -0.05985422 -0.04972522 -0.04745134 7   PRO B CA  
224 C C   . PRO B 7  ? 0.53620338 0.33428812 0.57295924 -0.04813989 -0.03908614 -0.05745341 7   PRO B C   
225 O O   . PRO B 7  ? 0.48123449 0.29809255 0.54737645 -0.10254383 -0.02899004 -0.02092460 7   PRO B O   
226 C CB  . PRO B 7  ? 0.55900838 0.34532799 0.73567637 -0.05498277 -0.04556443 -0.04117626 7   PRO B CB  
227 C CG  . PRO B 7  ? 0.56731419 0.40284611 0.75714457 -0.06485283 -0.03665081 -0.02283791 7   PRO B CG  
228 C CD  . PRO B 7  ? 0.57092057 0.39045196 0.74549236 -0.05102681 -0.06638796 -0.02099286 7   PRO B CD  
229 N N   . HYP B 8  ? 0.56221361 0.39743162 0.51335192 -0.05937267 -0.03502822 -0.09218735 8   HYP B N   
230 C CA  . HYP B 8  ? 0.55776806 0.37560958 0.45196294 -0.07079714 -0.00820162 -0.03011078 8   HYP B CA  
231 C C   . HYP B 8  ? 0.48547534 0.31060251 0.46297101 -0.10019763 0.01373134  -0.00084585 8   HYP B C   
232 O O   . HYP B 8  ? 0.51146222 0.30034491 0.47618118 -0.12066612 0.00765693  0.05116109  8   HYP B O   
233 C CB  . HYP B 8  ? 0.57138874 0.35946841 0.48296407 -0.05603372 -0.04104138 -0.01938106 8   HYP B CB  
234 C CG  . HYP B 8  ? 0.58134500 0.37836669 0.46325000 -0.06858856 -0.02516426 -0.04774697 8   HYP B CG  
235 C CD  . HYP B 8  ? 0.58503027 0.41070905 0.46999456 -0.04651119 -0.05247613 -0.08776231 8   HYP B CD  
236 O OD1 . HYP B 8  ? 0.60268054 0.37420636 0.49725166 -0.09745484 -0.01687056 -0.00255597 8   HYP B OD1 
237 N N   . GLY B 9  ? 0.41634339 0.28935348 0.39138061 -0.13134141 0.07733458  0.03260505  9   GLY B N   
238 C CA  . GLY B 9  ? 0.44046698 0.30545618 0.37254698 -0.08735225 0.07057521  -0.00504982 9   GLY B CA  
239 C C   . GLY B 9  ? 0.41103273 0.26886878 0.36441260 -0.09301516 0.09096783  -0.00458710 9   GLY B C   
240 O O   . GLY B 9  ? 0.28576128 0.31202491 0.41066652 -0.07222255 0.12512113  -0.01469531 9   GLY B O   
241 N N   . PRO B 10 ? 0.39534117 0.30305774 0.37050799 -0.10727656 0.09891181  0.02038795  10  PRO B N   
242 C CA  . PRO B 10 ? 0.41374626 0.32711371 0.36720302 -0.10267892 0.09842660  0.04050106  10  PRO B CA  
243 C C   . PRO B 10 ? 0.41029471 0.28454802 0.37272476 -0.11837772 0.07734130  0.03796499  10  PRO B C   
244 O O   . PRO B 10 ? 0.46037236 0.23778252 0.38275287 -0.09388477 0.01920247  0.05180725  10  PRO B O   
245 C CB  . PRO B 10 ? 0.44993776 0.34153135 0.36743141 -0.11629278 0.09401756  0.04179694  10  PRO B CB  
246 C CG  . PRO B 10 ? 0.45184647 0.36984036 0.40154103 -0.09220027 0.07392871  0.02277062  10  PRO B CG  
247 C CD  . PRO B 10 ? 0.44337067 0.32774477 0.40376325 -0.09841519 0.09395434  0.01962480  10  PRO B CD  
248 N N   . GLN B 11 ? 0.41023376 0.29827809 0.36979557 -0.12220906 0.08071752  0.07902366  11  GLN B N   
249 C CA  . GLN B 11 ? 0.37388252 0.31769931 0.42531295 -0.14072705 0.04000855  0.06568234  11  GLN B CA  
250 C C   . GLN B 11 ? 0.32841749 0.28615783 0.41817361 -0.16792835 0.01822459  0.10636640  11  GLN B C   
251 O O   . GLN B 11 ? 0.40162600 0.35528260 0.44185001 -0.14417953 -0.00597624 0.05548834  11  GLN B O   
252 C CB  . GLN B 11 ? 0.37214916 0.34289771 0.40835480 -0.14842559 0.08416611  0.07445228  11  GLN B CB  
253 C CG  . GLN B 11 ? 0.41156099 0.41288459 0.46054753 -0.11647994 0.09630698  0.06249460  11  GLN B CG  
254 C CD  . GLN B 11 ? 0.47915510 0.47137191 0.53948283 -0.08790305 0.09594203  0.05210527  11  GLN B CD  
255 O OE1 . GLN B 11 ? 0.53222906 0.42874475 0.64437203 -0.11727191 0.09315677  0.08683686  11  GLN B OE1 
256 N NE2 . GLN B 11 ? 0.47489298 0.51265599 0.58592388 -0.05730949 0.09137340  0.00635421  11  GLN B NE2 
257 N N   . GLY B 12 ? 0.33047159 0.28828344 0.38946517 -0.17787825 0.01132699  0.15118628  12  GLY B N   
258 C CA  . GLY B 12 ? 0.28723555 0.29042586 0.42307171 -0.16635020 0.02226740  0.11891900  12  GLY B CA  
259 C C   . GLY B 12 ? 0.23146070 0.29868200 0.34276310 -0.18938009 0.08065834  0.13442226  12  GLY B C   
260 O O   . GLY B 12 ? 0.27818766 0.29810213 0.36471276 -0.15432187 0.05834246  0.14602843  12  GLY B O   
261 N N   . PRO B 13 ? 0.19672607 0.31681407 0.40112097 -0.15410737 0.06305449  0.06824020  13  PRO B N   
262 C CA  . PRO B 13 ? 0.20239534 0.26803733 0.36607616 -0.17644898 0.09341318  0.09159672  13  PRO B CA  
263 C C   . PRO B 13 ? 0.18581521 0.25834644 0.35144857 -0.16139006 0.08971995  0.09847827  13  PRO B C   
264 O O   . PRO B 13 ? 0.21877969 0.25815248 0.35894077 -0.17149860 0.08486913  0.12157774  13  PRO B O   
265 C CB  . PRO B 13 ? 0.23699592 0.32817242 0.41352660 -0.16350878 0.08504559  0.06416285  13  PRO B CB  
266 C CG  . PRO B 13 ? 0.25397608 0.32838167 0.41514748 -0.18949482 0.08427789  0.08777720  13  PRO B CG  
267 C CD  . PRO B 13 ? 0.26367121 0.32699276 0.43964723 -0.17621334 0.05287793  0.06716695  13  PRO B CD  
268 N N   . LYS B 14 ? 0.19176564 0.27466453 0.33955058 -0.15510276 0.10490683  0.10707938  14  LYS B N   
269 C CA  . LYS B 14 ? 0.22838030 0.27049744 0.29626318 -0.13590318 0.11021489  0.10386010  14  LYS B CA  
270 C C   . LYS B 14 ? 0.20065253 0.29873132 0.27486738 -0.13755202 0.12613405  0.10151380  14  LYS B C   
271 O O   . LYS B 14 ? 0.25394181 0.31181671 0.26480146 -0.16275151 0.14198152  0.09415201  14  LYS B O   
272 C CB  . LYS B 14 ? 0.25449033 0.26841650 0.28580370 -0.13852167 0.10057404  0.09444968  14  LYS B CB  
273 C CG  . LYS B 14 ? 0.27888735 0.26824486 0.30803326 -0.13225828 0.08643050  0.08292493  14  LYS B CG  
274 C CD  . LYS B 14 ? 0.30791833 0.27478894 0.32658141 -0.12723430 0.06595096  0.08763774  14  LYS B CD  
275 C CE  . LYS B 14 ? 0.30232962 0.28443301 0.31904241 -0.13534830 0.08466484  0.09976196  14  LYS B CE  
276 N NZ  . LYS B 14 ? 0.29634942 0.31249552 0.37698368 -0.14434699 0.09972693  0.09517630  14  LYS B NZ  
277 N N   . GLY B 15 ? 0.27206362 0.31220665 0.25935588 -0.15339415 0.12946181  0.12844574  15  GLY B N   
278 C CA  . GLY B 15 ? 0.24411396 0.30107056 0.24926324 -0.13175670 0.13392804  0.11850442  15  GLY B CA  
279 C C   . GLY B 15 ? 0.23580999 0.26273900 0.25178921 -0.14083320 0.10836376  0.09842091  15  GLY B C   
280 O O   . GLY B 15 ? 0.26208302 0.28145439 0.30648332 -0.15262769 0.14222289  0.11682410  15  GLY B O   
281 N N   . ASP B 16 ? 0.27595203 0.30785748 0.28566630 -0.12279442 0.08538886  0.07309612  16  ASP B N   
282 C CA  . ASP B 16 ? 0.26643678 0.29726277 0.24630296 -0.12480192 0.12437867  0.08411340  16  ASP B CA  
283 C C   . ASP B 16 ? 0.22233207 0.32573422 0.20605615 -0.11352371 0.13735622  0.09865539  16  ASP B C   
284 O O   . ASP B 16 ? 0.23031554 0.33883843 0.24142518 -0.13050497 0.13754935  0.11640015  16  ASP B O   
285 C CB  . ASP B 16 ? 0.37482402 0.37947588 0.31141914 -0.09713255 0.07046658  0.04518289  16  ASP B CB  
286 C CG  . ASP B 16 ? 0.44120726 0.43236401 0.37670478 -0.07289815 0.05262363  0.01411536  16  ASP B CG  
287 O OD1 . ASP B 16 ? 0.44957949 0.40081660 0.40713251 -0.10436727 0.06788623  0.05825618  16  ASP B OD1 
288 O OD2 . ASP B 16 ? 0.59037266 0.48610960 0.32703517 -0.05074257 0.02690537  -0.01244454 16  ASP B OD2 
289 N N   . LYS B 17 ? 0.21583688 0.29435624 0.25795088 -0.13664228 0.12745408  0.10295037  17  LYS B N   
290 C CA  . LYS B 17 ? 0.24822506 0.27402966 0.21661855 -0.13595378 0.12657223  0.09486029  17  LYS B CA  
291 C C   . LYS B 17 ? 0.24201805 0.22225475 0.20878200 -0.12831599 0.11694373  0.08157187  17  LYS B C   
292 O O   . LYS B 17 ? 0.25228259 0.24135956 0.23399603 -0.14192137 0.12882399  0.08228510  17  LYS B O   
293 C CB  . LYS B 17 ? 0.27040958 0.31223030 0.20507668 -0.12703215 0.15146638  0.09261947  17  LYS B CB  
294 C CG  . LYS B 17 ? 0.31525868 0.30070133 0.21673778 -0.13044122 0.14423788  0.12411861  17  LYS B CG  
295 C CD  . LYS B 17 ? 0.28830406 0.33736804 0.25653415 -0.13761993 0.17776030  0.10416095  17  LYS B CD  
296 C CE  . LYS B 17 ? 0.28394344 0.35112462 0.27730459 -0.13906228 0.18413972  0.11011678  17  LYS B CE  
297 N NZ  . LYS B 17 ? 0.31366480 0.33754790 0.30692303 -0.14142702 0.19258126  0.13019672  17  LYS B NZ  
298 N N   . GLY B 18 ? 0.25299199 0.22937931 0.19751284 -0.14335931 0.12785957  0.05779369  18  GLY B N   
299 C CA  . GLY B 18 ? 0.22897587 0.21232478 0.19623016 -0.14218689 0.10926518  0.05550759  18  GLY B CA  
300 C C   . GLY B 18 ? 0.24833460 0.20958652 0.22330019 -0.13176039 0.08621838  0.07362548  18  GLY B C   
301 O O   . GLY B 18 ? 0.26175819 0.19723820 0.17206697 -0.10561150 0.12414669  0.04715133  18  GLY B O   
302 N N   . ASP B 19 ? 0.23370934 0.23477655 0.22780517 -0.12332336 0.09188739  0.02998109  19  ASP B N   
303 C CA  . ASP B 19 ? 0.24838854 0.25039613 0.20491719 -0.10433410 0.11661510  0.03111987  19  ASP B CA  
304 C C   . ASP B 19 ? 0.24392127 0.24275520 0.19207771 -0.08522050 0.10643321  0.00897616  19  ASP B C   
305 O O   . ASP B 19 ? 0.24243321 0.24086118 0.14246149 -0.09634059 0.13993435  0.04480087  19  ASP B O   
306 C CB  . ASP B 19 ? 0.30231361 0.24422344 0.21460899 -0.10868929 0.09414571  0.02008760  19  ASP B CB  
307 C CG  . ASP B 19 ? 0.31704506 0.25887553 0.27653959 -0.10553580 0.10648611  0.01842431  19  ASP B CG  
308 O OD1 . ASP B 19 ? 0.30357767 0.29834354 0.33685504 -0.07561835 0.08372666  -0.00697421 19  ASP B OD1 
309 O OD2 . ASP B 19 ? 0.36104711 0.28814869 0.34740318 -0.14013537 0.10452555  0.04592033  19  ASP B OD2 
310 N N   . PRO B 20 ? 0.26001852 0.26065366 0.18356395 -0.09337021 0.14463292  0.03182843  20  PRO B N   
311 C CA  . PRO B 20 ? 0.23816674 0.26158994 0.17393853 -0.10793679 0.15002105  0.03719688  20  PRO B CA  
312 C C   . PRO B 20 ? 0.21528717 0.24122269 0.16295884 -0.09843869 0.12436743  0.02041129  20  PRO B C   
313 O O   . PRO B 20 ? 0.24199662 0.23987139 0.21165497 -0.08611691 0.10960427  -0.00178690 20  PRO B O   
314 C CB  . PRO B 20 ? 0.30926698 0.30195922 0.17094910 -0.08734445 0.13460757  0.04467370  20  PRO B CB  
315 C CG  . PRO B 20 ? 0.35067620 0.32858668 0.20781463 -0.07799918 0.12655822  0.03864740  20  PRO B CG  
316 C CD  . PRO B 20 ? 0.30509216 0.31085888 0.18901562 -0.07568656 0.14288640  0.02674521  20  PRO B CD  
317 N N   . GLY B 21 ? 0.21569170 0.24815733 0.17295760 -0.12051071 0.13464522  0.03997680  21  GLY B N   
318 C CA  . GLY B 21 ? 0.19356858 0.24142736 0.18282384 -0.10990654 0.12099255  0.03806417  21  GLY B CA  
319 C C   . GLY B 21 ? 0.21417689 0.23961913 0.19240643 -0.10040611 0.11392433  0.02674599  21  GLY B C   
320 O O   . GLY B 21 ? 0.23170842 0.23726063 0.18856481 -0.11173685 0.12679903  0.02619859  21  GLY B O   
321 N N   . PRO B 22 ? 0.22663902 0.26098614 0.19141174 -0.12276118 0.13270978  0.04209187  22  PRO B N   
322 C CA  . PRO B 22 ? 0.26215931 0.23580499 0.16571818 -0.12320444 0.12608732  0.06790260  22  PRO B CA  
323 C C   . PRO B 22 ? 0.24917872 0.21522934 0.18326460 -0.12000708 0.10754884  0.04270097  22  PRO B C   
324 O O   . PRO B 22 ? 0.24685144 0.23506144 0.18277593 -0.14269964 0.14231969  0.03083151  22  PRO B O   
325 C CB  . PRO B 22 ? 0.23925116 0.25763825 0.25459106 -0.15566899 0.12064278  0.06512155  22  PRO B CB  
326 C CG  . PRO B 22 ? 0.25717613 0.28679619 0.23667878 -0.14983734 0.14359811  0.05914615  22  PRO B CG  
327 C CD  . PRO B 22 ? 0.23678072 0.28439607 0.19926187 -0.11871579 0.13417909  0.04653377  22  PRO B CD  
328 N N   . HYP B 23 ? 0.28191341 0.25349963 0.20304430 -0.09440472 0.10417382  0.02571735  23  HYP B N   
329 C CA  . HYP B 23 ? 0.26353724 0.23539872 0.18969561 -0.09197834 0.12072293  0.02620411  23  HYP B CA  
330 C C   . HYP B 23 ? 0.23199882 0.23590789 0.19538072 -0.09068637 0.13347818  0.05899167  23  HYP B C   
331 O O   . HYP B 23 ? 0.22379661 0.24109865 0.24928305 -0.13006506 0.12798487  0.08305523  23  HYP B O   
332 C CB  . HYP B 23 ? 0.27070433 0.29266969 0.22987567 -0.09565539 0.11084989  0.00665986  23  HYP B CB  
333 C CG  . HYP B 23 ? 0.28911327 0.26181795 0.22052527 -0.11193056 0.09580379  0.01091991  23  HYP B CG  
334 C CD  . HYP B 23 ? 0.30584968 0.27859506 0.23004755 -0.11581650 0.07487239  0.00984856  23  HYP B CD  
335 O OD1 . HYP B 23 ? 0.30819707 0.28798274 0.25253356 -0.12796846 0.11159737  -0.00090471 23  HYP B OD1 
336 N N   . GLY B 24 ? 0.23737498 0.22886305 0.19128830 -0.09674215 0.14308060  0.05364908  24  GLY B N   
337 C CA  . GLY B 24 ? 0.23753006 0.22013218 0.17494230 -0.09897279 0.14016838  0.05973132  24  GLY B CA  
338 C C   . GLY B 24 ? 0.24414547 0.21716890 0.18438943 -0.10302825 0.13768652  0.06819439  24  GLY B C   
339 O O   . GLY B 24 ? 0.26359074 0.25890268 0.20205648 -0.13256104 0.14708106  0.06763392  24  GLY B O   
340 N N   . PRO B 25 ? 0.23524089 0.26505589 0.20598624 -0.10544170 0.15127032  0.05593869  25  PRO B N   
341 C CA  . PRO B 25 ? 0.25644256 0.29966415 0.18657220 -0.10864619 0.14160388  0.04821114  25  PRO B CA  
342 C C   . PRO B 25 ? 0.24858182 0.33677629 0.19479550 -0.14795565 0.11942930  0.06130930  25  PRO B C   
343 O O   . PRO B 25 ? 0.21601866 0.30678444 0.21991390 -0.13391333 0.10139727  0.02692634  25  PRO B O   
344 C CB  . PRO B 25 ? 0.25173929 0.34461328 0.24078511 -0.09650863 0.15992101  0.04213792  25  PRO B CB  
345 C CG  . PRO B 25 ? 0.23161770 0.33358323 0.24911649 -0.10844251 0.18570117  0.04172091  25  PRO B CG  
346 C CD  . PRO B 25 ? 0.24359444 0.31013217 0.21394952 -0.09784588 0.17494811  0.05207618  25  PRO B CD  
347 N N   . HYP B 26 ? 0.27098347 0.37879378 0.24555671 -0.17876082 0.11867050  0.04365849  26  HYP B N   
348 C CA  . HYP B 26 ? 0.29515715 0.40688447 0.24669662 -0.17162030 0.12581358  0.06398568  26  HYP B CA  
349 C C   . HYP B 26 ? 0.28080341 0.43399465 0.22470973 -0.12755119 0.10921061  0.05590892  26  HYP B C   
350 O O   . HYP B 26 ? 0.30227604 0.45092988 0.25148711 -0.09799286 0.11700710  0.04731609  26  HYP B O   
351 C CB  . HYP B 26 ? 0.36040793 0.44398028 0.27577339 -0.16111039 0.08531358  0.04014578  26  HYP B CB  
352 C CG  . HYP B 26 ? 0.35754829 0.40668175 0.30106714 -0.20374511 0.12008701  0.05592272  26  HYP B CG  
353 C CD  . HYP B 26 ? 0.28861805 0.40439832 0.24145525 -0.19954067 0.13763613  0.07344574  26  HYP B CD  
354 O OD1 . HYP B 26 ? 0.38765620 0.41409393 0.33864388 -0.24574331 0.18135739  0.08214114  26  HYP B OD1 
355 N N   . GLY B 27 ? 0.26590392 0.41460966 0.28505043 -0.15200462 0.12442838  0.07019044  27  GLY B N   
356 C CA  . GLY B 27 ? 0.29726451 0.43983226 0.25564913 -0.13550997 0.12204197  0.06847707  27  GLY B CA  
357 C C   . GLY B 27 ? 0.30884025 0.40050551 0.26886865 -0.14974086 0.12867029  0.09217965  27  GLY B C   
358 O O   . GLY B 27 ? 0.32594081 0.40433744 0.23030481 -0.16281354 0.14466218  0.10568599  27  GLY B O   
359 N N   . PRO B 28 ? 0.38139578 0.37470966 0.34633499 -0.15020844 0.11409560  0.11525434  28  PRO B N   
360 C CA  . PRO B 28 ? 0.43603020 0.41712718 0.36783578 -0.10530846 0.07779513  0.08892458  28  PRO B CA  
361 C C   . PRO B 28 ? 0.41660217 0.44945910 0.37182543 -0.09259814 0.06452420  0.06928572  28  PRO B C   
362 O O   . PRO B 28 ? 0.50024195 0.43442667 0.32691924 -0.09923539 0.04197012  0.10282673  28  PRO B O   
363 C CB  . PRO B 28 ? 0.48887842 0.40251091 0.43723739 -0.10222479 0.07373122  0.08547825  28  PRO B CB  
364 C CG  . PRO B 28 ? 0.47731392 0.41396457 0.49219491 -0.10038065 0.07431849  0.07992055  28  PRO B CG  
365 C CD  . PRO B 28 ? 0.46046218 0.36849091 0.46909755 -0.11201798 0.07887641  0.08181902  28  PRO B CD  
366 N N   . HYP B 29 ? 0.41591211 0.41996855 0.35005955 -0.08012553 0.05408596  0.05256700  29  HYP B N   
367 C CA  . HYP B 29 ? 0.41444901 0.43744815 0.38153257 -0.04947866 0.05426461  0.01822023  29  HYP B CA  
368 C C   . HYP B 29 ? 0.45357412 0.42551587 0.39771381 -0.00716384 0.05748964  0.00516045  29  HYP B C   
369 O O   . HYP B 29 ? 0.44598620 0.42859410 0.40105108 -0.02818685 0.05239055  -0.01755959 29  HYP B O   
370 C CB  . HYP B 29 ? 0.41370422 0.40976107 0.40634715 -0.05867423 0.04929217  0.03010045  29  HYP B CB  
371 C CG  . HYP B 29 ? 0.41483765 0.43546042 0.40328328 -0.05066059 0.05462847  0.00751417  29  HYP B CG  
372 C CD  . HYP B 29 ? 0.43196557 0.45270462 0.37242539 -0.06065530 0.07591296  0.01470008  29  HYP B CD  
373 O OD1 . HYP B 29 ? 0.46012966 0.49506658 0.47313528 -0.02450533 0.04489379  -0.00760930 29  HYP B OD1 
374 N N   . GLY B 30 ? 0.51209424 0.56161674 0.46618667 -0.01629556 0.07244679  0.03867029  30  GLY B N   
375 C CA  . GLY B 30 ? 0.56165590 0.60329875 0.52080984 -0.02786653 0.05080255  0.05507326  30  GLY B CA  
376 C C   . GLY B 30 ? 0.57456726 0.67620921 0.58781558 -0.02606386 0.04019419  0.05799446  30  GLY B C   
377 O O   . GLY B 30 ? 0.57865065 0.75140842 0.64834778 -0.08893975 0.02163030  0.07014505  30  GLY B O   
378 N N   . PRO C 4  ? 0.33168066 0.73961529 0.63374336 -0.13279259 0.26208158  0.22201429  4   PRO C N   
379 C CA  . PRO C 4  ? 0.35542846 0.67656301 0.69963495 -0.14062021 0.19584713  0.18537933  4   PRO C CA  
380 C C   . PRO C 4  ? 0.41648141 0.61660700 0.69983032 -0.10303893 0.11618270  0.17647300  4   PRO C C   
381 O O   . PRO C 4  ? 0.39828694 0.56410544 0.71061761 -0.08723640 0.04065344  0.18687829  4   PRO C O   
382 C CB  . PRO C 4  ? 0.41910961 0.68240790 0.65051108 -0.16235431 0.21687889  0.22945845  4   PRO C CB  
383 C CG  . PRO C 4  ? 0.42910344 0.72089389 0.66200264 -0.12913993 0.20499253  0.19263620  4   PRO C CG  
384 C CD  . PRO C 4  ? 0.45537212 0.72321766 0.65631269 -0.12772421 0.20463145  0.19257567  4   PRO C CD  
385 N N   . HYP C 5  ? 0.40900599 0.58608360 0.64007550 -0.13474407 0.14269369  0.19145852  5   HYP C N   
386 C CA  . HYP C 5  ? 0.44000714 0.50625026 0.63911729 -0.13385764 0.13968908  0.23342613  5   HYP C CA  
387 C C   . HYP C 5  ? 0.50009006 0.51839071 0.67815341 -0.11117095 0.07575019  0.21387076  5   HYP C C   
388 O O   . HYP C 5  ? 0.62620863 0.46025985 0.71390030 -0.10138950 0.14137426  0.31317542  5   HYP C O   
389 C CB  . HYP C 5  ? 0.41573233 0.53115442 0.56303680 -0.15122694 0.17935005  0.24093786  5   HYP C CB  
390 C CG  . HYP C 5  ? 0.40888209 0.51909685 0.59940999 -0.17209393 0.16067180  0.21405444  5   HYP C CG  
391 C CD  . HYP C 5  ? 0.38189155 0.52286319 0.62012401 -0.17206642 0.16887309  0.19187565  5   HYP C CD  
392 O OD1 . HYP C 5  ? 0.49475061 0.61006751 0.54010038 -0.13767952 0.17517140  0.22259464  5   HYP C OD1 
393 N N   . GLY C 6  ? 0.56064699 0.48457330 0.70038834 -0.07959331 0.01786377  0.19799347  6   GLY C N   
394 C CA  . GLY C 6  ? 0.54881347 0.42578558 0.64754785 -0.11244174 -0.00037429 0.21905865  6   GLY C CA  
395 C C   . GLY C 6  ? 0.56397705 0.36771091 0.66751350 -0.14299105 -0.00359769 0.23711766  6   GLY C C   
396 O O   . GLY C 6  ? 0.49520871 0.42428742 0.71488124 -0.09024772 -0.05371019 0.18334041  6   GLY C O   
397 N N   . PRO C 7  ? 0.59302709 0.33970751 0.64293338 -0.15768054 0.00283381  0.25650216  7   PRO C N   
398 C CA  . PRO C 7  ? 0.56050952 0.37585496 0.61934417 -0.19356045 0.02417246  0.26374962  7   PRO C CA  
399 C C   . PRO C 7  ? 0.57250183 0.38037608 0.66586029 -0.17552023 -0.03266706 0.25249834  7   PRO C C   
400 O O   . PRO C 7  ? 0.55424481 0.33048297 0.71546098 -0.19249437 -0.06927788 0.27611957  7   PRO C O   
401 C CB  . PRO C 7  ? 0.58434967 0.39223678 0.64176888 -0.19552404 0.03118596  0.24656455  7   PRO C CB  
402 C CG  . PRO C 7  ? 0.66205224 0.37699034 0.62191732 -0.16781379 0.04535091  0.25396305  7   PRO C CG  
403 C CD  . PRO C 7  ? 0.61494587 0.35817581 0.60582312 -0.14941658 0.02313395  0.26476996  7   PRO C CD  
404 N N   . HYP C 8  ? 0.55086495 0.36487986 0.69889928 -0.19471000 -0.01452910 0.24990202  8   HYP C N   
405 C CA  . HYP C 8  ? 0.52556267 0.32213502 0.68113519 -0.19971548 -0.03122119 0.23044815  8   HYP C CA  
406 C C   . HYP C 8  ? 0.48044236 0.28722039 0.61952441 -0.15811063 -0.02193921 0.19873742  8   HYP C C   
407 O O   . HYP C 8  ? 0.45393702 0.27758483 0.62793415 -0.16441495 0.02659357  0.21707266  8   HYP C O   
408 C CB  . HYP C 8  ? 0.55538570 0.32622402 0.71629910 -0.20350055 -0.03514452 0.24374585  8   HYP C CB  
409 C CG  . HYP C 8  ? 0.55759894 0.37169747 0.74717384 -0.21726109 -0.03679407 0.22510082  8   HYP C CG  
410 C CD  . HYP C 8  ? 0.56466649 0.34895783 0.73167351 -0.23119685 -0.02719882 0.25303208  8   HYP C CD  
411 O OD1 . HYP C 8  ? 0.64981684 0.44652467 0.77153951 -0.16550039 -0.03167200 0.20795656  8   HYP C OD1 
412 N N   . GLY C 9  ? 0.52802043 0.29108505 0.57708307 -0.11946967 -0.01911215 0.18501338  9   GLY C N   
413 C CA  . GLY C 9  ? 0.50391484 0.23340841 0.51560281 -0.17113705 0.02429112  0.21859060  9   GLY C CA  
414 C C   . GLY C 9  ? 0.48183939 0.22319801 0.51385095 -0.17753211 0.01691751  0.16495842  9   GLY C C   
415 O O   . GLY C 9  ? 0.44380501 0.28265328 0.50029883 -0.19959633 -0.00094811 0.18799384  9   GLY C O   
416 N N   . PRO C 10 ? 0.43547635 0.25257512 0.47214688 -0.17455547 0.04358496  0.14853690  10  PRO C N   
417 C CA  . PRO C 10 ? 0.45104485 0.29980039 0.41539650 -0.16459670 0.06009764  0.14855266  10  PRO C CA  
418 C C   . PRO C 10 ? 0.42512197 0.33504653 0.42194521 -0.16749851 0.07314457  0.13445309  10  PRO C C   
419 O O   . PRO C 10 ? 0.43366609 0.26935781 0.38399717 -0.15930371 0.07543850  0.15915823  10  PRO C O   
420 C CB  . PRO C 10 ? 0.45482088 0.32779169 0.44261317 -0.17032503 0.06240651  0.13207996  10  PRO C CB  
421 C CG  . PRO C 10 ? 0.46596104 0.27007339 0.45618715 -0.18003775 0.04809371  0.13661383  10  PRO C CG  
422 C CD  . PRO C 10 ? 0.43260352 0.27733046 0.43536811 -0.19619325 0.03615366  0.14702574  10  PRO C CD  
423 N N   . GLN C 11 ? 0.35871396 0.32580720 0.39675843 -0.20293795 0.10286823  0.16088029  11  GLN C N   
424 C CA  . GLN C 11 ? 0.34616751 0.31690607 0.41389240 -0.19803000 0.12364797  0.16293025  11  GLN C CA  
425 C C   . GLN C 11 ? 0.30757883 0.33187097 0.41830063 -0.16375773 0.08727903  0.10493462  11  GLN C C   
426 O O   . GLN C 11 ? 0.36466817 0.32722938 0.43072983 -0.15590148 0.11786784  0.10220741  11  GLN C O   
427 C CB  . GLN C 11 ? 0.38885736 0.37051157 0.41549750 -0.18450183 0.12609183  0.16199218  11  GLN C CB  
428 C CG  . GLN C 11 ? 0.41451893 0.39449832 0.47711515 -0.15127159 0.13340101  0.12258048  11  GLN C CG  
429 C CD  . GLN C 11 ? 0.48304909 0.45034320 0.45621550 -0.13744219 0.12274307  0.10758481  11  GLN C CD  
430 O OE1 . GLN C 11 ? 0.49906445 0.53552118 0.58301338 -0.15092854 0.12333405  0.05249846  11  GLN C OE1 
431 N NE2 . GLN C 11 ? 0.46701057 0.48235859 0.50630940 -0.15087446 0.11992209  0.07251286  11  GLN C NE2 
432 N N   . GLY C 12 ? 0.28406156 0.31930822 0.42624050 -0.15026890 0.07207583  0.10221888  12  GLY C N   
433 C CA  . GLY C 12 ? 0.30562687 0.33621001 0.38618644 -0.11645136 0.08457441  0.09851819  12  GLY C CA  
434 C C   . GLY C 12 ? 0.32172524 0.30988928 0.37923187 -0.10799507 0.06566046  0.08015056  12  GLY C C   
435 O O   . GLY C 12 ? 0.30350765 0.34401527 0.34665066 -0.12830276 0.08638114  0.03175558  12  GLY C O   
436 N N   . PRO C 13 ? 0.31552099 0.29230117 0.34106212 -0.09505619 0.08027962  0.07012772  13  PRO C N   
437 C CA  . PRO C 13 ? 0.31119571 0.28298511 0.35754634 -0.08841301 0.07712637  0.05196046  13  PRO C CA  
438 C C   . PRO C 13 ? 0.27437976 0.26209503 0.32604369 -0.14354582 0.09797073  0.07282707  13  PRO C C   
439 O O   . PRO C 13 ? 0.31932476 0.23107304 0.33391587 -0.14569651 0.09666356  0.08337476  13  PRO C O   
440 C CB  . PRO C 13 ? 0.32006657 0.27326851 0.37616777 -0.10650354 0.06900716  0.05062396  13  PRO C CB  
441 C CG  . PRO C 13 ? 0.33409511 0.26464986 0.39037897 -0.11591003 0.06717362  0.05805803  13  PRO C CG  
442 C CD  . PRO C 13 ? 0.31501638 0.26724078 0.34465988 -0.12595929 0.09111485  0.08908348  13  PRO C CD  
443 N N   . LYS C 14 ? 0.25674911 0.29300274 0.33010287 -0.14702841 0.12422525  0.07530319  14  LYS C N   
444 C CA  . LYS C 14 ? 0.24816160 0.27450714 0.28485331 -0.14625836 0.13424382  0.11028298  14  LYS C CA  
445 C C   . LYS C 14 ? 0.25489016 0.24623280 0.26737493 -0.11281267 0.11961898  0.13145403  14  LYS C C   
446 O O   . LYS C 14 ? 0.32183772 0.24850090 0.30683772 -0.13958434 0.10077636  0.17543290  14  LYS C O   
447 C CB  . LYS C 14 ? 0.32874763 0.33125371 0.32173645 -0.12321404 0.11634278  0.08319307  14  LYS C CB  
448 C CG  . LYS C 14 ? 0.35271298 0.31385987 0.30553510 -0.13766750 0.10276490  0.08169169  14  LYS C CG  
449 C CD  . LYS C 14 ? 0.37831873 0.34134474 0.26695600 -0.12829149 0.11734047  0.11249874  14  LYS C CD  
450 C CE  . LYS C 14 ? 0.39196831 0.34270012 0.26731318 -0.12656973 0.11546576  0.12066003  14  LYS C CE  
451 N NZ  . LYS C 14 ? 0.41108926 0.36742339 0.31346849 -0.13362472 0.10031055  0.10499171  14  LYS C NZ  
452 N N   . GLY C 15 ? 0.24949646 0.22817530 0.26390459 -0.12804574 0.11154255  0.11979196  15  GLY C N   
453 C CA  . GLY C 15 ? 0.27245140 0.21052016 0.27484074 -0.11791760 0.09520810  0.12394759  15  GLY C CA  
454 C C   . GLY C 15 ? 0.25427262 0.21639588 0.27970554 -0.12033965 0.10280818  0.11421654  15  GLY C C   
455 O O   . GLY C 15 ? 0.24467678 0.26944261 0.28458864 -0.13600350 0.10993813  0.11253232  15  GLY C O   
456 N N   . ASP C 16 ? 0.25586260 0.23730207 0.31091551 -0.14237713 0.12507539  0.10741993  16  ASP C N   
457 C CA  . ASP C 16 ? 0.27602271 0.27704880 0.30448582 -0.12587597 0.10800358  0.09408583  16  ASP C CA  
458 C C   . ASP C 16 ? 0.24362018 0.21251311 0.29081836 -0.14814156 0.10726761  0.08883425  16  ASP C C   
459 O O   . ASP C 16 ? 0.28106693 0.30077915 0.25490306 -0.17230403 0.11137323  0.12486645  16  ASP C O   
460 C CB  . ASP C 16 ? 0.30312571 0.29199926 0.32238583 -0.11030951 0.13765184  0.10706383  16  ASP C CB  
461 C CG  . ASP C 16 ? 0.34457044 0.33867931 0.34730031 -0.11779356 0.16773482  0.12349349  16  ASP C CG  
462 O OD1 . ASP C 16 ? 0.36366369 0.39531534 0.39984690 -0.09989817 0.19068512  0.12011645  16  ASP C OD1 
463 O OD2 . ASP C 16 ? 0.48184485 0.44493357 0.41176480 -0.04943280 0.15232314  0.07793971  16  ASP C OD2 
464 N N   . LYS C 17 ? 0.25560800 0.28264938 0.27665678 -0.16617836 0.12937826  0.09714189  17  LYS C N   
465 C CA  . LYS C 17 ? 0.23089579 0.27611513 0.28147360 -0.13866666 0.11739909  0.09052811  17  LYS C CA  
466 C C   . LYS C 17 ? 0.21431606 0.27665747 0.23287461 -0.11916898 0.11746361  0.11260691  17  LYS C C   
467 O O   . LYS C 17 ? 0.21715176 0.29690459 0.25357944 -0.12372227 0.14067466  0.10028387  17  LYS C O   
468 C CB  . LYS C 17 ? 0.28437583 0.31501150 0.32376634 -0.11793917 0.08008231  0.07407030  17  LYS C CB  
469 C CG  . LYS C 17 ? 0.35088172 0.37211141 0.35087855 -0.12237502 0.06938168  0.07126944  17  LYS C CG  
470 C CD  . LYS C 17 ? 0.40375195 0.40014316 0.37851007 -0.12790423 0.06356239  0.06317683  17  LYS C CD  
471 C CE  . LYS C 17 ? 0.49064630 0.44983239 0.39451491 -0.10465721 0.04362824  0.06971807  17  LYS C CE  
472 N NZ  . LYS C 17 ? 0.53486607 0.45659178 0.42393143 -0.10440317 0.02823290  0.05838526  17  LYS C NZ  
473 N N   . GLY C 18 ? 0.22785662 0.27470384 0.24801893 -0.13335284 0.12283278  0.10674753  18  GLY C N   
474 C CA  . GLY C 18 ? 0.22704564 0.27756582 0.21812676 -0.11451990 0.12670722  0.10587613  18  GLY C CA  
475 C C   . GLY C 18 ? 0.23248329 0.25581670 0.20714059 -0.11455910 0.11586307  0.10587024  18  GLY C C   
476 O O   . GLY C 18 ? 0.23593825 0.27476917 0.19545721 -0.11995319 0.12608063  0.09119818  18  GLY C O   
477 N N   . ASP C 19 ? 0.21572090 0.27543688 0.22097077 -0.11765342 0.12988091  0.09199547  19  ASP C N   
478 C CA  . ASP C 19 ? 0.21293692 0.27809960 0.24294769 -0.12972516 0.12165874  0.10080408  19  ASP C CA  
479 C C   . ASP C 19 ? 0.20592999 0.31030408 0.22813585 -0.12297615 0.13731464  0.08586330  19  ASP C C   
480 O O   . ASP C 19 ? 0.20887415 0.30731685 0.23763629 -0.14544161 0.14422653  0.05541803  19  ASP C O   
481 C CB  . ASP C 19 ? 0.23062845 0.31868208 0.23273811 -0.12567382 0.12512679  0.07494213  19  ASP C CB  
482 C CG  . ASP C 19 ? 0.23688287 0.35099052 0.24476805 -0.14419690 0.14923279  0.06125070  19  ASP C CG  
483 O OD1 . ASP C 19 ? 0.28578028 0.42800139 0.25136436 -0.09929391 0.12462515  0.09271485  19  ASP C OD1 
484 O OD2 . ASP C 19 ? 0.27956297 0.40020886 0.28920537 -0.15881406 0.19288320  0.03804597  19  ASP C OD2 
485 N N   . PRO C 20 ? 0.21812442 0.31710037 0.25593470 -0.14156810 0.14221440  0.08744619  20  PRO C N   
486 C CA  . PRO C 20 ? 0.20599646 0.32921573 0.23464382 -0.12746503 0.14809558  0.07460218  20  PRO C CA  
487 C C   . PRO C 20 ? 0.20943203 0.31066780 0.17643768 -0.10848759 0.13666185  0.06576105  20  PRO C C   
488 O O   . PRO C 20 ? 0.26824330 0.31231320 0.20352109 -0.10983460 0.17092533  0.07751816  20  PRO C O   
489 C CB  . PRO C 20 ? 0.21443111 0.31226241 0.25300381 -0.14245961 0.15174278  0.06448795  20  PRO C CB  
490 C CG  . PRO C 20 ? 0.23158430 0.34711139 0.29801162 -0.15781976 0.16914997  0.07617902  20  PRO C CG  
491 C CD  . PRO C 20 ? 0.22918757 0.33654393 0.27639923 -0.15248906 0.15337022  0.08782343  20  PRO C CD  
492 N N   . GLY C 21 ? 0.21126448 0.30143511 0.16315082 -0.10315699 0.14351667  0.04477726  21  GLY C N   
493 C CA  . GLY C 21 ? 0.21342631 0.28916693 0.11079763 -0.08798132 0.13184944  0.01495703  21  GLY C CA  
494 C C   . GLY C 21 ? 0.22242169 0.27790136 0.12915663 -0.08453135 0.11867719  -0.00555460 21  GLY C C   
495 O O   . GLY C 21 ? 0.19243418 0.28544405 0.16382219 -0.11577025 0.14484899  0.00515229  21  GLY C O   
496 N N   . PRO C 22 ? 0.25118807 0.28429492 0.18734705 -0.07269178 0.11647672  -0.01282731 22  PRO C N   
497 C CA  . PRO C 22 ? 0.24525554 0.27522889 0.20195732 -0.08754841 0.12361615  0.00519249  22  PRO C CA  
498 C C   . PRO C 22 ? 0.23904426 0.29081650 0.21483111 -0.07680051 0.11695009  -0.00859072 22  PRO C C   
499 O O   . PRO C 22 ? 0.22773591 0.24948151 0.20073161 -0.10281630 0.10927185  0.00655900  22  PRO C O   
500 C CB  . PRO C 22 ? 0.26032001 0.31313559 0.21192579 -0.07627129 0.12742663  -0.00955856 22  PRO C CB  
501 C CG  . PRO C 22 ? 0.25818047 0.29339123 0.22259911 -0.08776773 0.11495299  -0.01250159 22  PRO C CG  
502 C CD  . PRO C 22 ? 0.23429734 0.30738118 0.20347047 -0.09133503 0.12107170  -0.00954841 22  PRO C CD  
503 N N   . HYP C 23 ? 0.21602519 0.30334654 0.17317496 -0.09492860 0.16443817  0.02367065  23  HYP C N   
504 C CA  . HYP C 23 ? 0.21307623 0.25919382 0.19168283 -0.11978725 0.14066500  0.03622116  23  HYP C CA  
505 C C   . HYP C 23 ? 0.22891808 0.23139397 0.20130539 -0.11045661 0.13371882  0.02678190  23  HYP C C   
506 O O   . HYP C 23 ? 0.25277942 0.27299930 0.22432492 -0.10265562 0.11373722  0.03242825  23  HYP C O   
507 C CB  . HYP C 23 ? 0.23245195 0.30072688 0.20211470 -0.09107940 0.13439517  0.02852941  23  HYP C CB  
508 C CG  . HYP C 23 ? 0.23484894 0.33351627 0.18377034 -0.08324569 0.16044168  0.03153961  23  HYP C CG  
509 C CD  . HYP C 23 ? 0.22782360 0.33963668 0.15758704 -0.06749964 0.16759481  0.02831354  23  HYP C CD  
510 O OD1 . HYP C 23 ? 0.28816236 0.32352130 0.19135261 -0.11301109 0.17000830  0.08156176  23  HYP C OD1 
511 N N   . GLY C 24 ? 0.23191544 0.22135841 0.21532395 -0.11498405 0.14545855  0.02348993  24  GLY C N   
512 C CA  . GLY C 24 ? 0.26233755 0.22566940 0.21110833 -0.09959772 0.12425382  0.03393990  24  GLY C CA  
513 C C   . GLY C 24 ? 0.25259798 0.24826089 0.21136564 -0.08624200 0.11706050  0.03410436  24  GLY C C   
514 O O   . GLY C 24 ? 0.24776793 0.29450887 0.19095305 -0.06509270 0.14082332  0.02419459  24  GLY C O   
515 N N   . PRO C 25 ? 0.25915008 0.24678691 0.21110485 -0.09082869 0.15112219  0.03295748  25  PRO C N   
516 C CA  . PRO C 25 ? 0.29240067 0.22022723 0.21941367 -0.10258860 0.14158126  0.04301158  25  PRO C CA  
517 C C   . PRO C 25 ? 0.28812153 0.21371663 0.23842244 -0.09678750 0.13630024  0.04079610  25  PRO C C   
518 O O   . PRO C 25 ? 0.25801333 0.23174206 0.20500398 -0.11295648 0.16966105  0.04521552  25  PRO C O   
519 C CB  . PRO C 25 ? 0.32131939 0.21086553 0.24346117 -0.10040934 0.13616384  0.05570902  25  PRO C CB  
520 C CG  . PRO C 25 ? 0.31893301 0.23950770 0.25659348 -0.10370976 0.16034853  0.05048765  25  PRO C CG  
521 C CD  . PRO C 25 ? 0.26930043 0.27066021 0.22910139 -0.08681973 0.16186117  0.05174625  25  PRO C CD  
522 N N   . HYP C 26 ? 0.31257361 0.23796459 0.30025120 -0.10500577 0.11912754  0.02746096  26  HYP C N   
523 C CA  . HYP C 26 ? 0.29085959 0.23471020 0.32261778 -0.13631072 0.12583691  0.05130581  26  HYP C CA  
524 C C   . HYP C 26 ? 0.33382138 0.25089681 0.30132698 -0.10941393 0.08610164  0.03571197  26  HYP C C   
525 O O   . HYP C 26 ? 0.39092516 0.22395683 0.32819820 -0.14192152 0.05534811  0.04359815  26  HYP C O   
526 C CB  . HYP C 26 ? 0.31866328 0.24768609 0.34430144 -0.11075773 0.12218676  0.03555725  26  HYP C CB  
527 C CG  . HYP C 26 ? 0.33040058 0.29250352 0.36900424 -0.09107883 0.11262170  0.01883355  26  HYP C CG  
528 C CD  . HYP C 26 ? 0.29563509 0.27241543 0.32187382 -0.09456599 0.14509414  0.01608992  26  HYP C CD  
529 O OD1 . HYP C 26 ? 0.35579101 0.33553099 0.34352189 -0.09383903 0.18084640  -0.01357321 26  HYP C OD1 
530 N N   . GLY C 27 ? 0.34883333 0.23935038 0.28441801 -0.11917945 0.09844469  0.03479394  27  GLY C N   
531 C CA  . GLY C 27 ? 0.36100165 0.26877252 0.29683925 -0.13533087 0.10077346  0.05403111  27  GLY C CA  
532 C C   . GLY C 27 ? 0.41261801 0.26473219 0.29071748 -0.12717268 0.09303153  0.06684772  27  GLY C C   
533 O O   . GLY C 27 ? 0.42252229 0.25019941 0.42394672 -0.09784082 0.04412736  0.03021585  27  GLY C O   
534 N N   . PRO C 28 ? 0.50864715 0.33237424 0.33356717 -0.13287517 0.08295660  0.12976260  28  PRO C N   
535 C CA  . PRO C 28 ? 0.56364603 0.31808178 0.38636453 -0.12057524 0.07800790  0.13823091  28  PRO C CA  
536 C C   . PRO C 28 ? 0.57007451 0.29177372 0.38036826 -0.11537736 0.07661125  0.12663331  28  PRO C C   
537 O O   . PRO C 28 ? 0.54124326 0.28452434 0.39859223 -0.12859344 0.04631820  0.10153473  28  PRO C O   
538 C CB  . PRO C 28 ? 0.59247277 0.34891333 0.35596217 -0.14659066 0.08519435  0.18906997  28  PRO C CB  
539 C CG  . PRO C 28 ? 0.57998573 0.35512247 0.35484160 -0.15626907 0.10550696  0.17137481  28  PRO C CG  
540 C CD  . PRO C 28 ? 0.50914512 0.36005408 0.35668375 -0.13016783 0.09445046  0.13814455  28  PRO C CD  
541 N N   . HYP C 29 ? 0.64250911 0.38722164 0.38308030 -0.03858860 0.09890996  0.05696747  29  HYP C N   
542 C CA  . HYP C 29 ? 0.64339684 0.40741999 0.38437194 -0.00872721 0.12554183  0.07125843  29  HYP C CA  
543 C C   . HYP C 29 ? 0.64627448 0.41981091 0.30956779 0.02175060  0.17416113  0.10354404  29  HYP C C   
544 O O   . HYP C 29 ? 0.66207929 0.50789511 0.35890760 0.08496844  0.22555289  0.15169075  29  HYP C O   
545 C CB  . HYP C 29 ? 0.66366408 0.40783970 0.40467049 0.00029238  0.11117837  0.03582992  29  HYP C CB  
546 C CG  . HYP C 29 ? 0.68809445 0.41723988 0.40787039 0.00012635  0.09511989  0.01868926  29  HYP C CG  
547 C CD  . HYP C 29 ? 0.66395679 0.39177382 0.39945630 -0.03329932 0.08915219  0.04207605  29  HYP C CD  
548 O OD1 . HYP C 29 ? 0.73885663 0.39718482 0.38313306 0.00298012  0.09400086  -0.01718904 29  HYP C OD1 
549 O O   . HOH D .  ? 0.44138111 0.33674426 0.34268739 -0.11318598 0.18657247  0.17315902  101 HOH A O   
550 O O   . HOH D .  ? 0.48993069 0.35346422 0.43232865 -0.11868666 0.23546616  0.10735659  102 HOH A O   
551 O O   . HOH D .  ? 0.41169661 0.32714780 0.40209926 -0.17017468 0.24223796  0.06762676  103 HOH A O   
552 O O   . HOH D .  ? 0.44549425 0.38619967 0.64460475 -0.14792588 0.34221846  0.04091733  104 HOH A O   
553 O O   . HOH D .  ? 0.43650659 0.32748306 0.25147246 -0.06210038 0.24665058  0.04093051  105 HOH A O   
554 O O   . HOH D .  ? 0.48225355 0.64054108 0.26280884 -0.07146108 0.24213399  0.22444791  106 HOH A O   
555 O O   . HOH D .  ? 0.39182964 0.55421747 0.44412912 -0.06338295 0.13353870  0.03339255  107 HOH A O   
556 O O   . HOH D .  ? 0.41392760 0.82660061 0.61701702 -0.11179749 0.27930620  -0.03331584 108 HOH A O   
557 O O   . HOH D .  ? 0.51007907 0.36700034 0.39211441 -0.13369202 0.14409892  0.10884105  109 HOH A O   
558 O O   . HOH D .  ? 0.51257387 0.37274436 0.61815764 -0.09488320 0.10569927  0.10331055  110 HOH A O   
559 O O   . HOH D .  ? 0.47431045 0.43814971 0.47657426 -0.16757370 0.22336929  0.19451968  111 HOH A O   
560 O O   . HOH D .  ? 0.49792585 0.33946753 0.31179947 -0.15649119 0.18567172  0.06376327  112 HOH A O   
561 O O   . HOH D .  ? 0.58614958 0.53179494 0.27682324 -0.01899517 0.19134332  0.19468363  113 HOH A O   
562 O O   . HOH D .  ? 0.42784900 0.40848791 0.47270905 -0.13771662 0.08860209  0.01586142  114 HOH A O   
563 O O   . HOH E .  ? 0.50887767 0.53605841 0.46037064 -0.15846693 0.19918464  0.01943182  101 HOH B O   
564 O O   . HOH E .  ? 0.48349413 0.55544072 0.52380229 -0.07982109 0.17981397  0.15903158  102 HOH B O   
565 O O   . HOH E .  ? 0.59751136 0.50241921 0.26892160 -0.09708532 0.17883588  0.16851300  103 HOH B O   
566 O O   . HOH E .  ? 0.56138225 0.57714293 0.39342416 0.04597545  0.12214636  -0.12406724 104 HOH B O   
567 O O   . HOH E .  ? 0.50402572 0.34306435 0.39478115 -0.13565906 0.08410332  0.00046896  105 HOH B O   
568 O O   . HOH E .  ? 0.66231224 0.38830777 0.49881264 -0.04848402 -0.04240346 -0.00951649 106 HOH B O   
569 O O   . HOH E .  ? 0.50126245 0.37632742 0.71244792 0.01906558  0.30848695  0.05498044  107 HOH B O   
570 O O   . HOH E .  ? 0.58707434 0.84364100 1.22369850 -0.29969306 0.42719519  0.56473007  108 HOH B O   
571 O O   . HOH E .  ? 0.42509784 0.61587453 0.58653414 -0.24032519 0.25627208  0.09765599  109 HOH B O   
572 O O   . HOH E .  ? 0.34954239 0.47918841 0.50519880 -0.16966876 0.16899494  0.18392239  110 HOH B O   
573 O O   . HOH E .  ? 0.41311654 0.28126151 0.32294039 -0.14304141 0.15278278  0.03891375  111 HOH B O   
574 O O   . HOH E .  ? 0.32784867 0.37707261 0.26471907 -0.14015558 0.23712711  0.05742528  112 HOH B O   
575 O O   . HOH E .  ? 0.42145252 0.34367892 0.20958023 -0.13647307 0.12564631  0.08637918  113 HOH B O   
576 O O   . HOH E .  ? 0.43106818 0.37370164 0.51092668 -0.10822381 0.08200852  0.05815774  114 HOH B O   
577 O O   . HOH E .  ? 0.55767887 0.61048374 0.69909910 -0.15870436 0.39321685  -0.08570648 115 HOH B O   
578 O O   . HOH E .  ? 0.26714557 0.31939917 0.25254588 -0.15299138 0.15036778  0.06467046  116 HOH B O   
579 O O   . HOH E .  ? 0.43206519 0.54560423 0.63965487 -0.40072196 0.04271080  0.27911190  117 HOH B O   
580 O O   . HOH E .  ? 0.41769770 0.58564408 0.36375933 -0.05685061 0.32640737  0.19205889  118 HOH B O   
581 O O   . HOH E .  ? 0.40717278 0.32352773 0.47165704 -0.19331114 0.01018915  0.13265807  119 HOH B O   
582 O O   . HOH E .  ? 0.59743486 0.75051865 0.42813080 -0.17260751 0.22765135  0.10345901  120 HOH B O   
583 O O   . HOH E .  ? 0.34245096 0.28568404 0.26241612 -0.16610133 0.18156108  0.08682802  121 HOH B O   
584 O O   . HOH E .  ? 0.53388278 0.38218873 0.31779851 -0.28418493 0.16419525  0.15238285  122 HOH B O   
585 O O   . HOH E .  ? 0.52292483 0.41883148 0.39095408 -0.12215076 0.11450585  0.00162555  123 HOH B O   
586 O O   . HOH E .  ? 0.45463083 0.84977839 0.35234264 0.17226258  0.04697526  -0.02894184 124 HOH B O   
587 O O   . HOH E .  ? 0.47069033 0.42723155 0.56301306 -0.02809325 -0.07716309 0.02740413  125 HOH B O   
588 O O   . HOH E .  ? 0.65514204 0.66681025 0.56772296 -0.45244514 0.38377504  0.04153402  126 HOH B O   
589 O O   . HOH E .  ? 0.37290909 0.77566642 0.46432323 -0.15444658 0.25846423  0.07036540  127 HOH B O   
590 O O   . HOH E .  ? 0.50358999 0.34201733 0.54196923 -0.19807792 0.15387714  0.10996832  128 HOH B O   
591 O O   . HOH E .  ? 0.42221779 0.47357854 0.57077648 -0.03298709 0.00316349  0.04661789  129 HOH B O   
592 O O   . HOH E .  ? 0.30081304 0.42921834 0.36140156 -0.11386424 0.16607328  0.04871060  130 HOH B O   
593 O O   . HOH F .  ? 0.64327473 0.62286343 0.39071945 -0.00449116 -0.02902779 0.14323362  101 HOH C O   
594 O O   . HOH F .  ? 0.46365862 0.40395349 0.58717160 -0.24948342 0.21206695  0.17487324  102 HOH C O   
595 O O   . HOH F .  ? 0.40405890 0.26738587 0.41507674 -0.11313652 0.06787670  0.03601799  103 HOH C O   
596 O O   . HOH F .  ? 0.51218976 0.51047738 0.32835802 -0.20425273 0.13914279  0.28972284  104 HOH C O   
597 O O   . HOH F .  ? 0.72435313 0.58621641 0.29906313 -0.38012978 0.03866887  0.15218447  105 HOH C O   
598 O O   . HOH F .  ? 0.54613955 0.39561565 0.32333986 -0.10002606 0.04967297  0.01374058  106 HOH C O   
599 O O   . HOH F .  ? 0.40677508 0.37319197 0.26164811 -0.19449001 0.13858938  0.06636870  107 HOH C O   
600 O O   . HOH F .  ? 0.39105179 0.36249143 0.34415795 -0.15594541 0.19468333  0.09499329  108 HOH C O   
601 O O   . HOH F .  ? 0.39107760 0.64519682 0.44066179 -0.26649625 0.15016259  0.06419263  109 HOH C O   
602 O O   . HOH F .  ? 0.48755544 0.40509116 0.22496859 -0.07437229 0.17510466  0.10409786  110 HOH C O   
603 O O   . HOH F .  ? 0.40480306 0.57058324 0.29351106 -0.00988018 0.25106622  0.12253364  111 HOH C O   
604 O O   . HOH F .  ? 0.50827294 0.42019345 0.38055039 -0.17155633 0.09513472  0.13641502  112 HOH C O   
605 O O   . HOH F .  ? 0.53881599 0.60503613 0.32776463 0.03560379  0.08191006  0.04433487  113 HOH C O   
606 O O   . HOH F .  ? 0.45795114 0.51985412 0.49419462 -0.08005975 0.03908881  0.00271987  114 HOH C O   
607 O O   . HOH F .  ? 0.48827461 0.49585934 0.36872826 -0.10215255 0.11656141  0.01577869  115 HOH C O   
608 O O   . HOH F .  ? 0.50105301 0.74157283 0.20147445 -0.08518796 0.14703579  0.05190502  116 HOH C O   
609 O O   . HOH F .  ? 0.53685006 0.51713969 0.48792463 0.01470396  -0.00579506 -0.05517815 117 HOH C O   
# 
